data_8H64
#
_entry.id   8H64
#
_cell.length_a   129.730
_cell.length_b   141.120
_cell.length_c   198.610
_cell.angle_alpha   90.000
_cell.angle_beta   90.000
_cell.angle_gamma   90.000
#
_symmetry.space_group_name_H-M   'P 21 21 21'
#
loop_
_entity.id
_entity.type
_entity.pdbx_description
1 polymer 'Internalin A'
2 polymer 'Anti-internalin A VHH24'
3 non-polymer 'CHLORIDE ION'
4 water water
#
loop_
_entity_poly.entity_id
_entity_poly.type
_entity_poly.pdbx_seq_one_letter_code
_entity_poly.pdbx_strand_id
1 'polypeptide(L)'
;SATITQDTPINQIFTDTALAEKMKTVLGKTNVTDTVSQTDLDQVTTLQADRLGIKSIDGVEYLNNLTQINFSNNQLTDIT
PLKNLTKLVDILMNNNQIADITPLANLTNLTGLTLFNNQITDIDPLKNLTNLNRLELSSNTISDISALSGLTSLQQLSFG
NQVTDLKPLANLTTLERLDISSNKVSDISVLAKLTNLESLIATNNQISDITPLGILTNLDELSLNGNQLKDIGTLASLTN
LTDLDLANNQISNLAPLSGLTKLTELKLGANQISNISPLAGLTALTNLELNENQLEDISPISNLKNLTYLTLYFNNISDI
SPVSSLTKLQRLFFYNNKVSDVSSLANLTNINWLSAGHNQISDLTPLANLTRITQLGLNDQAWTNAPVNYKANVSIPNTV
KNVTGALIAPATISDGGSYTEPDITWNLPSYTNEVSYTFSQPVTIGKGTTTFSGTVTQPLKA
;
A,C,E,G
2 'polypeptide(L)'
;EVQLVESGGGLVQPGGSLRLSCAASGFTLDRYAIGWFRQAPGKEREGVSVISDTITAYRNSVKGRFTISRDNAKNTVYLQ
MNRLKPEDTAIYYCAVRDRGRVYSSTWSGFGSWGQGTQVTISS
;
B,D,F,H
#
loop_
_chem_comp.id
_chem_comp.type
_chem_comp.name
_chem_comp.formula
CL non-polymer 'CHLORIDE ION' 'Cl -1'
#
# COMPACT_ATOMS: atom_id res chain seq x y z
N GLN A 6 -52.35 -50.15 54.86
CA GLN A 6 -51.58 -50.98 55.82
C GLN A 6 -50.08 -50.93 55.48
N ASP A 7 -49.24 -51.62 56.26
CA ASP A 7 -47.79 -51.66 56.02
C ASP A 7 -47.46 -52.61 54.87
N THR A 8 -47.16 -52.06 53.67
CA THR A 8 -46.91 -52.85 52.46
C THR A 8 -45.40 -53.14 52.32
N PRO A 9 -44.97 -54.25 51.66
CA PRO A 9 -43.57 -54.42 51.21
C PRO A 9 -43.10 -53.36 50.21
N ILE A 10 -41.85 -52.90 50.38
CA ILE A 10 -41.26 -51.82 49.56
C ILE A 10 -41.48 -52.07 48.08
N ASN A 11 -41.32 -53.34 47.62
CA ASN A 11 -41.32 -53.69 46.20
C ASN A 11 -42.73 -53.88 45.63
N GLN A 12 -43.78 -53.66 46.44
CA GLN A 12 -45.16 -53.70 45.94
C GLN A 12 -45.70 -52.28 45.78
N ILE A 13 -45.04 -51.30 46.43
CA ILE A 13 -45.25 -49.87 46.22
C ILE A 13 -44.47 -49.40 44.98
N PHE A 14 -43.13 -49.53 45.04
CA PHE A 14 -42.19 -49.21 43.97
C PHE A 14 -41.92 -50.45 43.09
N THR A 15 -42.74 -50.62 42.04
CA THR A 15 -42.78 -51.83 41.21
C THR A 15 -41.53 -51.95 40.33
N ASP A 16 -40.81 -50.84 40.11
CA ASP A 16 -39.57 -50.84 39.36
C ASP A 16 -38.42 -51.34 40.24
N THR A 17 -37.66 -52.34 39.74
CA THR A 17 -36.61 -53.05 40.48
C THR A 17 -35.52 -52.12 41.01
N ALA A 18 -35.08 -51.18 40.15
CA ALA A 18 -33.95 -50.31 40.46
C ALA A 18 -34.36 -49.25 41.48
N LEU A 19 -35.65 -48.82 41.43
CA LEU A 19 -36.20 -47.86 42.37
C LEU A 19 -36.46 -48.51 43.73
N ALA A 20 -37.02 -49.73 43.72
CA ALA A 20 -37.23 -50.54 44.93
C ALA A 20 -35.94 -50.60 45.76
N GLU A 21 -34.82 -50.85 45.08
CA GLU A 21 -33.49 -51.01 45.67
C GLU A 21 -32.97 -49.69 46.22
N LYS A 22 -33.21 -48.59 45.49
CA LYS A 22 -32.87 -47.25 45.92
C LYS A 22 -33.67 -46.86 47.16
N MET A 23 -34.97 -47.21 47.19
CA MET A 23 -35.86 -46.80 48.27
C MET A 23 -35.59 -47.57 49.56
N LYS A 24 -35.25 -48.87 49.42
CA LYS A 24 -34.69 -49.67 50.49
C LYS A 24 -33.62 -48.88 51.25
N THR A 25 -32.61 -48.34 50.55
CA THR A 25 -31.51 -47.62 51.17
C THR A 25 -31.99 -46.29 51.79
N VAL A 26 -32.92 -45.58 51.13
CA VAL A 26 -33.43 -44.30 51.63
C VAL A 26 -34.16 -44.52 52.95
N LEU A 27 -34.90 -45.64 53.05
CA LEU A 27 -35.77 -45.95 54.18
C LEU A 27 -35.04 -46.72 55.29
N GLY A 28 -33.74 -47.00 55.12
CA GLY A 28 -32.89 -47.62 56.13
C GLY A 28 -33.19 -49.11 56.35
N LYS A 29 -33.67 -49.82 55.32
CA LYS A 29 -34.03 -51.24 55.41
C LYS A 29 -32.92 -52.12 54.85
N THR A 30 -33.12 -53.45 54.94
CA THR A 30 -32.13 -54.48 54.59
C THR A 30 -32.52 -55.23 53.31
N ASN A 31 -33.83 -55.46 53.06
CA ASN A 31 -34.30 -56.09 51.82
C ASN A 31 -35.42 -55.28 51.18
N VAL A 32 -35.65 -55.54 49.88
CA VAL A 32 -36.71 -54.84 49.16
C VAL A 32 -38.06 -55.52 49.42
N THR A 33 -38.12 -56.55 50.29
CA THR A 33 -39.38 -57.17 50.71
C THR A 33 -39.81 -56.69 52.11
N ASP A 34 -38.88 -56.10 52.88
CA ASP A 34 -39.20 -55.47 54.15
C ASP A 34 -40.42 -54.56 54.00
N THR A 35 -41.25 -54.45 55.06
CA THR A 35 -42.44 -53.61 55.00
C THR A 35 -42.13 -52.24 55.61
N VAL A 36 -42.94 -51.25 55.22
CA VAL A 36 -42.81 -49.86 55.67
C VAL A 36 -44.20 -49.25 55.87
N SER A 37 -44.30 -48.28 56.80
CA SER A 37 -45.55 -47.58 57.09
C SER A 37 -45.63 -46.28 56.30
N GLN A 38 -46.84 -45.73 56.16
CA GLN A 38 -47.06 -44.43 55.52
C GLN A 38 -46.31 -43.33 56.30
N THR A 39 -45.81 -43.63 57.51
CA THR A 39 -45.03 -42.69 58.33
C THR A 39 -43.54 -42.74 57.96
N ASP A 40 -43.01 -43.94 57.67
CA ASP A 40 -41.63 -44.12 57.21
C ASP A 40 -41.44 -43.36 55.89
N LEU A 41 -42.51 -43.31 55.05
CA LEU A 41 -42.55 -42.74 53.71
C LEU A 41 -42.61 -41.21 53.75
N ASP A 42 -43.30 -40.65 54.75
CA ASP A 42 -43.51 -39.22 54.87
C ASP A 42 -42.26 -38.56 55.46
N GLN A 43 -41.24 -39.35 55.83
CA GLN A 43 -39.96 -38.81 56.29
C GLN A 43 -39.12 -38.26 55.11
N VAL A 44 -39.45 -38.70 53.87
CA VAL A 44 -38.58 -38.53 52.71
C VAL A 44 -38.98 -37.25 51.96
N THR A 45 -38.08 -36.25 52.01
CA THR A 45 -38.32 -34.90 51.47
C THR A 45 -37.45 -34.60 50.25
N THR A 46 -36.39 -35.41 50.00
CA THR A 46 -35.57 -35.28 48.80
C THR A 46 -35.23 -36.70 48.29
N LEU A 47 -34.90 -36.79 47.00
CA LEU A 47 -34.63 -38.07 46.38
C LEU A 47 -33.71 -37.90 45.18
N GLN A 48 -32.42 -38.29 45.34
CA GLN A 48 -31.43 -38.26 44.27
C GLN A 48 -31.33 -39.66 43.66
N ALA A 49 -32.09 -39.91 42.58
CA ALA A 49 -32.17 -41.22 41.95
C ALA A 49 -31.84 -41.11 40.45
N ASP A 50 -30.71 -40.45 40.13
CA ASP A 50 -30.26 -40.30 38.76
C ASP A 50 -29.40 -41.49 38.35
N ARG A 51 -29.48 -41.83 37.05
CA ARG A 51 -28.62 -42.83 36.39
C ARG A 51 -28.68 -44.19 37.13
N LEU A 52 -29.89 -44.73 37.31
CA LEU A 52 -30.09 -45.97 38.06
C LEU A 52 -30.87 -46.95 37.19
N GLY A 53 -31.07 -46.60 35.90
CA GLY A 53 -31.82 -47.44 34.98
C GLY A 53 -33.30 -47.61 35.34
N ILE A 54 -33.92 -46.58 35.95
CA ILE A 54 -35.31 -46.66 36.37
C ILE A 54 -36.23 -46.49 35.15
N LYS A 55 -37.27 -47.32 35.02
CA LYS A 55 -38.20 -47.29 33.89
C LYS A 55 -39.58 -46.76 34.30
N SER A 56 -39.87 -46.76 35.60
CA SER A 56 -41.18 -46.42 36.15
C SER A 56 -41.00 -45.82 37.55
N ILE A 57 -41.77 -44.74 37.81
CA ILE A 57 -41.74 -44.13 39.14
C ILE A 57 -43.03 -44.47 39.90
N ASP A 58 -43.81 -45.48 39.45
CA ASP A 58 -44.92 -46.00 40.25
C ASP A 58 -44.42 -46.24 41.68
N GLY A 59 -45.13 -45.65 42.66
CA GLY A 59 -44.76 -45.72 44.07
C GLY A 59 -44.42 -44.37 44.68
N VAL A 60 -44.03 -43.40 43.83
CA VAL A 60 -43.52 -42.11 44.27
C VAL A 60 -44.68 -41.25 44.80
N GLU A 61 -45.92 -41.49 44.33
CA GLU A 61 -47.12 -40.77 44.77
C GLU A 61 -47.31 -40.85 46.31
N TYR A 62 -46.72 -41.86 46.96
CA TYR A 62 -46.87 -42.12 48.39
C TYR A 62 -45.81 -41.38 49.22
N LEU A 63 -44.83 -40.73 48.57
CA LEU A 63 -43.84 -39.90 49.24
C LEU A 63 -44.35 -38.44 49.27
N ASN A 64 -45.39 -38.17 50.08
CA ASN A 64 -46.26 -37.00 49.91
C ASN A 64 -45.48 -35.71 50.17
N ASN A 65 -44.36 -35.83 50.94
CA ASN A 65 -43.59 -34.70 51.44
C ASN A 65 -42.31 -34.40 50.65
N LEU A 66 -42.21 -34.89 49.40
CA LEU A 66 -41.07 -34.57 48.53
C LEU A 66 -41.13 -33.09 48.11
N THR A 67 -40.03 -32.36 48.39
CA THR A 67 -39.80 -30.99 47.95
C THR A 67 -38.85 -30.92 46.74
N GLN A 68 -38.00 -31.93 46.52
CA GLN A 68 -36.96 -31.87 45.50
C GLN A 68 -36.64 -33.28 44.99
N ILE A 69 -36.71 -33.50 43.67
CA ILE A 69 -36.36 -34.81 43.14
C ILE A 69 -35.37 -34.66 41.97
N ASN A 70 -34.65 -35.77 41.72
CA ASN A 70 -33.75 -35.93 40.59
C ASN A 70 -33.91 -37.34 39.99
N PHE A 71 -34.55 -37.44 38.82
CA PHE A 71 -34.73 -38.69 38.10
C PHE A 71 -34.09 -38.57 36.71
N SER A 72 -33.06 -37.73 36.59
CA SER A 72 -32.39 -37.50 35.31
C SER A 72 -31.63 -38.77 34.92
N ASN A 73 -31.48 -38.97 33.60
CA ASN A 73 -30.60 -40.01 33.06
C ASN A 73 -31.16 -41.39 33.43
N ASN A 74 -32.48 -41.58 33.25
CA ASN A 74 -33.14 -42.87 33.44
C ASN A 74 -33.88 -43.16 32.14
N GLN A 75 -35.00 -43.92 32.20
CA GLN A 75 -35.75 -44.31 31.01
C GLN A 75 -37.24 -44.10 31.26
N LEU A 76 -37.58 -42.96 31.88
CA LEU A 76 -38.95 -42.65 32.24
C LEU A 76 -39.72 -42.24 31.00
N THR A 77 -40.97 -42.72 30.90
CA THR A 77 -41.91 -42.27 29.89
C THR A 77 -43.10 -41.61 30.58
N ASP A 78 -43.66 -42.32 31.57
CA ASP A 78 -44.85 -41.91 32.27
C ASP A 78 -44.43 -41.24 33.57
N ILE A 79 -44.99 -40.03 33.84
CA ILE A 79 -44.69 -39.34 35.10
C ILE A 79 -45.97 -39.04 35.90
N THR A 80 -47.04 -39.83 35.70
CA THR A 80 -48.32 -39.69 36.40
C THR A 80 -48.14 -39.67 37.92
N PRO A 81 -47.32 -40.56 38.52
CA PRO A 81 -47.05 -40.52 39.97
C PRO A 81 -46.72 -39.18 40.65
N LEU A 82 -46.37 -38.16 39.86
CA LEU A 82 -45.98 -36.84 40.36
C LEU A 82 -47.19 -35.93 40.62
N LYS A 83 -48.31 -36.25 39.93
CA LYS A 83 -49.51 -35.42 39.78
C LYS A 83 -49.91 -34.65 41.05
N ASN A 84 -49.78 -35.27 42.25
CA ASN A 84 -50.36 -34.75 43.47
C ASN A 84 -49.30 -34.47 44.53
N LEU A 85 -48.02 -34.43 44.14
CA LEU A 85 -46.92 -34.09 45.05
C LEU A 85 -46.70 -32.58 45.00
N THR A 86 -47.68 -31.83 45.52
CA THR A 86 -47.78 -30.40 45.27
C THR A 86 -46.77 -29.64 46.12
N LYS A 87 -46.02 -30.36 46.97
CA LYS A 87 -44.92 -29.73 47.69
C LYS A 87 -43.61 -29.72 46.90
N LEU A 88 -43.61 -30.22 45.64
CA LEU A 88 -42.41 -30.18 44.81
C LEU A 88 -42.11 -28.75 44.39
N VAL A 89 -40.84 -28.34 44.59
CA VAL A 89 -40.30 -27.04 44.19
C VAL A 89 -39.23 -27.19 43.11
N ASP A 90 -38.51 -28.32 43.05
CA ASP A 90 -37.44 -28.53 42.06
C ASP A 90 -37.50 -29.95 41.50
N ILE A 91 -37.58 -30.07 40.17
CA ILE A 91 -37.55 -31.35 39.48
C ILE A 91 -36.40 -31.34 38.49
N LEU A 92 -35.52 -32.36 38.58
CA LEU A 92 -34.50 -32.64 37.57
C LEU A 92 -34.85 -33.96 36.88
N MET A 93 -35.22 -33.92 35.60
CA MET A 93 -35.67 -35.09 34.86
C MET A 93 -35.20 -35.05 33.40
N ASN A 94 -34.07 -34.40 33.16
CA ASN A 94 -33.45 -34.37 31.84
C ASN A 94 -33.05 -35.81 31.48
N ASN A 95 -32.95 -36.12 30.19
CA ASN A 95 -32.33 -37.38 29.72
C ASN A 95 -33.18 -38.58 30.11
N ASN A 96 -34.46 -38.55 29.70
CA ASN A 96 -35.42 -39.62 29.83
C ASN A 96 -36.14 -39.67 28.48
N GLN A 97 -37.36 -40.23 28.44
CA GLN A 97 -38.14 -40.36 27.21
C GLN A 97 -39.57 -39.90 27.48
N ILE A 98 -39.69 -38.78 28.19
CA ILE A 98 -40.95 -38.20 28.61
C ILE A 98 -41.52 -37.42 27.44
N ALA A 99 -42.79 -37.64 27.10
CA ALA A 99 -43.54 -36.93 26.06
C ALA A 99 -44.71 -36.13 26.65
N ASP A 100 -45.40 -36.71 27.65
CA ASP A 100 -46.63 -36.17 28.20
C ASP A 100 -46.28 -35.61 29.58
N ILE A 101 -46.46 -34.29 29.75
CA ILE A 101 -46.11 -33.63 31.00
C ILE A 101 -47.35 -33.05 31.71
N THR A 102 -48.55 -33.52 31.32
CA THR A 102 -49.80 -33.19 32.00
C THR A 102 -49.69 -33.38 33.51
N PRO A 103 -49.05 -34.45 34.04
CA PRO A 103 -48.86 -34.59 35.49
C PRO A 103 -48.22 -33.42 36.24
N LEU A 104 -47.59 -32.48 35.51
CA LEU A 104 -46.94 -31.33 36.16
C LEU A 104 -47.91 -30.16 36.38
N ALA A 105 -49.12 -30.23 35.80
CA ALA A 105 -49.98 -29.06 35.53
C ALA A 105 -50.33 -28.30 36.81
N ASN A 106 -50.39 -29.01 37.95
CA ASN A 106 -50.87 -28.46 39.22
C ASN A 106 -49.77 -28.31 40.26
N LEU A 107 -48.51 -28.55 39.90
CA LEU A 107 -47.41 -28.40 40.85
C LEU A 107 -46.96 -26.95 40.82
N THR A 108 -47.84 -26.06 41.28
CA THR A 108 -47.70 -24.62 41.13
C THR A 108 -46.63 -24.08 42.08
N ASN A 109 -46.08 -24.90 42.99
CA ASN A 109 -44.99 -24.46 43.85
C ASN A 109 -43.61 -24.68 43.23
N LEU A 110 -43.53 -25.29 42.04
CA LEU A 110 -42.28 -25.42 41.27
C LEU A 110 -41.64 -24.06 40.98
N THR A 111 -40.38 -23.91 41.44
CA THR A 111 -39.48 -22.83 41.08
C THR A 111 -38.42 -23.30 40.07
N GLY A 112 -38.15 -24.61 40.03
CA GLY A 112 -37.14 -25.15 39.12
C GLY A 112 -37.63 -26.40 38.38
N LEU A 113 -37.56 -26.39 37.05
CA LEU A 113 -37.94 -27.57 36.27
C LEU A 113 -36.96 -27.78 35.12
N THR A 114 -36.28 -28.94 35.13
CA THR A 114 -35.27 -29.29 34.14
C THR A 114 -35.69 -30.57 33.41
N LEU A 115 -35.93 -30.42 32.09
CA LEU A 115 -36.51 -31.50 31.29
C LEU A 115 -35.84 -31.63 29.92
N PHE A 116 -34.60 -31.16 29.76
CA PHE A 116 -33.96 -31.20 28.45
C PHE A 116 -33.64 -32.66 28.12
N ASN A 117 -33.60 -32.99 26.82
CA ASN A 117 -33.33 -34.35 26.32
C ASN A 117 -34.47 -35.29 26.69
N ASN A 118 -35.64 -35.04 26.08
CA ASN A 118 -36.87 -35.78 26.30
C ASN A 118 -37.61 -35.73 24.96
N GLN A 119 -38.90 -36.03 24.93
CA GLN A 119 -39.65 -36.13 23.67
C GLN A 119 -40.94 -35.32 23.77
N ILE A 120 -40.81 -34.14 24.39
CA ILE A 120 -41.93 -33.24 24.69
C ILE A 120 -42.20 -32.34 23.50
N THR A 121 -43.47 -32.34 23.05
CA THR A 121 -43.99 -31.41 22.05
C THR A 121 -44.92 -30.38 22.71
N ASP A 122 -45.84 -30.87 23.56
CA ASP A 122 -46.90 -30.06 24.15
C ASP A 122 -46.47 -29.58 25.55
N ILE A 123 -46.30 -28.25 25.69
CA ILE A 123 -45.93 -27.64 26.97
C ILE A 123 -47.08 -26.81 27.55
N ASP A 124 -48.30 -26.97 27.00
CA ASP A 124 -49.49 -26.37 27.58
C ASP A 124 -49.58 -26.66 29.10
N PRO A 125 -49.30 -27.88 29.60
CA PRO A 125 -49.32 -28.13 31.05
C PRO A 125 -48.46 -27.27 31.97
N LEU A 126 -47.56 -26.45 31.39
CA LEU A 126 -46.64 -25.63 32.17
C LEU A 126 -47.26 -24.25 32.47
N LYS A 127 -48.43 -23.93 31.90
CA LYS A 127 -48.82 -22.53 31.76
C LYS A 127 -49.13 -21.89 33.11
N ASN A 128 -49.49 -22.68 34.13
CA ASN A 128 -49.91 -22.13 35.42
C ASN A 128 -48.80 -22.26 36.44
N LEU A 129 -47.57 -22.61 36.02
CA LEU A 129 -46.46 -22.78 36.95
C LEU A 129 -45.68 -21.45 37.06
N THR A 130 -46.40 -20.43 37.52
CA THR A 130 -45.99 -19.04 37.44
C THR A 130 -44.87 -18.72 38.44
N ASN A 131 -44.50 -19.67 39.31
CA ASN A 131 -43.41 -19.44 40.25
C ASN A 131 -42.06 -19.92 39.71
N LEU A 132 -42.06 -20.53 38.51
CA LEU A 132 -40.84 -20.98 37.86
C LEU A 132 -39.92 -19.78 37.64
N ASN A 133 -38.66 -19.96 38.12
CA ASN A 133 -37.57 -19.08 37.73
C ASN A 133 -36.56 -19.83 36.85
N ARG A 134 -36.63 -21.17 36.80
CA ARG A 134 -35.71 -21.95 35.97
C ARG A 134 -36.49 -23.00 35.20
N LEU A 135 -36.41 -22.94 33.87
CA LEU A 135 -37.11 -23.88 33.01
C LEU A 135 -36.18 -24.27 31.86
N GLU A 136 -35.84 -25.56 31.80
CA GLU A 136 -34.93 -26.09 30.80
C GLU A 136 -35.66 -27.14 29.96
N LEU A 137 -35.82 -26.82 28.67
CA LEU A 137 -36.58 -27.62 27.74
C LEU A 137 -35.83 -27.90 26.41
N SER A 138 -34.51 -27.69 26.31
CA SER A 138 -33.84 -27.86 25.03
C SER A 138 -33.75 -29.35 24.71
N SER A 139 -33.50 -29.68 23.41
CA SER A 139 -33.47 -31.04 22.90
C SER A 139 -34.78 -31.77 23.18
N ASN A 140 -35.89 -31.12 22.78
CA ASN A 140 -37.23 -31.64 22.80
C ASN A 140 -37.76 -31.36 21.39
N THR A 141 -39.08 -31.48 21.18
CA THR A 141 -39.69 -31.33 19.85
C THR A 141 -40.80 -30.28 19.89
N ILE A 142 -40.55 -29.23 20.70
CA ILE A 142 -41.46 -28.13 20.93
C ILE A 142 -41.46 -27.18 19.73
N SER A 143 -42.66 -26.77 19.26
CA SER A 143 -42.78 -25.78 18.21
C SER A 143 -43.56 -24.54 18.64
N ASP A 144 -44.20 -24.60 19.81
CA ASP A 144 -45.15 -23.61 20.24
C ASP A 144 -44.89 -23.30 21.72
N ILE A 145 -44.51 -22.05 21.99
CA ILE A 145 -44.12 -21.63 23.33
C ILE A 145 -45.15 -20.67 23.94
N SER A 146 -46.39 -20.72 23.46
CA SER A 146 -47.53 -19.96 23.98
C SER A 146 -47.66 -20.10 25.50
N ALA A 147 -47.56 -21.33 25.97
CA ALA A 147 -47.73 -21.66 27.37
C ALA A 147 -46.74 -20.95 28.30
N LEU A 148 -45.68 -20.34 27.74
CA LEU A 148 -44.65 -19.71 28.55
C LEU A 148 -45.01 -18.26 28.87
N SER A 149 -46.00 -17.66 28.20
CA SER A 149 -46.14 -16.19 28.20
C SER A 149 -46.42 -15.62 29.58
N GLY A 150 -46.94 -16.44 30.50
CA GLY A 150 -47.30 -16.00 31.84
C GLY A 150 -46.24 -16.38 32.88
N LEU A 151 -45.13 -17.03 32.51
CA LEU A 151 -44.11 -17.42 33.48
C LEU A 151 -43.08 -16.28 33.63
N THR A 152 -43.57 -15.18 34.21
CA THR A 152 -42.91 -13.88 34.17
C THR A 152 -41.79 -13.79 35.20
N SER A 153 -41.62 -14.84 36.03
CA SER A 153 -40.56 -14.84 37.05
C SER A 153 -39.32 -15.61 36.57
N LEU A 154 -39.34 -16.12 35.33
CA LEU A 154 -38.24 -16.87 34.75
C LEU A 154 -36.98 -16.00 34.63
N GLN A 155 -35.87 -16.55 35.14
CA GLN A 155 -34.53 -16.00 35.02
C GLN A 155 -33.67 -16.80 34.05
N GLN A 156 -33.95 -18.11 33.94
CA GLN A 156 -33.27 -18.97 32.98
C GLN A 156 -34.26 -19.80 32.20
N LEU A 157 -34.05 -19.89 30.88
CA LEU A 157 -34.96 -20.59 29.99
C LEU A 157 -34.19 -21.16 28.81
N SER A 158 -34.46 -22.43 28.50
CA SER A 158 -33.97 -23.06 27.28
C SER A 158 -35.13 -23.86 26.68
N PHE A 159 -35.18 -23.97 25.34
CA PHE A 159 -36.17 -24.81 24.69
C PHE A 159 -35.72 -25.11 23.27
N GLY A 160 -36.20 -26.24 22.76
CA GLY A 160 -36.05 -26.58 21.36
C GLY A 160 -37.03 -27.70 21.02
N ASN A 161 -37.10 -28.07 19.74
CA ASN A 161 -36.13 -27.67 18.71
C ASN A 161 -36.82 -27.21 17.42
N GLN A 162 -38.11 -26.79 17.49
CA GLN A 162 -38.84 -26.40 16.28
C GLN A 162 -39.52 -25.03 16.40
N VAL A 163 -39.12 -24.21 17.36
CA VAL A 163 -39.80 -22.92 17.55
C VAL A 163 -39.39 -21.94 16.46
N THR A 164 -40.41 -21.29 15.87
CA THR A 164 -40.27 -20.17 14.92
C THR A 164 -40.65 -18.83 15.58
N ASP A 165 -41.70 -18.86 16.43
CA ASP A 165 -42.35 -17.66 16.94
C ASP A 165 -41.98 -17.42 18.40
N LEU A 166 -41.15 -16.38 18.62
CA LEU A 166 -40.69 -16.04 19.96
C LEU A 166 -41.59 -15.00 20.66
N LYS A 167 -42.74 -14.60 20.09
CA LYS A 167 -43.55 -13.54 20.70
C LYS A 167 -44.01 -13.89 22.12
N PRO A 168 -44.31 -15.16 22.49
CA PRO A 168 -44.70 -15.46 23.87
C PRO A 168 -43.70 -15.05 24.96
N LEU A 169 -42.45 -14.73 24.58
CA LEU A 169 -41.40 -14.32 25.50
C LEU A 169 -41.51 -12.85 25.92
N ALA A 170 -42.42 -12.07 25.34
CA ALA A 170 -42.48 -10.62 25.51
C ALA A 170 -42.38 -10.15 26.96
N ASN A 171 -43.10 -10.82 27.88
CA ASN A 171 -43.23 -10.33 29.25
C ASN A 171 -42.31 -11.06 30.22
N LEU A 172 -41.45 -11.93 29.71
CA LEU A 172 -40.49 -12.66 30.55
C LEU A 172 -39.25 -11.78 30.77
N THR A 173 -39.46 -10.59 31.33
CA THR A 173 -38.46 -9.52 31.35
C THR A 173 -37.41 -9.74 32.45
N THR A 174 -37.66 -10.75 33.31
CA THR A 174 -36.73 -11.12 34.38
C THR A 174 -35.61 -12.04 33.85
N LEU A 175 -35.77 -12.54 32.61
CA LEU A 175 -34.78 -13.42 31.97
C LEU A 175 -33.40 -12.75 31.92
N GLU A 176 -32.42 -13.51 32.41
CA GLU A 176 -31.01 -13.21 32.38
C GLU A 176 -30.22 -14.19 31.51
N ARG A 177 -30.68 -15.45 31.44
CA ARG A 177 -30.07 -16.48 30.63
C ARG A 177 -31.14 -17.10 29.71
N LEU A 178 -30.91 -17.03 28.39
CA LEU A 178 -31.81 -17.59 27.37
C LEU A 178 -30.99 -18.41 26.38
N ASP A 179 -31.36 -19.69 26.21
CA ASP A 179 -30.82 -20.58 25.20
C ASP A 179 -31.92 -21.02 24.24
N ILE A 180 -31.85 -20.52 23.00
CA ILE A 180 -32.79 -20.89 21.93
C ILE A 180 -32.02 -21.63 20.83
N SER A 181 -30.93 -22.28 21.20
CA SER A 181 -30.15 -23.09 20.28
C SER A 181 -31.05 -24.09 19.58
N SER A 182 -30.75 -24.36 18.30
CA SER A 182 -31.34 -25.47 17.56
C SER A 182 -32.85 -25.34 17.49
N ASN A 183 -33.30 -24.20 16.96
CA ASN A 183 -34.70 -23.97 16.64
C ASN A 183 -34.75 -23.54 15.17
N LYS A 184 -35.82 -22.84 14.79
CA LYS A 184 -36.01 -22.37 13.43
C LYS A 184 -36.27 -20.86 13.44
N VAL A 185 -35.58 -20.12 14.31
CA VAL A 185 -35.89 -18.73 14.54
C VAL A 185 -35.17 -17.88 13.50
N SER A 186 -35.90 -16.97 12.82
CA SER A 186 -35.22 -15.88 12.12
C SER A 186 -35.54 -14.51 12.72
N ASP A 187 -36.74 -14.36 13.29
CA ASP A 187 -37.17 -13.07 13.82
C ASP A 187 -36.97 -13.03 15.33
N ILE A 188 -36.01 -12.20 15.76
CA ILE A 188 -35.70 -12.04 17.18
C ILE A 188 -36.12 -10.64 17.69
N SER A 189 -37.14 -10.00 17.08
CA SER A 189 -37.65 -8.69 17.51
C SER A 189 -38.03 -8.64 18.99
N VAL A 190 -38.61 -9.76 19.49
CA VAL A 190 -39.08 -9.80 20.85
C VAL A 190 -37.93 -9.68 21.86
N LEU A 191 -36.70 -10.01 21.46
CA LEU A 191 -35.60 -10.03 22.38
C LEU A 191 -35.21 -8.61 22.79
N ALA A 192 -35.60 -7.60 22.01
CA ALA A 192 -35.40 -6.20 22.39
C ALA A 192 -36.01 -5.85 23.75
N LYS A 193 -37.02 -6.61 24.17
CA LYS A 193 -37.75 -6.38 25.42
C LYS A 193 -37.08 -7.03 26.62
N LEU A 194 -36.11 -7.92 26.37
CA LEU A 194 -35.50 -8.72 27.43
C LEU A 194 -34.18 -8.03 27.83
N THR A 195 -34.31 -6.81 28.37
CA THR A 195 -33.21 -5.89 28.55
C THR A 195 -32.27 -6.33 29.68
N ASN A 196 -32.66 -7.35 30.46
CA ASN A 196 -31.87 -7.83 31.59
C ASN A 196 -31.06 -9.08 31.22
N LEU A 197 -31.12 -9.50 29.94
CA LEU A 197 -30.33 -10.64 29.46
C LEU A 197 -28.85 -10.33 29.62
N GLU A 198 -28.12 -11.33 30.13
CA GLU A 198 -26.66 -11.32 30.33
C GLU A 198 -26.02 -12.37 29.42
N SER A 199 -26.76 -13.46 29.17
CA SER A 199 -26.29 -14.58 28.37
C SER A 199 -27.38 -14.99 27.38
N LEU A 200 -27.08 -14.95 26.07
CA LEU A 200 -28.01 -15.31 25.02
C LEU A 200 -27.30 -16.30 24.09
N ILE A 201 -27.81 -17.53 24.02
CA ILE A 201 -27.25 -18.58 23.19
C ILE A 201 -28.28 -18.88 22.12
N ALA A 202 -27.93 -18.67 20.84
CA ALA A 202 -28.86 -18.77 19.72
C ALA A 202 -28.23 -19.54 18.57
N THR A 203 -27.30 -20.46 18.93
CA THR A 203 -26.61 -21.35 18.01
C THR A 203 -27.63 -22.05 17.12
N ASN A 204 -27.31 -22.17 15.82
CA ASN A 204 -28.03 -23.05 14.92
C ASN A 204 -29.48 -22.61 14.75
N ASN A 205 -29.70 -21.39 14.21
CA ASN A 205 -31.01 -20.87 13.84
C ASN A 205 -30.87 -20.25 12.45
N GLN A 206 -31.73 -19.30 12.09
CA GLN A 206 -31.69 -18.71 10.76
C GLN A 206 -31.70 -17.18 10.87
N ILE A 207 -30.94 -16.65 11.80
CA ILE A 207 -31.02 -15.24 12.13
C ILE A 207 -30.08 -14.48 11.21
N SER A 208 -30.60 -13.45 10.53
CA SER A 208 -29.75 -12.57 9.73
C SER A 208 -29.81 -11.13 10.23
N ASP A 209 -30.95 -10.75 10.84
CA ASP A 209 -31.12 -9.41 11.37
C ASP A 209 -31.00 -9.45 12.90
N ILE A 210 -29.90 -8.87 13.43
CA ILE A 210 -29.68 -8.82 14.87
C ILE A 210 -29.97 -7.43 15.47
N THR A 211 -30.62 -6.52 14.74
CA THR A 211 -30.89 -5.16 15.21
C THR A 211 -31.53 -5.15 16.61
N PRO A 212 -32.46 -6.07 16.95
CA PRO A 212 -33.09 -6.07 18.28
C PRO A 212 -32.16 -6.19 19.49
N LEU A 213 -30.98 -6.74 19.31
CA LEU A 213 -30.04 -6.95 20.40
C LEU A 213 -29.36 -5.66 20.84
N GLY A 214 -29.47 -4.58 20.05
CA GLY A 214 -28.64 -3.39 20.22
C GLY A 214 -28.76 -2.73 21.59
N ILE A 215 -29.92 -2.89 22.26
CA ILE A 215 -30.16 -2.28 23.57
C ILE A 215 -30.04 -3.30 24.70
N LEU A 216 -29.54 -4.50 24.42
CA LEU A 216 -29.30 -5.51 25.45
C LEU A 216 -27.89 -5.33 25.99
N THR A 217 -27.67 -4.16 26.63
CA THR A 217 -26.32 -3.74 26.92
C THR A 217 -25.75 -4.48 28.10
N ASN A 218 -26.55 -5.31 28.76
CA ASN A 218 -26.00 -6.10 29.85
C ASN A 218 -25.52 -7.48 29.35
N LEU A 219 -25.58 -7.73 28.04
CA LEU A 219 -25.07 -9.02 27.54
C LEU A 219 -23.57 -9.05 27.75
N ASP A 220 -23.10 -10.13 28.42
CA ASP A 220 -21.68 -10.40 28.52
C ASP A 220 -21.30 -11.63 27.68
N GLU A 221 -22.30 -12.47 27.36
CA GLU A 221 -22.08 -13.71 26.63
C GLU A 221 -23.12 -13.80 25.52
N LEU A 222 -22.67 -13.95 24.27
CA LEU A 222 -23.57 -14.06 23.12
C LEU A 222 -23.05 -15.10 22.14
N SER A 223 -23.90 -16.03 21.69
CA SER A 223 -23.53 -16.96 20.63
C SER A 223 -24.58 -16.89 19.52
N LEU A 224 -24.15 -16.56 18.30
CA LEU A 224 -24.96 -16.67 17.09
C LEU A 224 -24.28 -17.60 16.09
N ASN A 225 -23.56 -18.58 16.62
CA ASN A 225 -22.88 -19.66 15.90
C ASN A 225 -23.90 -20.29 14.94
N GLY A 226 -23.54 -20.40 13.66
CA GLY A 226 -24.35 -21.18 12.75
C GLY A 226 -25.70 -20.53 12.47
N ASN A 227 -25.67 -19.25 12.05
CA ASN A 227 -26.88 -18.49 11.69
C ASN A 227 -26.69 -17.99 10.25
N GLN A 228 -27.25 -16.83 9.91
CA GLN A 228 -27.11 -16.29 8.57
C GLN A 228 -26.64 -14.85 8.66
N LEU A 229 -25.64 -14.59 9.52
CA LEU A 229 -25.21 -13.23 9.79
C LEU A 229 -24.26 -12.77 8.71
N LYS A 230 -24.41 -11.49 8.36
CA LYS A 230 -23.49 -10.81 7.50
C LYS A 230 -23.14 -9.49 8.18
N ASP A 231 -24.14 -8.58 8.26
CA ASP A 231 -23.91 -7.28 8.88
C ASP A 231 -24.02 -7.45 10.38
N ILE A 232 -22.91 -7.20 11.10
CA ILE A 232 -22.88 -7.28 12.56
C ILE A 232 -22.72 -5.90 13.23
N GLY A 233 -23.16 -4.81 12.56
CA GLY A 233 -22.93 -3.46 13.08
C GLY A 233 -23.53 -3.21 14.47
N THR A 234 -24.63 -3.90 14.79
CA THR A 234 -25.34 -3.76 16.05
C THR A 234 -24.49 -4.13 17.27
N LEU A 235 -23.50 -5.00 17.07
CA LEU A 235 -22.73 -5.54 18.16
C LEU A 235 -21.87 -4.44 18.78
N ALA A 236 -21.63 -3.34 18.07
CA ALA A 236 -20.84 -2.21 18.60
C ALA A 236 -21.45 -1.61 19.89
N SER A 237 -22.76 -1.77 20.09
CA SER A 237 -23.45 -1.29 21.29
C SER A 237 -23.09 -2.12 22.53
N LEU A 238 -22.66 -3.39 22.34
CA LEU A 238 -22.65 -4.38 23.41
C LEU A 238 -21.27 -4.41 24.02
N THR A 239 -20.91 -3.30 24.66
CA THR A 239 -19.55 -3.07 25.15
C THR A 239 -19.26 -3.88 26.40
N ASN A 240 -20.25 -4.56 26.99
CA ASN A 240 -19.97 -5.47 28.12
C ASN A 240 -19.67 -6.91 27.70
N LEU A 241 -19.70 -7.22 26.39
CA LEU A 241 -19.41 -8.57 25.93
C LEU A 241 -17.98 -8.94 26.31
N THR A 242 -17.84 -10.16 26.85
CA THR A 242 -16.57 -10.77 27.16
C THR A 242 -16.39 -12.07 26.36
N ASP A 243 -17.50 -12.65 25.91
CA ASP A 243 -17.49 -13.97 25.28
C ASP A 243 -18.44 -13.91 24.08
N LEU A 244 -17.93 -14.01 22.84
CA LEU A 244 -18.69 -13.81 21.62
C LEU A 244 -18.38 -14.93 20.62
N ASP A 245 -19.42 -15.65 20.17
CA ASP A 245 -19.29 -16.72 19.19
C ASP A 245 -20.12 -16.38 17.95
N LEU A 246 -19.43 -16.14 16.82
CA LEU A 246 -20.09 -15.78 15.57
C LEU A 246 -19.63 -16.74 14.46
N ALA A 247 -19.27 -17.97 14.85
CA ALA A 247 -18.66 -18.93 13.93
C ALA A 247 -19.73 -19.47 12.99
N ASN A 248 -19.34 -19.76 11.73
CA ASN A 248 -20.22 -20.39 10.75
C ASN A 248 -21.36 -19.45 10.35
N ASN A 249 -20.98 -18.30 9.80
CA ASN A 249 -21.91 -17.30 9.27
C ASN A 249 -21.29 -16.84 7.95
N GLN A 250 -21.55 -15.59 7.53
CA GLN A 250 -21.09 -15.08 6.24
C GLN A 250 -20.55 -13.67 6.48
N ILE A 251 -19.80 -13.50 7.59
CA ILE A 251 -19.40 -12.19 8.06
C ILE A 251 -18.09 -11.83 7.36
N SER A 252 -17.99 -10.60 6.86
CA SER A 252 -16.70 -10.13 6.35
C SER A 252 -16.22 -8.88 7.10
N ASN A 253 -17.13 -7.97 7.52
CA ASN A 253 -16.74 -6.69 8.09
C ASN A 253 -16.77 -6.73 9.63
N LEU A 254 -15.57 -6.63 10.23
CA LEU A 254 -15.33 -6.78 11.66
C LEU A 254 -15.18 -5.45 12.40
N ALA A 255 -15.33 -4.32 11.68
CA ALA A 255 -15.24 -2.99 12.25
C ALA A 255 -16.12 -2.87 13.51
N PRO A 256 -17.37 -3.41 13.53
CA PRO A 256 -18.23 -3.32 14.73
C PRO A 256 -17.71 -3.91 16.04
N LEU A 257 -16.68 -4.76 15.92
CA LEU A 257 -16.06 -5.42 17.06
C LEU A 257 -14.91 -4.61 17.64
N SER A 258 -14.46 -3.55 16.94
CA SER A 258 -13.20 -2.91 17.27
C SER A 258 -13.17 -2.33 18.69
N GLY A 259 -14.33 -1.87 19.20
CA GLY A 259 -14.38 -1.23 20.50
C GLY A 259 -14.77 -2.18 21.62
N LEU A 260 -14.91 -3.50 21.37
CA LEU A 260 -15.36 -4.47 22.36
C LEU A 260 -14.16 -5.05 23.10
N THR A 261 -13.48 -4.17 23.82
CA THR A 261 -12.16 -4.43 24.39
C THR A 261 -12.26 -5.32 25.62
N LYS A 262 -13.47 -5.65 26.08
CA LYS A 262 -13.54 -6.62 27.19
C LYS A 262 -13.54 -8.09 26.72
N LEU A 263 -13.62 -8.33 25.41
CA LEU A 263 -13.64 -9.66 24.86
C LEU A 263 -12.38 -10.42 25.25
N THR A 264 -12.58 -11.58 25.92
CA THR A 264 -11.52 -12.54 26.20
C THR A 264 -11.61 -13.74 25.27
N GLU A 265 -12.81 -14.02 24.73
CA GLU A 265 -13.01 -15.10 23.76
C GLU A 265 -13.81 -14.59 22.57
N LEU A 266 -13.32 -14.90 21.37
CA LEU A 266 -13.94 -14.43 20.14
C LEU A 266 -13.78 -15.53 19.10
N LYS A 267 -14.92 -16.08 18.64
CA LYS A 267 -14.92 -17.18 17.69
C LYS A 267 -15.54 -16.68 16.42
N LEU A 268 -14.73 -16.65 15.34
CA LEU A 268 -15.05 -16.07 14.05
C LEU A 268 -14.75 -17.06 12.93
N GLY A 269 -14.57 -18.34 13.29
CA GLY A 269 -14.25 -19.36 12.30
C GLY A 269 -15.41 -19.53 11.33
N ALA A 270 -15.07 -19.89 10.08
CA ALA A 270 -16.08 -20.27 9.10
C ALA A 270 -16.94 -19.06 8.78
N ASN A 271 -16.30 -18.08 8.13
CA ASN A 271 -16.92 -16.82 7.76
C ASN A 271 -16.23 -16.38 6.46
N GLN A 272 -16.29 -15.08 6.14
CA GLN A 272 -15.80 -14.52 4.87
C GLN A 272 -14.78 -13.40 5.15
N ILE A 273 -13.93 -13.63 6.14
CA ILE A 273 -13.06 -12.59 6.69
C ILE A 273 -11.72 -12.59 5.97
N SER A 274 -11.33 -11.40 5.49
CA SER A 274 -10.02 -11.22 4.88
C SER A 274 -9.24 -10.11 5.57
N ASN A 275 -9.90 -9.32 6.43
CA ASN A 275 -9.23 -8.22 7.12
C ASN A 275 -9.56 -8.25 8.60
N ILE A 276 -8.53 -8.43 9.44
CA ILE A 276 -8.69 -8.51 10.87
C ILE A 276 -8.06 -7.30 11.57
N SER A 277 -7.78 -6.21 10.86
CA SER A 277 -7.32 -4.94 11.43
C SER A 277 -8.22 -4.48 12.56
N PRO A 278 -9.56 -4.57 12.44
CA PRO A 278 -10.44 -4.21 13.56
C PRO A 278 -10.25 -4.96 14.88
N LEU A 279 -9.55 -6.11 14.87
CA LEU A 279 -9.31 -6.89 16.08
C LEU A 279 -8.06 -6.44 16.85
N ALA A 280 -7.26 -5.50 16.30
CA ALA A 280 -5.92 -5.14 16.81
C ALA A 280 -5.94 -4.64 18.25
N GLY A 281 -7.04 -3.98 18.66
CA GLY A 281 -7.17 -3.40 19.99
C GLY A 281 -7.79 -4.32 21.03
N LEU A 282 -8.10 -5.60 20.70
CA LEU A 282 -8.79 -6.51 21.63
C LEU A 282 -7.74 -7.31 22.40
N THR A 283 -6.94 -6.59 23.19
CA THR A 283 -5.73 -7.10 23.83
C THR A 283 -6.07 -8.01 25.01
N ALA A 284 -7.33 -8.08 25.44
CA ALA A 284 -7.68 -9.00 26.53
C ALA A 284 -7.97 -10.40 26.00
N LEU A 285 -7.96 -10.61 24.66
CA LEU A 285 -8.30 -11.91 24.08
C LEU A 285 -7.31 -12.98 24.51
N THR A 286 -7.85 -14.14 24.97
CA THR A 286 -7.07 -15.34 25.27
C THR A 286 -7.33 -16.44 24.25
N ASN A 287 -8.55 -16.49 23.72
CA ASN A 287 -8.95 -17.44 22.70
C ASN A 287 -9.45 -16.66 21.48
N LEU A 288 -8.82 -16.87 20.32
CA LEU A 288 -9.27 -16.31 19.07
C LEU A 288 -9.31 -17.39 18.01
N GLU A 289 -10.47 -17.57 17.34
CA GLU A 289 -10.65 -18.56 16.32
C GLU A 289 -10.96 -17.87 14.99
N LEU A 290 -10.10 -18.10 13.97
CA LEU A 290 -10.22 -17.46 12.67
C LEU A 290 -10.05 -18.48 11.54
N ASN A 291 -10.25 -19.77 11.83
CA ASN A 291 -10.20 -20.82 10.83
C ASN A 291 -11.25 -20.57 9.74
N GLU A 292 -11.01 -21.11 8.54
CA GLU A 292 -12.00 -21.17 7.49
C GLU A 292 -12.51 -19.77 7.16
N ASN A 293 -11.57 -18.90 6.78
CA ASN A 293 -11.86 -17.56 6.31
C ASN A 293 -11.09 -17.36 5.00
N GLN A 294 -10.71 -16.11 4.68
CA GLN A 294 -9.93 -15.83 3.48
C GLN A 294 -8.73 -14.98 3.84
N LEU A 295 -8.07 -15.37 4.92
CA LEU A 295 -7.01 -14.59 5.51
C LEU A 295 -5.71 -14.81 4.77
N GLU A 296 -4.96 -13.72 4.58
CA GLU A 296 -3.57 -13.77 4.19
C GLU A 296 -2.72 -13.02 5.20
N ASP A 297 -3.08 -11.74 5.39
CA ASP A 297 -2.36 -10.85 6.30
C ASP A 297 -2.94 -11.02 7.70
N ILE A 298 -2.13 -11.57 8.60
CA ILE A 298 -2.49 -11.68 10.02
C ILE A 298 -1.65 -10.75 10.91
N SER A 299 -1.09 -9.67 10.33
CA SER A 299 -0.24 -8.73 11.07
C SER A 299 -0.92 -8.18 12.32
N PRO A 300 -2.25 -7.90 12.32
CA PRO A 300 -2.92 -7.38 13.52
C PRO A 300 -2.89 -8.26 14.76
N ILE A 301 -2.57 -9.55 14.58
CA ILE A 301 -2.55 -10.52 15.65
C ILE A 301 -1.34 -10.27 16.57
N SER A 302 -0.36 -9.45 16.11
CA SER A 302 0.88 -9.26 16.86
C SER A 302 0.65 -8.50 18.18
N ASN A 303 -0.48 -7.79 18.26
CA ASN A 303 -0.84 -6.96 19.40
C ASN A 303 -1.54 -7.80 20.48
N LEU A 304 -2.00 -9.04 20.17
CA LEU A 304 -2.86 -9.81 21.07
C LEU A 304 -2.00 -10.71 21.96
N LYS A 305 -1.22 -10.09 22.86
CA LYS A 305 -0.15 -10.75 23.60
C LYS A 305 -0.67 -11.77 24.63
N ASN A 306 -1.98 -11.74 24.93
CA ASN A 306 -2.52 -12.61 25.97
C ASN A 306 -3.07 -13.91 25.36
N LEU A 307 -3.07 -14.01 24.03
CA LEU A 307 -3.58 -15.20 23.34
C LEU A 307 -2.84 -16.43 23.81
N THR A 308 -3.62 -17.43 24.26
CA THR A 308 -3.15 -18.77 24.60
C THR A 308 -3.62 -19.80 23.56
N TYR A 309 -4.79 -19.58 22.93
CA TYR A 309 -5.28 -20.46 21.90
C TYR A 309 -5.58 -19.66 20.64
N LEU A 310 -5.14 -20.16 19.47
CA LEU A 310 -5.38 -19.50 18.20
C LEU A 310 -5.60 -20.52 17.09
N THR A 311 -6.70 -20.39 16.34
CA THR A 311 -6.93 -21.19 15.14
C THR A 311 -6.83 -20.30 13.91
N LEU A 312 -6.13 -20.80 12.89
CA LEU A 312 -5.98 -20.12 11.61
C LEU A 312 -6.14 -21.08 10.43
N TYR A 313 -6.57 -22.33 10.70
CA TYR A 313 -6.49 -23.38 9.70
C TYR A 313 -7.48 -23.09 8.59
N PHE A 314 -7.20 -23.64 7.40
CA PHE A 314 -8.01 -23.39 6.22
C PHE A 314 -8.14 -21.89 5.96
N ASN A 315 -7.02 -21.30 5.53
CA ASN A 315 -6.95 -19.90 5.11
C ASN A 315 -5.96 -19.88 3.93
N ASN A 316 -5.53 -18.65 3.55
CA ASN A 316 -4.60 -18.45 2.45
CA ASN A 316 -4.61 -18.43 2.44
C ASN A 316 -3.37 -17.71 2.98
N ILE A 317 -2.88 -18.13 4.17
CA ILE A 317 -1.79 -17.45 4.87
C ILE A 317 -0.43 -17.99 4.41
N SER A 318 0.47 -17.09 3.96
CA SER A 318 1.85 -17.42 3.58
C SER A 318 2.86 -17.14 4.69
N ASP A 319 2.64 -16.03 5.42
CA ASP A 319 3.58 -15.54 6.42
C ASP A 319 2.89 -15.61 7.79
N ILE A 320 3.40 -16.49 8.66
CA ILE A 320 2.87 -16.75 10.00
C ILE A 320 3.55 -15.84 11.04
N SER A 321 4.49 -14.98 10.61
CA SER A 321 5.49 -14.41 11.53
C SER A 321 4.90 -13.43 12.55
N PRO A 322 3.76 -12.79 12.30
CA PRO A 322 3.15 -11.96 13.34
C PRO A 322 2.84 -12.68 14.66
N VAL A 323 2.87 -14.04 14.67
CA VAL A 323 2.60 -14.78 15.90
C VAL A 323 3.83 -14.80 16.80
N SER A 324 4.99 -14.31 16.36
CA SER A 324 6.20 -14.52 17.13
C SER A 324 6.18 -13.84 18.51
N SER A 325 5.36 -12.80 18.68
CA SER A 325 5.25 -12.06 19.92
C SER A 325 4.30 -12.73 20.94
N LEU A 326 3.59 -13.82 20.52
CA LEU A 326 2.52 -14.39 21.33
C LEU A 326 3.10 -15.44 22.28
N THR A 327 3.84 -15.00 23.30
CA THR A 327 4.70 -15.89 24.06
C THR A 327 3.88 -16.81 24.94
N LYS A 328 2.59 -16.50 25.16
CA LYS A 328 1.74 -17.35 25.99
C LYS A 328 1.02 -18.43 25.20
N LEU A 329 1.16 -18.45 23.86
CA LEU A 329 0.45 -19.43 23.03
C LEU A 329 0.72 -20.84 23.54
N GLN A 330 -0.35 -21.63 23.64
CA GLN A 330 -0.30 -23.03 24.05
C GLN A 330 -0.79 -23.94 22.93
N ARG A 331 -1.81 -23.46 22.19
CA ARG A 331 -2.36 -24.22 21.09
C ARG A 331 -2.40 -23.35 19.85
N LEU A 332 -1.87 -23.90 18.76
CA LEU A 332 -1.82 -23.18 17.49
C LEU A 332 -2.13 -24.16 16.38
N PHE A 333 -3.34 -24.00 15.79
CA PHE A 333 -3.76 -24.81 14.65
C PHE A 333 -3.71 -23.93 13.42
N PHE A 334 -2.81 -24.21 12.47
CA PHE A 334 -2.86 -23.48 11.20
C PHE A 334 -2.71 -24.43 10.03
N TYR A 335 -3.23 -25.66 10.17
CA TYR A 335 -3.16 -26.59 9.07
C TYR A 335 -3.93 -26.04 7.86
N ASN A 336 -3.44 -26.41 6.67
CA ASN A 336 -3.99 -26.02 5.38
C ASN A 336 -3.89 -24.50 5.20
N ASN A 337 -2.63 -24.05 5.06
CA ASN A 337 -2.27 -22.69 4.71
C ASN A 337 -1.09 -22.81 3.73
N LYS A 338 -0.31 -21.75 3.57
CA LYS A 338 0.77 -21.75 2.61
C LYS A 338 2.07 -21.33 3.29
N VAL A 339 2.26 -21.71 4.56
CA VAL A 339 3.43 -21.33 5.34
C VAL A 339 4.57 -22.25 4.93
N SER A 340 5.77 -21.66 4.64
CA SER A 340 7.00 -22.42 4.40
C SER A 340 8.00 -22.30 5.55
N ASP A 341 8.09 -21.10 6.10
CA ASP A 341 9.10 -20.81 7.11
C ASP A 341 8.42 -20.78 8.47
N VAL A 342 8.89 -21.64 9.41
CA VAL A 342 8.35 -21.65 10.77
C VAL A 342 9.38 -21.13 11.78
N SER A 343 10.36 -20.34 11.32
CA SER A 343 11.34 -19.82 12.27
C SER A 343 10.70 -18.85 13.27
N SER A 344 9.57 -18.22 12.91
CA SER A 344 8.89 -17.31 13.82
C SER A 344 8.23 -18.02 15.02
N LEU A 345 8.12 -19.36 14.98
CA LEU A 345 7.53 -20.15 16.06
C LEU A 345 8.58 -20.54 17.12
N ALA A 346 9.86 -20.21 16.91
CA ALA A 346 10.95 -20.88 17.61
C ALA A 346 10.95 -20.57 19.11
N ASN A 347 10.50 -19.36 19.48
CA ASN A 347 10.54 -18.91 20.87
C ASN A 347 9.15 -19.02 21.51
N LEU A 348 8.17 -19.68 20.86
CA LEU A 348 6.88 -19.93 21.48
C LEU A 348 6.95 -21.24 22.29
N THR A 349 7.75 -21.21 23.37
CA THR A 349 8.13 -22.44 24.06
C THR A 349 7.01 -22.94 24.96
N ASN A 350 5.91 -22.16 25.14
CA ASN A 350 4.77 -22.63 25.92
C ASN A 350 3.76 -23.43 25.07
N ILE A 351 4.01 -23.59 23.76
CA ILE A 351 3.16 -24.41 22.90
C ILE A 351 3.22 -25.87 23.34
N ASN A 352 2.03 -26.45 23.55
CA ASN A 352 1.87 -27.86 23.83
C ASN A 352 1.10 -28.58 22.72
N TRP A 353 0.49 -27.83 21.81
CA TRP A 353 -0.29 -28.43 20.74
C TRP A 353 -0.06 -27.63 19.45
N LEU A 354 0.59 -28.28 18.48
CA LEU A 354 0.90 -27.62 17.22
C LEU A 354 0.37 -28.44 16.06
N SER A 355 -0.56 -27.87 15.32
CA SER A 355 -1.14 -28.55 14.18
C SER A 355 -0.85 -27.74 12.93
N ALA A 356 0.13 -28.21 12.12
CA ALA A 356 0.63 -27.48 10.96
C ALA A 356 0.71 -28.37 9.70
N GLY A 357 -0.09 -29.43 9.60
CA GLY A 357 -0.10 -30.19 8.36
C GLY A 357 -0.58 -29.32 7.19
N HIS A 358 -0.40 -29.81 5.95
CA HIS A 358 -0.98 -29.22 4.76
C HIS A 358 -0.52 -27.79 4.55
N ASN A 359 0.75 -27.53 4.86
CA ASN A 359 1.40 -26.27 4.58
C ASN A 359 2.50 -26.52 3.52
N GLN A 360 3.55 -25.70 3.54
CA GLN A 360 4.65 -25.80 2.61
C GLN A 360 5.96 -25.88 3.39
N ILE A 361 5.93 -26.63 4.50
CA ILE A 361 7.01 -26.65 5.46
C ILE A 361 8.04 -27.68 5.01
N SER A 362 9.31 -27.23 4.89
CA SER A 362 10.43 -28.03 4.42
C SER A 362 11.52 -28.18 5.48
N ASP A 363 11.49 -27.36 6.55
CA ASP A 363 12.58 -27.29 7.52
C ASP A 363 12.01 -27.17 8.93
N LEU A 364 12.15 -28.24 9.74
CA LEU A 364 11.61 -28.26 11.09
C LEU A 364 12.59 -27.76 12.16
N THR A 365 13.84 -27.43 11.80
CA THR A 365 14.84 -27.07 12.81
C THR A 365 14.36 -25.96 13.77
N PRO A 366 13.57 -24.95 13.37
CA PRO A 366 13.13 -23.93 14.35
C PRO A 366 12.19 -24.44 15.44
N LEU A 367 11.67 -25.66 15.28
CA LEU A 367 10.72 -26.23 16.24
C LEU A 367 11.40 -27.02 17.36
N ALA A 368 12.74 -27.13 17.31
CA ALA A 368 13.52 -28.03 18.15
C ALA A 368 13.38 -27.75 19.66
N ASN A 369 13.16 -26.50 20.07
CA ASN A 369 13.13 -26.15 21.50
C ASN A 369 11.69 -26.08 22.03
N LEU A 370 10.69 -26.51 21.23
CA LEU A 370 9.29 -26.47 21.66
C LEU A 370 8.97 -27.79 22.39
N THR A 371 9.61 -27.98 23.56
CA THR A 371 9.67 -29.28 24.20
C THR A 371 8.47 -29.51 25.12
N ARG A 372 7.56 -28.53 25.26
CA ARG A 372 6.30 -28.76 25.96
C ARG A 372 5.23 -29.33 25.02
N ILE A 373 5.54 -29.54 23.73
CA ILE A 373 4.63 -30.17 22.79
C ILE A 373 4.29 -31.59 23.27
N THR A 374 2.97 -31.88 23.31
CA THR A 374 2.45 -33.22 23.51
C THR A 374 1.60 -33.69 22.33
N GLN A 375 1.15 -32.75 21.47
CA GLN A 375 0.40 -33.12 20.28
C GLN A 375 0.95 -32.36 19.08
N LEU A 376 1.14 -33.09 17.98
CA LEU A 376 1.84 -32.52 16.83
C LEU A 376 1.27 -33.05 15.54
N GLY A 377 1.12 -32.17 14.52
CA GLY A 377 0.69 -32.60 13.19
C GLY A 377 1.50 -31.89 12.10
N LEU A 378 2.18 -32.67 11.23
CA LEU A 378 3.02 -32.09 10.19
C LEU A 378 2.87 -32.83 8.87
N ASN A 379 1.75 -33.56 8.66
CA ASN A 379 1.71 -34.31 7.42
C ASN A 379 1.20 -33.44 6.26
N ASP A 380 1.45 -33.97 5.06
CA ASP A 380 0.82 -33.58 3.82
C ASP A 380 1.26 -32.16 3.44
N GLN A 381 2.53 -31.83 3.61
CA GLN A 381 3.06 -30.57 3.08
C GLN A 381 3.11 -30.67 1.56
N ALA A 382 3.14 -29.53 0.84
CA ALA A 382 3.25 -29.58 -0.59
C ALA A 382 3.69 -28.22 -1.13
N TRP A 383 4.71 -28.22 -2.00
CA TRP A 383 5.06 -27.01 -2.69
C TRP A 383 5.56 -27.30 -4.10
N THR A 384 5.63 -26.22 -4.87
CA THR A 384 6.10 -26.23 -6.25
C THR A 384 7.31 -25.30 -6.34
N ASN A 385 8.47 -25.83 -6.77
CA ASN A 385 9.63 -24.98 -7.00
C ASN A 385 9.37 -24.03 -8.17
N ALA A 386 10.23 -23.00 -8.25
CA ALA A 386 10.26 -22.15 -9.43
C ALA A 386 10.64 -23.03 -10.62
N PRO A 387 10.05 -22.79 -11.83
CA PRO A 387 10.37 -23.60 -13.00
C PRO A 387 11.86 -23.57 -13.34
N VAL A 388 12.41 -24.69 -13.85
CA VAL A 388 13.73 -24.68 -14.51
C VAL A 388 13.54 -25.15 -15.97
N ASN A 389 14.49 -24.79 -16.85
CA ASN A 389 14.46 -25.21 -18.24
C ASN A 389 14.72 -26.71 -18.36
N TYR A 390 13.86 -27.39 -19.15
CA TYR A 390 14.02 -28.81 -19.42
C TYR A 390 15.37 -29.05 -20.11
N LYS A 391 16.11 -30.05 -19.61
CA LYS A 391 17.16 -30.75 -20.33
C LYS A 391 17.10 -32.22 -19.90
N ALA A 392 17.90 -33.08 -20.53
CA ALA A 392 17.76 -34.52 -20.34
C ALA A 392 18.24 -34.92 -18.95
N ASN A 393 19.22 -34.19 -18.42
CA ASN A 393 19.78 -34.44 -17.10
C ASN A 393 19.47 -33.25 -16.20
N VAL A 394 18.34 -33.28 -15.48
CA VAL A 394 18.04 -32.26 -14.47
C VAL A 394 18.39 -32.79 -13.08
N SER A 395 19.07 -31.97 -12.26
CA SER A 395 19.21 -32.25 -10.84
C SER A 395 18.83 -31.04 -9.99
N ILE A 396 18.17 -31.31 -8.86
CA ILE A 396 17.81 -30.29 -7.90
C ILE A 396 18.25 -30.74 -6.51
N PRO A 397 18.59 -29.74 -5.65
CA PRO A 397 18.91 -30.03 -4.25
C PRO A 397 17.66 -30.45 -3.43
N ASN A 398 17.88 -31.38 -2.49
CA ASN A 398 16.93 -31.72 -1.44
C ASN A 398 17.05 -30.66 -0.35
N THR A 399 15.94 -29.99 0.02
CA THR A 399 15.98 -28.96 1.08
C THR A 399 15.20 -29.40 2.33
N VAL A 400 14.68 -30.64 2.33
CA VAL A 400 13.85 -31.14 3.41
C VAL A 400 14.68 -31.55 4.62
N LYS A 401 14.47 -30.86 5.76
CA LYS A 401 15.23 -31.08 6.99
C LYS A 401 14.32 -31.43 8.18
N ASN A 402 14.71 -32.46 8.93
CA ASN A 402 14.00 -32.82 10.15
C ASN A 402 14.46 -31.87 11.26
N VAL A 403 13.95 -32.11 12.48
CA VAL A 403 14.12 -31.22 13.62
C VAL A 403 15.61 -31.12 14.02
N THR A 404 16.38 -32.17 13.69
CA THR A 404 17.80 -32.31 13.93
C THR A 404 18.64 -31.46 13.00
N GLY A 405 18.11 -31.10 11.82
CA GLY A 405 18.89 -30.43 10.78
C GLY A 405 19.39 -31.39 9.69
N ALA A 406 19.13 -32.70 9.87
CA ALA A 406 19.53 -33.72 8.90
C ALA A 406 18.59 -33.71 7.70
N LEU A 407 19.14 -33.84 6.48
CA LEU A 407 18.29 -33.94 5.31
C LEU A 407 17.50 -35.24 5.39
N ILE A 408 16.25 -35.21 4.88
CA ILE A 408 15.39 -36.36 4.81
C ILE A 408 15.39 -36.84 3.36
N ALA A 409 15.79 -38.11 3.19
CA ALA A 409 15.92 -38.71 1.87
C ALA A 409 14.52 -38.86 1.30
N PRO A 410 14.31 -38.53 0.00
CA PRO A 410 13.05 -38.79 -0.67
C PRO A 410 12.60 -40.22 -0.41
N ALA A 411 11.27 -40.41 -0.27
CA ALA A 411 10.65 -41.72 -0.16
C ALA A 411 10.30 -42.23 -1.57
N THR A 412 9.85 -41.35 -2.46
CA THR A 412 9.59 -41.68 -3.86
C THR A 412 10.08 -40.57 -4.77
N ILE A 413 10.53 -40.93 -5.98
CA ILE A 413 10.98 -39.98 -6.99
C ILE A 413 10.33 -40.36 -8.32
N SER A 414 9.66 -39.38 -8.94
CA SER A 414 8.95 -39.55 -10.20
C SER A 414 9.95 -39.88 -11.31
N ASP A 415 9.41 -40.45 -12.41
CA ASP A 415 10.10 -40.58 -13.69
C ASP A 415 11.43 -41.31 -13.50
N GLY A 416 11.47 -42.27 -12.57
CA GLY A 416 12.62 -43.12 -12.32
C GLY A 416 13.85 -42.39 -11.80
N GLY A 417 13.72 -41.16 -11.29
CA GLY A 417 14.90 -40.44 -10.81
C GLY A 417 15.51 -41.10 -9.56
N SER A 418 16.71 -40.64 -9.14
CA SER A 418 17.41 -41.22 -8.00
C SER A 418 18.04 -40.13 -7.11
N TYR A 419 18.53 -40.55 -5.92
CA TYR A 419 19.02 -39.65 -4.87
C TYR A 419 20.45 -40.00 -4.47
N THR A 420 21.33 -38.98 -4.49
CA THR A 420 22.64 -39.06 -3.89
C THR A 420 22.86 -37.77 -3.10
N GLU A 421 22.80 -37.89 -1.77
CA GLU A 421 22.75 -36.72 -0.90
C GLU A 421 23.82 -35.72 -1.35
N PRO A 422 23.52 -34.41 -1.55
CA PRO A 422 22.18 -33.84 -1.34
C PRO A 422 21.23 -33.69 -2.54
N ASP A 423 21.50 -34.39 -3.65
CA ASP A 423 20.93 -34.03 -4.95
C ASP A 423 20.01 -35.13 -5.45
N ILE A 424 18.91 -34.68 -6.10
CA ILE A 424 18.00 -35.57 -6.79
C ILE A 424 18.24 -35.38 -8.27
N THR A 425 18.40 -36.50 -9.00
CA THR A 425 18.79 -36.47 -10.40
C THR A 425 17.81 -37.29 -11.22
N TRP A 426 17.35 -36.70 -12.32
CA TRP A 426 16.56 -37.40 -13.33
C TRP A 426 17.38 -37.52 -14.63
N ASN A 427 17.09 -38.60 -15.36
CA ASN A 427 17.51 -38.78 -16.72
C ASN A 427 16.26 -38.91 -17.59
N LEU A 428 15.92 -37.84 -18.32
CA LEU A 428 14.64 -37.76 -19.02
C LEU A 428 14.84 -37.97 -20.51
N PRO A 429 14.28 -39.07 -21.09
CA PRO A 429 14.37 -39.33 -22.53
C PRO A 429 13.95 -38.12 -23.36
N SER A 430 12.80 -37.52 -23.03
CA SER A 430 12.27 -36.36 -23.76
C SER A 430 11.43 -35.47 -22.86
N TYR A 431 10.95 -34.34 -23.43
CA TYR A 431 10.27 -33.32 -22.65
C TYR A 431 9.13 -33.92 -21.82
N THR A 432 9.09 -33.47 -20.54
CA THR A 432 7.97 -33.67 -19.64
C THR A 432 7.82 -32.35 -18.90
N ASN A 433 6.57 -31.98 -18.56
CA ASN A 433 6.33 -30.62 -18.10
C ASN A 433 6.54 -30.46 -16.59
N GLU A 434 6.89 -31.57 -15.90
CA GLU A 434 7.24 -31.52 -14.48
C GLU A 434 7.83 -32.86 -14.02
N VAL A 435 8.64 -32.80 -12.96
CA VAL A 435 8.96 -33.96 -12.14
C VAL A 435 8.62 -33.66 -10.69
N SER A 436 8.66 -34.69 -9.83
CA SER A 436 8.30 -34.54 -8.42
C SER A 436 8.97 -35.60 -7.56
N TYR A 437 8.97 -35.37 -6.25
CA TYR A 437 9.36 -36.36 -5.26
C TYR A 437 8.49 -36.22 -4.02
N THR A 438 8.45 -37.28 -3.20
CA THR A 438 7.80 -37.24 -1.91
C THR A 438 8.81 -37.53 -0.81
N PHE A 439 8.43 -37.17 0.42
CA PHE A 439 9.17 -37.52 1.61
C PHE A 439 8.18 -37.94 2.69
N SER A 440 8.62 -38.80 3.62
CA SER A 440 7.77 -39.30 4.70
C SER A 440 8.65 -39.82 5.83
N GLN A 441 8.62 -39.15 6.97
CA GLN A 441 9.49 -39.45 8.10
C GLN A 441 8.73 -39.24 9.41
N PRO A 442 8.69 -40.23 10.33
CA PRO A 442 8.24 -39.97 11.71
C PRO A 442 9.10 -38.94 12.44
N VAL A 443 8.46 -38.02 13.19
CA VAL A 443 9.20 -37.03 13.96
C VAL A 443 8.55 -36.87 15.33
N THR A 444 9.39 -36.67 16.35
CA THR A 444 8.98 -36.43 17.72
C THR A 444 9.53 -35.08 18.16
N ILE A 445 8.67 -34.20 18.69
CA ILE A 445 9.08 -32.96 19.34
C ILE A 445 8.41 -32.96 20.70
N GLY A 446 9.19 -32.87 21.77
CA GLY A 446 8.70 -33.13 23.11
C GLY A 446 8.16 -34.55 23.22
N LYS A 447 6.84 -34.68 23.42
CA LYS A 447 6.17 -35.99 23.47
C LYS A 447 5.13 -36.11 22.37
N GLY A 448 5.19 -35.20 21.39
CA GLY A 448 4.26 -35.24 20.26
C GLY A 448 4.92 -35.93 19.07
N THR A 449 4.20 -36.90 18.48
CA THR A 449 4.68 -37.68 17.34
C THR A 449 3.76 -37.44 16.15
N THR A 450 4.35 -37.36 14.93
CA THR A 450 3.62 -37.15 13.69
C THR A 450 4.43 -37.76 12.56
N THR A 451 3.82 -37.83 11.35
CA THR A 451 4.56 -38.02 10.12
C THR A 451 4.77 -36.65 9.45
N PHE A 452 6.04 -36.28 9.25
CA PHE A 452 6.40 -35.17 8.40
C PHE A 452 6.51 -35.70 6.98
N SER A 453 5.53 -35.36 6.15
CA SER A 453 5.44 -35.88 4.80
C SER A 453 5.06 -34.76 3.86
N GLY A 454 5.29 -34.99 2.55
CA GLY A 454 5.03 -33.95 1.56
C GLY A 454 5.37 -34.36 0.14
N THR A 455 4.93 -33.54 -0.82
CA THR A 455 5.18 -33.71 -2.25
C THR A 455 5.74 -32.40 -2.78
N VAL A 456 6.89 -32.51 -3.44
CA VAL A 456 7.57 -31.39 -4.05
C VAL A 456 7.49 -31.52 -5.56
N THR A 457 6.99 -30.49 -6.23
CA THR A 457 6.76 -30.47 -7.67
C THR A 457 7.79 -29.53 -8.30
N GLN A 458 8.48 -30.02 -9.35
CA GLN A 458 9.46 -29.24 -10.11
C GLN A 458 8.94 -29.05 -11.53
N PRO A 459 8.35 -27.87 -11.87
CA PRO A 459 7.93 -27.59 -13.24
C PRO A 459 9.16 -27.44 -14.13
N LEU A 460 9.01 -27.88 -15.40
CA LEU A 460 10.06 -27.85 -16.41
C LEU A 460 9.55 -27.08 -17.61
N LYS A 461 10.27 -26.01 -18.03
CA LYS A 461 9.90 -25.21 -19.19
C LYS A 461 10.54 -25.78 -20.47
N ALA A 462 9.69 -25.86 -21.52
CA ALA A 462 10.11 -26.15 -22.89
C ALA A 462 10.81 -24.92 -23.49
N VAL B 2 -29.77 -35.05 8.35
CA VAL B 2 -28.43 -35.02 7.67
C VAL B 2 -28.15 -36.37 6.97
N GLN B 3 -28.38 -36.46 5.65
CA GLN B 3 -28.27 -37.73 4.91
C GLN B 3 -27.28 -37.58 3.76
N LEU B 4 -26.27 -38.46 3.70
CA LEU B 4 -25.26 -38.45 2.65
C LEU B 4 -25.34 -39.75 1.84
N VAL B 5 -25.20 -39.64 0.50
CA VAL B 5 -25.28 -40.78 -0.40
C VAL B 5 -24.11 -40.72 -1.39
N GLU B 6 -23.21 -41.71 -1.30
CA GLU B 6 -22.11 -41.83 -2.26
C GLU B 6 -22.55 -42.65 -3.48
N SER B 7 -22.07 -42.26 -4.67
CA SER B 7 -22.23 -43.02 -5.92
C SER B 7 -21.02 -42.77 -6.82
N GLY B 8 -20.90 -43.56 -7.91
CA GLY B 8 -19.88 -43.37 -8.95
C GLY B 8 -18.72 -44.37 -8.88
N GLY B 9 -18.72 -45.25 -7.88
CA GLY B 9 -17.73 -46.30 -7.76
C GLY B 9 -17.87 -47.35 -8.86
N GLY B 10 -16.79 -48.08 -9.10
CA GLY B 10 -16.76 -49.09 -10.14
C GLY B 10 -15.38 -49.71 -10.26
N LEU B 11 -15.28 -50.66 -11.20
CA LEU B 11 -14.06 -51.33 -11.57
C LEU B 11 -13.40 -50.53 -12.69
N VAL B 12 -12.07 -50.30 -12.59
CA VAL B 12 -11.33 -49.40 -13.47
C VAL B 12 -9.92 -49.93 -13.65
N GLN B 13 -9.31 -49.59 -14.80
CA GLN B 13 -8.00 -50.08 -15.20
C GLN B 13 -6.95 -49.20 -14.54
N PRO B 14 -5.77 -49.70 -14.10
CA PRO B 14 -4.70 -48.84 -13.59
C PRO B 14 -4.46 -47.73 -14.59
N GLY B 15 -4.38 -46.47 -14.10
CA GLY B 15 -4.18 -45.31 -14.95
C GLY B 15 -5.50 -44.63 -15.33
N GLY B 16 -6.63 -45.28 -15.08
CA GLY B 16 -7.93 -44.73 -15.45
C GLY B 16 -8.47 -43.69 -14.46
N SER B 17 -9.69 -43.21 -14.75
CA SER B 17 -10.34 -42.11 -14.08
C SER B 17 -11.73 -42.55 -13.61
N LEU B 18 -12.19 -41.95 -12.50
CA LEU B 18 -13.51 -42.20 -11.95
C LEU B 18 -13.97 -40.94 -11.20
N ARG B 19 -15.26 -40.64 -11.25
CA ARG B 19 -15.76 -39.50 -10.49
C ARG B 19 -16.83 -39.96 -9.49
N LEU B 20 -16.57 -39.68 -8.21
CA LEU B 20 -17.49 -40.00 -7.11
C LEU B 20 -18.37 -38.78 -6.82
N SER B 21 -19.59 -39.03 -6.37
CA SER B 21 -20.49 -37.98 -5.93
C SER B 21 -20.99 -38.30 -4.52
N CYS B 22 -21.03 -37.24 -3.69
CA CYS B 22 -21.57 -37.24 -2.34
C CYS B 22 -22.76 -36.30 -2.33
N ALA B 23 -23.95 -36.89 -2.44
CA ALA B 23 -25.20 -36.17 -2.54
C ALA B 23 -25.78 -36.01 -1.14
N ALA B 24 -26.02 -34.74 -0.75
CA ALA B 24 -26.49 -34.42 0.58
C ALA B 24 -27.94 -33.98 0.52
N SER B 25 -28.74 -34.45 1.49
CA SER B 25 -30.12 -34.00 1.60
C SER B 25 -30.44 -33.74 3.08
N GLY B 26 -31.27 -32.72 3.33
CA GLY B 26 -31.82 -32.44 4.66
C GLY B 26 -31.06 -31.35 5.42
N PHE B 27 -30.19 -30.57 4.75
CA PHE B 27 -29.38 -29.54 5.40
C PHE B 27 -28.56 -28.81 4.35
N THR B 28 -28.17 -27.56 4.65
CA THR B 28 -27.32 -26.79 3.75
C THR B 28 -25.88 -27.28 3.89
N LEU B 29 -25.24 -27.59 2.77
CA LEU B 29 -23.84 -28.01 2.81
C LEU B 29 -22.93 -26.86 3.23
N ASP B 30 -23.37 -25.60 3.10
CA ASP B 30 -22.62 -24.41 3.52
C ASP B 30 -22.26 -24.44 5.02
N ARG B 31 -23.02 -25.16 5.84
CA ARG B 31 -22.80 -25.23 7.29
C ARG B 31 -21.73 -26.25 7.69
N TYR B 32 -21.21 -27.03 6.72
CA TYR B 32 -20.36 -28.18 7.00
C TYR B 32 -19.09 -28.12 6.16
N ALA B 33 -18.00 -28.65 6.72
CA ALA B 33 -16.90 -29.15 5.90
C ALA B 33 -17.25 -30.58 5.50
N ILE B 34 -16.86 -30.94 4.27
CA ILE B 34 -17.24 -32.20 3.67
C ILE B 34 -15.96 -32.93 3.32
N GLY B 35 -15.91 -34.19 3.71
CA GLY B 35 -14.71 -35.01 3.58
C GLY B 35 -15.00 -36.31 2.86
N TRP B 36 -14.03 -36.72 2.05
CA TRP B 36 -13.97 -38.04 1.45
C TRP B 36 -12.95 -38.86 2.21
N PHE B 37 -13.36 -40.08 2.59
CA PHE B 37 -12.54 -41.03 3.30
C PHE B 37 -12.56 -42.35 2.54
N ARG B 38 -11.68 -43.25 2.88
CA ARG B 38 -11.77 -44.57 2.28
C ARG B 38 -11.24 -45.63 3.23
N GLN B 39 -11.68 -46.87 3.00
CA GLN B 39 -11.27 -47.99 3.82
C GLN B 39 -11.06 -49.21 2.94
N ALA B 40 -9.84 -49.74 2.97
CA ALA B 40 -9.46 -50.94 2.22
C ALA B 40 -9.60 -52.15 3.13
N PRO B 41 -9.62 -53.39 2.59
CA PRO B 41 -9.75 -54.60 3.43
C PRO B 41 -8.68 -54.69 4.50
N GLY B 42 -9.15 -54.88 5.74
CA GLY B 42 -8.27 -55.06 6.90
C GLY B 42 -7.44 -53.81 7.24
N LYS B 43 -7.85 -52.61 6.78
CA LYS B 43 -7.14 -51.39 7.10
C LYS B 43 -8.07 -50.39 7.80
N GLU B 44 -7.48 -49.37 8.44
CA GLU B 44 -8.24 -48.27 9.03
C GLU B 44 -8.87 -47.37 7.96
N ARG B 45 -10.03 -46.79 8.27
CA ARG B 45 -10.63 -45.77 7.41
C ARG B 45 -9.76 -44.53 7.51
N GLU B 46 -9.42 -43.92 6.37
CA GLU B 46 -8.42 -42.86 6.33
C GLU B 46 -8.95 -41.71 5.46
N GLY B 47 -8.51 -40.49 5.79
CA GLY B 47 -8.99 -39.34 5.05
C GLY B 47 -8.36 -39.26 3.69
N VAL B 48 -9.11 -38.83 2.68
CA VAL B 48 -8.60 -38.68 1.33
C VAL B 48 -8.57 -37.19 0.94
N SER B 49 -9.69 -36.50 1.14
CA SER B 49 -9.78 -35.09 0.76
C SER B 49 -10.89 -34.40 1.54
N VAL B 50 -10.74 -33.09 1.76
CA VAL B 50 -11.72 -32.26 2.45
C VAL B 50 -11.94 -30.95 1.71
N ILE B 51 -13.19 -30.49 1.67
CA ILE B 51 -13.51 -29.14 1.21
C ILE B 51 -14.32 -28.42 2.29
N SER B 52 -13.92 -27.18 2.60
CA SER B 52 -14.66 -26.32 3.51
C SER B 52 -14.80 -24.97 2.82
N ASP B 53 -16.03 -24.61 2.41
CA ASP B 53 -16.27 -23.49 1.52
C ASP B 53 -15.55 -23.81 0.21
N THR B 54 -14.50 -23.04 -0.17
CA THR B 54 -13.77 -23.25 -1.43
C THR B 54 -12.36 -23.77 -1.16
N ILE B 55 -11.95 -23.88 0.11
CA ILE B 55 -10.62 -24.37 0.46
C ILE B 55 -10.63 -25.91 0.61
N THR B 56 -9.61 -26.54 0.00
CA THR B 56 -9.50 -27.96 -0.19
C THR B 56 -8.20 -28.50 0.42
N ALA B 57 -8.19 -29.80 0.75
CA ALA B 57 -7.02 -30.49 1.27
C ALA B 57 -7.04 -31.95 0.76
N TYR B 58 -5.85 -32.55 0.66
CA TYR B 58 -5.66 -33.86 0.05
C TYR B 58 -4.59 -34.63 0.81
N ARG B 59 -4.80 -35.93 1.05
CA ARG B 59 -3.71 -36.74 1.59
C ARG B 59 -2.57 -36.75 0.55
N ASN B 60 -1.33 -36.89 1.03
CA ASN B 60 -0.15 -36.87 0.18
C ASN B 60 -0.32 -37.84 -0.99
N SER B 61 -0.72 -39.10 -0.73
CA SER B 61 -0.67 -40.14 -1.76
C SER B 61 -1.63 -39.85 -2.92
N VAL B 62 -2.51 -38.83 -2.80
CA VAL B 62 -3.42 -38.51 -3.90
C VAL B 62 -3.21 -37.09 -4.44
N LYS B 63 -2.23 -36.34 -3.91
CA LYS B 63 -2.00 -34.96 -4.38
C LYS B 63 -1.64 -34.99 -5.85
N GLY B 64 -2.25 -34.08 -6.64
CA GLY B 64 -1.98 -33.99 -8.07
C GLY B 64 -2.91 -34.87 -8.90
N ARG B 65 -3.49 -35.93 -8.30
CA ARG B 65 -4.31 -36.91 -9.02
C ARG B 65 -5.80 -36.70 -8.78
N PHE B 66 -6.18 -36.31 -7.55
CA PHE B 66 -7.59 -36.20 -7.17
C PHE B 66 -7.95 -34.72 -6.99
N THR B 67 -9.22 -34.36 -7.28
CA THR B 67 -9.75 -33.02 -7.11
C THR B 67 -11.15 -33.10 -6.49
N ILE B 68 -11.36 -32.39 -5.37
CA ILE B 68 -12.65 -32.29 -4.70
C ILE B 68 -13.27 -30.96 -5.10
N SER B 69 -14.60 -30.94 -5.28
CA SER B 69 -15.29 -29.76 -5.77
C SER B 69 -16.74 -29.87 -5.31
N ARG B 70 -17.52 -28.80 -5.44
CA ARG B 70 -18.92 -28.81 -5.03
C ARG B 70 -19.76 -28.16 -6.14
N ASP B 71 -20.99 -28.65 -6.31
CA ASP B 71 -22.05 -27.92 -6.99
C ASP B 71 -23.04 -27.55 -5.90
N ASN B 72 -23.12 -26.25 -5.56
CA ASN B 72 -23.99 -25.75 -4.49
C ASN B 72 -25.46 -25.90 -4.88
N ALA B 73 -25.77 -25.59 -6.16
CA ALA B 73 -27.07 -25.84 -6.76
C ALA B 73 -27.55 -27.26 -6.47
N LYS B 74 -26.68 -28.27 -6.63
CA LYS B 74 -27.09 -29.66 -6.54
C LYS B 74 -26.90 -30.22 -5.12
N ASN B 75 -26.25 -29.49 -4.22
CA ASN B 75 -26.05 -29.95 -2.84
C ASN B 75 -25.23 -31.27 -2.89
N THR B 76 -24.15 -31.23 -3.69
CA THR B 76 -23.35 -32.40 -4.01
C THR B 76 -21.88 -32.03 -4.01
N VAL B 77 -21.05 -32.94 -3.47
CA VAL B 77 -19.60 -32.81 -3.47
C VAL B 77 -19.02 -33.97 -4.27
N TYR B 78 -18.04 -33.66 -5.14
CA TYR B 78 -17.53 -34.59 -6.13
C TYR B 78 -16.07 -34.86 -5.80
N LEU B 79 -15.60 -36.09 -6.08
CA LEU B 79 -14.18 -36.41 -6.03
C LEU B 79 -13.74 -36.97 -7.41
N GLN B 80 -12.99 -36.15 -8.16
CA GLN B 80 -12.43 -36.54 -9.45
C GLN B 80 -11.15 -37.31 -9.18
N MET B 81 -11.11 -38.57 -9.57
CA MET B 81 -9.95 -39.40 -9.32
C MET B 81 -9.32 -39.76 -10.65
N ASN B 82 -8.11 -39.27 -10.90
CA ASN B 82 -7.37 -39.57 -12.12
C ASN B 82 -6.15 -40.42 -11.79
N ARG B 83 -5.60 -41.10 -12.81
CA ARG B 83 -4.40 -41.89 -12.68
C ARG B 83 -4.46 -42.84 -11.49
N LEU B 84 -5.57 -43.58 -11.44
CA LEU B 84 -5.86 -44.47 -10.34
C LEU B 84 -4.85 -45.62 -10.29
N LYS B 85 -4.49 -46.00 -9.05
CA LYS B 85 -3.52 -47.05 -8.80
C LYS B 85 -4.16 -48.15 -7.97
N PRO B 86 -3.56 -49.37 -7.90
CA PRO B 86 -4.11 -50.43 -7.04
C PRO B 86 -4.25 -50.01 -5.57
N GLU B 87 -3.35 -49.13 -5.09
CA GLU B 87 -3.38 -48.69 -3.71
C GLU B 87 -4.64 -47.83 -3.42
N ASP B 88 -5.38 -47.37 -4.45
CA ASP B 88 -6.57 -46.55 -4.30
C ASP B 88 -7.85 -47.38 -4.19
N THR B 89 -7.74 -48.70 -4.34
CA THR B 89 -8.83 -49.65 -4.14
C THR B 89 -9.31 -49.57 -2.69
N ALA B 90 -10.62 -49.37 -2.52
CA ALA B 90 -11.22 -49.20 -1.21
C ALA B 90 -12.70 -48.87 -1.38
N ILE B 91 -13.48 -48.98 -0.30
CA ILE B 91 -14.80 -48.36 -0.24
C ILE B 91 -14.60 -46.90 0.17
N TYR B 92 -15.18 -45.98 -0.60
CA TYR B 92 -15.05 -44.55 -0.38
C TYR B 92 -16.30 -44.02 0.31
N TYR B 93 -16.12 -43.26 1.38
CA TYR B 93 -17.21 -42.73 2.21
C TYR B 93 -17.12 -41.21 2.23
N CYS B 94 -18.26 -40.53 2.27
CA CYS B 94 -18.23 -39.11 2.61
C CYS B 94 -18.89 -38.90 3.97
N ALA B 95 -18.49 -37.79 4.59
CA ALA B 95 -18.95 -37.38 5.90
C ALA B 95 -18.84 -35.86 5.99
N VAL B 96 -19.43 -35.31 7.06
CA VAL B 96 -19.38 -33.88 7.31
C VAL B 96 -19.01 -33.63 8.77
N ARG B 97 -18.53 -32.40 9.00
CA ARG B 97 -18.35 -31.87 10.33
C ARG B 97 -18.84 -30.42 10.33
N ASP B 98 -19.39 -30.00 11.47
CA ASP B 98 -19.96 -28.68 11.69
C ASP B 98 -18.83 -27.65 11.67
N ARG B 99 -18.89 -26.68 10.74
CA ARG B 99 -17.86 -25.65 10.63
C ARG B 99 -17.90 -24.66 11.80
N GLY B 100 -18.85 -24.79 12.72
CA GLY B 100 -18.96 -23.90 13.87
C GLY B 100 -18.13 -24.33 15.06
N ARG B 101 -17.51 -25.53 14.93
CA ARG B 101 -16.60 -26.04 15.94
C ARG B 101 -15.14 -25.86 15.49
N VAL B 102 -14.21 -26.18 16.42
CA VAL B 102 -12.79 -26.27 16.09
C VAL B 102 -12.32 -27.73 16.18
N TYR B 103 -11.44 -28.07 15.24
CA TYR B 103 -10.87 -29.39 15.08
C TYR B 103 -9.35 -29.23 14.98
N SER B 104 -8.62 -30.21 15.55
CA SER B 104 -7.18 -30.19 15.67
C SER B 104 -6.49 -30.70 14.40
N SER B 105 -7.27 -31.24 13.43
CA SER B 105 -6.68 -31.76 12.22
C SER B 105 -7.70 -31.78 11.09
N THR B 106 -7.20 -31.93 9.85
CA THR B 106 -8.04 -31.91 8.67
C THR B 106 -9.12 -33.01 8.71
N TRP B 107 -8.81 -34.16 9.36
CA TRP B 107 -9.61 -35.37 9.24
C TRP B 107 -10.43 -35.68 10.49
N SER B 108 -10.32 -34.85 11.54
CA SER B 108 -10.95 -35.16 12.80
C SER B 108 -12.38 -34.64 12.81
N GLY B 109 -13.28 -35.40 13.47
CA GLY B 109 -14.60 -34.92 13.83
C GLY B 109 -15.69 -35.24 12.82
N PHE B 110 -15.37 -35.98 11.75
CA PHE B 110 -16.35 -36.22 10.69
C PHE B 110 -17.32 -37.29 11.16
N GLY B 111 -18.55 -37.18 10.65
CA GLY B 111 -19.64 -38.10 10.98
C GLY B 111 -20.73 -38.01 9.91
N SER B 112 -21.88 -38.66 10.18
CA SER B 112 -23.01 -38.79 9.26
C SER B 112 -22.62 -39.56 8.00
N TRP B 113 -21.69 -40.50 8.16
CA TRP B 113 -21.17 -41.32 7.06
C TRP B 113 -22.28 -41.88 6.17
N GLY B 114 -22.05 -41.88 4.85
CA GLY B 114 -22.93 -42.59 3.94
C GLY B 114 -22.64 -44.10 3.93
N GLN B 115 -23.34 -44.81 3.03
CA GLN B 115 -23.23 -46.26 2.87
C GLN B 115 -21.90 -46.64 2.22
N GLY B 116 -21.36 -45.72 1.42
CA GLY B 116 -20.09 -45.97 0.73
C GLY B 116 -20.30 -46.42 -0.70
N THR B 117 -19.22 -46.36 -1.50
CA THR B 117 -19.20 -46.76 -2.90
C THR B 117 -17.87 -47.46 -3.16
N GLN B 118 -17.93 -48.68 -3.71
CA GLN B 118 -16.75 -49.52 -3.93
C GLN B 118 -15.98 -49.01 -5.16
N VAL B 119 -14.68 -48.74 -4.95
CA VAL B 119 -13.73 -48.43 -6.00
C VAL B 119 -12.71 -49.57 -6.04
N THR B 120 -12.58 -50.22 -7.22
CA THR B 120 -11.68 -51.35 -7.43
C THR B 120 -10.77 -51.05 -8.63
N ILE B 121 -9.44 -51.06 -8.42
CA ILE B 121 -8.48 -50.91 -9.51
C ILE B 121 -7.81 -52.27 -9.74
N SER B 122 -8.08 -52.92 -10.92
CA SER B 122 -7.51 -54.23 -11.26
C SER B 122 -5.99 -54.12 -11.51
N ALA C 2 4.93 28.25 -52.39
CA ALA C 2 4.09 29.44 -52.65
C ALA C 2 5.00 30.62 -53.01
N THR C 3 4.38 31.80 -53.19
CA THR C 3 5.01 32.99 -53.74
C THR C 3 4.32 34.29 -53.22
N ILE C 4 5.10 35.22 -52.63
CA ILE C 4 4.71 36.63 -52.48
C ILE C 4 5.85 37.50 -53.01
N THR C 5 5.66 38.15 -54.19
CA THR C 5 6.55 39.23 -54.64
C THR C 5 5.94 40.59 -54.26
N GLN C 6 4.94 40.58 -53.34
CA GLN C 6 4.73 41.66 -52.38
C GLN C 6 5.85 41.51 -51.34
N ASP C 7 6.70 42.53 -51.10
CA ASP C 7 7.76 42.47 -50.10
C ASP C 7 7.17 42.63 -48.69
N THR C 8 6.99 41.52 -47.95
CA THR C 8 6.21 41.50 -46.71
C THR C 8 7.16 41.66 -45.51
N PRO C 9 6.70 42.18 -44.33
CA PRO C 9 7.44 42.02 -43.07
C PRO C 9 7.64 40.58 -42.61
N ILE C 10 8.83 40.30 -42.07
CA ILE C 10 9.26 38.96 -41.66
C ILE C 10 8.20 38.29 -40.78
N ASN C 11 7.57 39.04 -39.86
CA ASN C 11 6.68 38.48 -38.85
C ASN C 11 5.24 38.31 -39.35
N GLN C 12 4.97 38.59 -40.63
CA GLN C 12 3.67 38.33 -41.23
C GLN C 12 3.74 37.08 -42.11
N ILE C 13 4.97 36.69 -42.52
CA ILE C 13 5.26 35.42 -43.18
C ILE C 13 5.37 34.31 -42.15
N PHE C 14 6.35 34.45 -41.22
CA PHE C 14 6.60 33.54 -40.10
C PHE C 14 5.82 34.03 -38.87
N THR C 15 4.58 33.55 -38.73
CA THR C 15 3.62 34.00 -37.71
C THR C 15 4.02 33.54 -36.31
N ASP C 16 4.88 32.51 -36.21
CA ASP C 16 5.37 32.04 -34.92
C ASP C 16 6.50 32.96 -34.47
N THR C 17 6.40 33.46 -33.22
CA THR C 17 7.28 34.49 -32.69
C THR C 17 8.75 34.07 -32.64
N ALA C 18 8.98 32.81 -32.24
CA ALA C 18 10.33 32.28 -32.04
C ALA C 18 11.01 32.04 -33.38
N LEU C 19 10.21 31.65 -34.40
CA LEU C 19 10.72 31.41 -35.75
C LEU C 19 11.01 32.73 -36.47
N ALA C 20 10.10 33.72 -36.31
CA ALA C 20 10.30 35.08 -36.82
C ALA C 20 11.68 35.61 -36.42
N GLU C 21 12.04 35.43 -35.15
CA GLU C 21 13.28 35.89 -34.54
C GLU C 21 14.50 35.13 -35.10
N LYS C 22 14.33 33.81 -35.32
CA LYS C 22 15.35 32.97 -35.94
C LYS C 22 15.60 33.42 -37.40
N MET C 23 14.52 33.72 -38.12
CA MET C 23 14.60 34.00 -39.56
C MET C 23 15.21 35.38 -39.83
N LYS C 24 14.88 36.35 -38.95
CA LYS C 24 15.57 37.62 -38.86
C LYS C 24 17.09 37.42 -38.96
N THR C 25 17.67 36.56 -38.10
CA THR C 25 19.12 36.33 -38.05
C THR C 25 19.61 35.62 -39.32
N VAL C 26 18.83 34.66 -39.85
CA VAL C 26 19.22 33.93 -41.05
C VAL C 26 19.33 34.89 -42.23
N LEU C 27 18.40 35.87 -42.29
CA LEU C 27 18.26 36.77 -43.43
C LEU C 27 19.12 38.04 -43.30
N GLY C 28 19.87 38.17 -42.18
CA GLY C 28 20.78 39.28 -41.94
C GLY C 28 20.08 40.62 -41.68
N LYS C 29 18.89 40.58 -41.06
CA LYS C 29 18.11 41.78 -40.75
C LYS C 29 18.26 42.15 -39.28
N THR C 30 17.63 43.27 -38.88
CA THR C 30 17.80 43.91 -37.58
C THR C 30 16.54 43.77 -36.70
N ASN C 31 15.33 43.81 -37.31
CA ASN C 31 14.08 43.61 -36.57
C ASN C 31 13.20 42.58 -37.28
N VAL C 32 12.22 42.04 -36.53
CA VAL C 32 11.27 41.09 -37.08
C VAL C 32 10.16 41.83 -37.83
N THR C 33 10.21 43.17 -37.95
CA THR C 33 9.28 43.94 -38.78
C THR C 33 9.88 44.34 -40.13
N ASP C 34 11.23 44.29 -40.24
CA ASP C 34 11.91 44.54 -41.52
C ASP C 34 11.25 43.73 -42.63
N THR C 35 11.26 44.26 -43.87
CA THR C 35 10.66 43.56 -45.00
C THR C 35 11.76 42.81 -45.77
N VAL C 36 11.34 41.79 -46.55
CA VAL C 36 12.21 40.93 -47.35
C VAL C 36 11.51 40.57 -48.66
N SER C 37 12.31 40.29 -49.71
CA SER C 37 11.80 39.94 -51.03
C SER C 37 11.81 38.42 -51.22
N GLN C 38 11.05 37.92 -52.20
CA GLN C 38 11.06 36.52 -52.57
C GLN C 38 12.46 36.10 -53.04
N THR C 39 13.37 37.06 -53.27
CA THR C 39 14.76 36.77 -53.66
C THR C 39 15.66 36.53 -52.42
N ASP C 40 15.43 37.31 -51.35
CA ASP C 40 16.12 37.14 -50.09
C ASP C 40 15.84 35.74 -49.52
N LEU C 41 14.60 35.24 -49.77
CA LEU C 41 14.07 33.99 -49.24
C LEU C 41 14.60 32.77 -49.99
N ASP C 42 14.83 32.92 -51.30
CA ASP C 42 15.26 31.83 -52.14
C ASP C 42 16.76 31.59 -51.98
N GLN C 43 17.44 32.44 -51.18
CA GLN C 43 18.86 32.24 -50.86
C GLN C 43 19.06 31.11 -49.84
N VAL C 44 17.98 30.74 -49.11
CA VAL C 44 18.08 29.89 -47.92
C VAL C 44 17.87 28.42 -48.33
N THR C 45 18.96 27.63 -48.24
CA THR C 45 19.01 26.25 -48.68
C THR C 45 19.16 25.26 -47.53
N THR C 46 19.51 25.72 -46.31
CA THR C 46 19.47 24.88 -45.11
C THR C 46 18.91 25.71 -43.94
N LEU C 47 18.39 25.03 -42.91
CA LEU C 47 17.82 25.73 -41.77
C LEU C 47 17.92 24.88 -40.49
N GLN C 48 18.84 25.27 -39.58
CA GLN C 48 19.01 24.63 -38.28
C GLN C 48 18.20 25.40 -37.23
N ALA C 49 16.96 24.97 -36.96
CA ALA C 49 16.07 25.64 -36.01
C ALA C 49 15.59 24.69 -34.91
N ASP C 50 16.53 23.96 -34.27
CA ASP C 50 16.18 23.01 -33.22
C ASP C 50 16.16 23.69 -31.85
N ARG C 51 15.25 23.22 -30.99
CA ARG C 51 15.08 23.65 -29.60
C ARG C 51 14.98 25.18 -29.47
N LEU C 52 14.00 25.77 -30.16
CA LEU C 52 13.78 27.20 -30.18
C LEU C 52 12.36 27.51 -29.73
N GLY C 53 11.66 26.49 -29.22
CA GLY C 53 10.32 26.62 -28.71
C GLY C 53 9.28 26.98 -29.79
N ILE C 54 9.50 26.50 -31.02
CA ILE C 54 8.64 26.84 -32.14
C ILE C 54 7.36 26.00 -32.06
N LYS C 55 6.19 26.63 -32.28
CA LYS C 55 4.91 25.94 -32.22
C LYS C 55 4.28 25.75 -33.61
N SER C 56 4.75 26.53 -34.61
CA SER C 56 4.19 26.59 -35.96
C SER C 56 5.30 26.93 -36.96
N ILE C 57 5.27 26.26 -38.13
CA ILE C 57 6.25 26.56 -39.18
C ILE C 57 5.58 27.31 -40.34
N ASP C 58 4.40 27.93 -40.10
CA ASP C 58 3.81 28.83 -41.10
C ASP C 58 4.88 29.83 -41.53
N GLY C 59 5.10 29.93 -42.86
CA GLY C 59 6.09 30.80 -43.45
C GLY C 59 7.20 30.04 -44.19
N VAL C 60 7.36 28.76 -43.85
CA VAL C 60 8.45 27.94 -44.38
C VAL C 60 8.20 27.60 -45.86
N GLU C 61 6.91 27.58 -46.28
CA GLU C 61 6.50 27.26 -47.65
C GLU C 61 7.16 28.20 -48.67
N TYR C 62 7.61 29.39 -48.23
CA TYR C 62 8.17 30.41 -49.10
C TYR C 62 9.68 30.25 -49.29
N LEU C 63 10.33 29.33 -48.55
CA LEU C 63 11.76 29.11 -48.66
C LEU C 63 12.06 28.01 -49.69
N ASN C 64 11.83 28.28 -50.98
CA ASN C 64 11.51 27.25 -51.96
C ASN C 64 12.70 26.32 -52.19
N ASN C 65 13.91 26.83 -51.87
CA ASN C 65 15.15 26.15 -52.22
C ASN C 65 15.80 25.40 -51.04
N LEU C 66 15.01 25.08 -49.99
CA LEU C 66 15.48 24.29 -48.86
C LEU C 66 15.76 22.85 -49.31
N THR C 67 17.01 22.39 -49.08
CA THR C 67 17.44 21.01 -49.30
C THR C 67 17.52 20.23 -47.98
N GLN C 68 17.71 20.90 -46.83
CA GLN C 68 17.91 20.23 -45.55
C GLN C 68 17.35 21.07 -44.41
N ILE C 69 16.52 20.47 -43.54
CA ILE C 69 16.01 21.22 -42.39
C ILE C 69 16.18 20.40 -41.11
N ASN C 70 16.12 21.15 -39.98
CA ASN C 70 16.14 20.59 -38.63
C ASN C 70 15.18 21.38 -37.74
N PHE C 71 14.02 20.79 -37.40
CA PHE C 71 13.05 21.38 -36.49
C PHE C 71 12.80 20.44 -35.31
N SER C 72 13.85 19.67 -34.95
CA SER C 72 13.76 18.73 -33.85
C SER C 72 13.65 19.50 -32.53
N ASN C 73 12.99 18.89 -31.54
CA ASN C 73 12.96 19.39 -30.17
C ASN C 73 12.23 20.72 -30.11
N ASN C 74 11.07 20.80 -30.78
CA ASN C 74 10.18 21.96 -30.72
C ASN C 74 8.82 21.42 -30.28
N GLN C 75 7.72 22.12 -30.65
CA GLN C 75 6.38 21.73 -30.25
C GLN C 75 5.44 21.77 -31.45
N LEU C 76 5.93 21.22 -32.59
CA LEU C 76 5.20 21.21 -33.85
C LEU C 76 4.11 20.14 -33.77
N THR C 77 2.91 20.47 -34.29
CA THR C 77 1.86 19.49 -34.55
C THR C 77 1.59 19.44 -36.06
N ASP C 78 1.36 20.60 -36.67
CA ASP C 78 1.00 20.74 -38.06
C ASP C 78 2.25 21.00 -38.90
N ILE C 79 2.44 20.25 -39.99
CA ILE C 79 3.59 20.44 -40.86
C ILE C 79 3.20 20.73 -42.32
N THR C 80 1.99 21.29 -42.54
CA THR C 80 1.44 21.62 -43.86
C THR C 80 2.43 22.43 -44.72
N PRO C 81 3.05 23.51 -44.16
CA PRO C 81 4.04 24.30 -44.89
C PRO C 81 5.15 23.58 -45.68
N LEU C 82 5.37 22.29 -45.41
CA LEU C 82 6.41 21.49 -46.05
C LEU C 82 5.99 20.94 -47.41
N LYS C 83 4.65 20.83 -47.61
CA LYS C 83 4.01 20.09 -48.69
C LYS C 83 4.75 20.23 -50.04
N ASN C 84 5.25 21.45 -50.34
CA ASN C 84 5.66 21.84 -51.69
C ASN C 84 7.15 22.17 -51.78
N LEU C 85 7.92 21.83 -50.72
CA LEU C 85 9.36 22.07 -50.73
C LEU C 85 10.07 20.83 -51.27
N THR C 86 9.85 20.55 -52.56
CA THR C 86 10.13 19.23 -53.12
C THR C 86 11.63 19.07 -53.39
N LYS C 87 12.42 20.11 -53.07
CA LYS C 87 13.87 20.01 -53.08
C LYS C 87 14.46 19.48 -51.76
N LEU C 88 13.60 19.16 -50.77
CA LEU C 88 14.05 18.61 -49.50
C LEU C 88 14.55 17.18 -49.71
N VAL C 89 15.78 16.92 -49.20
CA VAL C 89 16.44 15.62 -49.22
C VAL C 89 16.61 15.08 -47.80
N ASP C 90 16.70 15.96 -46.78
CA ASP C 90 16.86 15.53 -45.39
C ASP C 90 15.96 16.36 -44.47
N ILE C 91 15.14 15.69 -43.65
CA ILE C 91 14.38 16.33 -42.58
C ILE C 91 14.73 15.70 -41.24
N LEU C 92 15.07 16.54 -40.25
CA LEU C 92 15.19 16.14 -38.85
C LEU C 92 14.06 16.81 -38.06
N MET C 93 13.11 16.02 -37.55
CA MET C 93 11.95 16.55 -36.83
C MET C 93 11.53 15.65 -35.66
N ASN C 94 12.51 14.99 -35.07
CA ASN C 94 12.31 14.17 -33.88
C ASN C 94 11.87 15.10 -32.75
N ASN C 95 11.14 14.58 -31.75
CA ASN C 95 10.90 15.29 -30.50
C ASN C 95 10.01 16.51 -30.73
N ASN C 96 8.85 16.25 -31.33
CA ASN C 96 7.77 17.20 -31.52
C ASN C 96 6.49 16.47 -31.11
N GLN C 97 5.33 16.94 -31.59
CA GLN C 97 4.04 16.33 -31.28
C GLN C 97 3.25 16.15 -32.57
N ILE C 98 3.96 15.69 -33.62
CA ILE C 98 3.42 15.52 -34.94
C ILE C 98 2.68 14.18 -34.96
N ALA C 99 1.41 14.22 -35.44
CA ALA C 99 0.57 13.05 -35.65
C ALA C 99 0.30 12.83 -37.15
N ASP C 100 0.14 13.92 -37.90
CA ASP C 100 -0.32 13.87 -39.29
C ASP C 100 0.87 14.22 -40.17
N ILE C 101 1.29 13.28 -41.02
CA ILE C 101 2.47 13.46 -41.86
C ILE C 101 2.11 13.44 -43.35
N THR C 102 0.81 13.64 -43.67
CA THR C 102 0.35 13.78 -45.05
C THR C 102 1.20 14.79 -45.84
N PRO C 103 1.57 15.97 -45.28
CA PRO C 103 2.44 16.91 -45.98
C PRO C 103 3.77 16.39 -46.52
N LEU C 104 4.19 15.18 -46.12
CA LEU C 104 5.44 14.60 -46.62
C LEU C 104 5.24 13.83 -47.93
N ALA C 105 3.98 13.57 -48.33
CA ALA C 105 3.63 12.49 -49.26
C ALA C 105 4.32 12.64 -50.63
N ASN C 106 4.64 13.90 -51.00
CA ASN C 106 5.12 14.29 -52.31
C ASN C 106 6.60 14.66 -52.33
N LEU C 107 7.30 14.58 -51.19
CA LEU C 107 8.69 15.01 -51.11
C LEU C 107 9.60 13.84 -51.51
N THR C 108 9.49 13.43 -52.78
CA THR C 108 10.04 12.15 -53.21
C THR C 108 11.57 12.23 -53.37
N ASN C 109 12.17 13.41 -53.19
CA ASN C 109 13.63 13.51 -53.22
C ASN C 109 14.28 13.24 -51.84
N LEU C 110 13.47 13.06 -50.77
CA LEU C 110 13.93 12.67 -49.43
C LEU C 110 14.73 11.37 -49.48
N THR C 111 15.99 11.48 -49.02
CA THR C 111 16.88 10.35 -48.73
C THR C 111 16.99 10.12 -47.22
N GLY C 112 16.68 11.15 -46.41
CA GLY C 112 16.79 11.05 -44.96
C GLY C 112 15.57 11.65 -44.27
N LEU C 113 14.92 10.88 -43.39
CA LEU C 113 13.79 11.40 -42.61
C LEU C 113 13.85 10.86 -41.19
N THR C 114 13.94 11.78 -40.21
CA THR C 114 14.07 11.45 -38.79
C THR C 114 12.88 12.02 -38.03
N LEU C 115 12.06 11.14 -37.44
CA LEU C 115 10.78 11.54 -36.85
C LEU C 115 10.50 10.84 -35.51
N PHE C 116 11.54 10.36 -34.82
CA PHE C 116 11.32 9.61 -33.59
C PHE C 116 10.84 10.59 -32.52
N ASN C 117 10.06 10.07 -31.55
CA ASN C 117 9.47 10.84 -30.46
C ASN C 117 8.45 11.84 -30.99
N ASN C 118 7.34 11.29 -31.49
CA ASN C 118 6.23 12.05 -32.05
C ASN C 118 4.98 11.24 -31.72
N GLN C 119 3.86 11.51 -32.40
CA GLN C 119 2.60 10.85 -32.07
C GLN C 119 1.96 10.28 -33.34
N ILE C 120 2.82 9.68 -34.19
CA ILE C 120 2.45 9.18 -35.49
C ILE C 120 1.95 7.74 -35.38
N THR C 121 0.74 7.48 -35.92
CA THR C 121 0.19 6.13 -36.10
C THR C 121 0.18 5.77 -37.58
N ASP C 122 -0.26 6.72 -38.43
CA ASP C 122 -0.48 6.51 -39.85
C ASP C 122 0.77 6.92 -40.64
N ILE C 123 1.43 5.94 -41.26
CA ILE C 123 2.62 6.19 -42.07
C ILE C 123 2.34 5.92 -43.55
N ASP C 124 1.06 5.77 -43.92
CA ASP C 124 0.68 5.65 -45.32
C ASP C 124 1.31 6.78 -46.16
N PRO C 125 1.34 8.06 -45.73
CA PRO C 125 2.03 9.12 -46.49
C PRO C 125 3.50 8.93 -46.91
N LEU C 126 4.17 7.90 -46.37
CA LEU C 126 5.58 7.65 -46.64
C LEU C 126 5.75 6.72 -47.85
N LYS C 127 4.66 6.16 -48.39
CA LYS C 127 4.78 4.97 -49.22
C LYS C 127 5.48 5.25 -50.55
N ASN C 128 5.46 6.52 -51.00
CA ASN C 128 6.00 6.90 -52.30
C ASN C 128 7.41 7.46 -52.20
N LEU C 129 8.02 7.46 -50.99
CA LEU C 129 9.30 8.10 -50.77
C LEU C 129 10.42 7.08 -50.94
N THR C 130 10.50 6.55 -52.16
CA THR C 130 11.28 5.35 -52.47
C THR C 130 12.78 5.65 -52.49
N ASN C 131 13.19 6.92 -52.38
CA ASN C 131 14.61 7.24 -52.34
C ASN C 131 15.15 7.29 -50.92
N LEU C 132 14.28 7.13 -49.90
CA LEU C 132 14.70 7.08 -48.50
C LEU C 132 15.71 5.96 -48.30
N ASN C 133 16.86 6.32 -47.74
CA ASN C 133 17.84 5.36 -47.26
C ASN C 133 17.95 5.41 -45.73
N ARG C 134 17.41 6.45 -45.09
CA ARG C 134 17.42 6.57 -43.64
C ARG C 134 16.05 7.03 -43.16
N LEU C 135 15.40 6.19 -42.35
CA LEU C 135 14.07 6.46 -41.84
C LEU C 135 14.02 6.06 -40.37
N GLU C 136 13.74 7.06 -39.51
CA GLU C 136 13.75 6.86 -38.07
C GLU C 136 12.39 7.23 -37.50
N LEU C 137 11.69 6.19 -36.98
CA LEU C 137 10.31 6.32 -36.54
C LEU C 137 10.05 5.71 -35.16
N SER C 138 11.09 5.44 -34.35
CA SER C 138 10.86 4.81 -33.06
C SER C 138 10.22 5.84 -32.10
N SER C 139 9.59 5.32 -31.01
CA SER C 139 8.85 6.13 -30.04
C SER C 139 7.72 6.91 -30.70
N ASN C 140 6.89 6.17 -31.46
CA ASN C 140 5.67 6.64 -32.09
C ASN C 140 4.61 5.60 -31.71
N THR C 141 3.43 5.62 -32.34
CA THR C 141 2.34 4.72 -32.00
C THR C 141 1.91 3.91 -33.23
N ILE C 142 2.89 3.56 -34.07
CA ILE C 142 2.72 2.84 -35.31
C ILE C 142 2.46 1.36 -35.04
N SER C 143 1.42 0.81 -35.69
CA SER C 143 1.11 -0.61 -35.60
C SER C 143 1.15 -1.29 -36.97
N ASP C 144 1.20 -0.50 -38.05
CA ASP C 144 1.05 -1.03 -39.39
C ASP C 144 2.15 -0.44 -40.27
N ILE C 145 3.03 -1.32 -40.76
CA ILE C 145 4.19 -0.89 -41.50
C ILE C 145 4.10 -1.27 -42.99
N SER C 146 2.86 -1.49 -43.47
CA SER C 146 2.53 -1.74 -44.87
C SER C 146 3.23 -0.74 -45.80
N ALA C 147 3.12 0.56 -45.44
CA ALA C 147 3.63 1.65 -46.26
C ALA C 147 5.13 1.56 -46.55
N LEU C 148 5.86 0.71 -45.81
CA LEU C 148 7.30 0.63 -45.95
C LEU C 148 7.73 -0.36 -47.03
N SER C 149 6.81 -1.20 -47.55
CA SER C 149 7.23 -2.37 -48.32
C SER C 149 7.88 -1.98 -49.65
N GLY C 150 7.61 -0.74 -50.11
CA GLY C 150 8.16 -0.21 -51.34
C GLY C 150 9.47 0.57 -51.19
N LEU C 151 9.93 0.84 -49.95
CA LEU C 151 11.09 1.70 -49.71
C LEU C 151 12.39 0.90 -49.76
N THR C 152 12.73 0.40 -50.95
CA THR C 152 13.75 -0.64 -51.11
C THR C 152 15.15 -0.04 -51.18
N SER C 153 15.27 1.29 -51.00
CA SER C 153 16.59 1.89 -50.87
C SER C 153 17.06 2.05 -49.41
N LEU C 154 16.22 1.68 -48.44
CA LEU C 154 16.50 1.87 -47.01
C LEU C 154 17.71 1.06 -46.57
N GLN C 155 18.65 1.75 -45.90
CA GLN C 155 19.84 1.19 -45.26
C GLN C 155 19.71 1.20 -43.74
N GLN C 156 19.00 2.20 -43.20
CA GLN C 156 18.76 2.34 -41.76
C GLN C 156 17.28 2.59 -41.49
N LEU C 157 16.70 1.83 -40.54
CA LEU C 157 15.27 1.93 -40.24
C LEU C 157 15.02 1.65 -38.75
N SER C 158 14.17 2.49 -38.15
CA SER C 158 13.68 2.25 -36.80
C SER C 158 12.20 2.60 -36.79
N PHE C 159 11.41 1.90 -35.96
CA PHE C 159 9.99 2.23 -35.80
C PHE C 159 9.47 1.61 -34.51
N GLY C 160 8.43 2.22 -33.97
CA GLY C 160 7.68 1.67 -32.85
C GLY C 160 6.35 2.40 -32.73
N ASN C 161 5.47 1.96 -31.83
CA ASN C 161 5.81 0.99 -30.79
C ASN C 161 4.77 -0.14 -30.66
N GLN C 162 3.97 -0.40 -31.71
CA GLN C 162 2.89 -1.39 -31.63
C GLN C 162 2.91 -2.41 -32.77
N VAL C 163 4.01 -2.52 -33.52
CA VAL C 163 4.07 -3.43 -34.65
C VAL C 163 4.13 -4.89 -34.18
N THR C 164 3.28 -5.76 -34.75
CA THR C 164 3.34 -7.21 -34.59
C THR C 164 3.85 -7.89 -35.88
N ASP C 165 3.46 -7.33 -37.04
CA ASP C 165 3.64 -7.96 -38.35
C ASP C 165 4.76 -7.26 -39.12
N LEU C 166 5.87 -7.99 -39.27
CA LEU C 166 7.07 -7.50 -39.93
C LEU C 166 7.13 -7.84 -41.42
N LYS C 167 6.08 -8.45 -42.00
CA LYS C 167 6.18 -8.95 -43.37
C LYS C 167 6.50 -7.82 -44.37
N PRO C 168 5.98 -6.57 -44.22
CA PRO C 168 6.35 -5.50 -45.15
C PRO C 168 7.85 -5.23 -45.37
N LEU C 169 8.72 -5.80 -44.53
CA LEU C 169 10.17 -5.61 -44.63
C LEU C 169 10.81 -6.53 -45.67
N ALA C 170 10.05 -7.46 -46.27
CA ALA C 170 10.61 -8.57 -47.05
C ALA C 170 11.59 -8.11 -48.15
N ASN C 171 11.28 -7.00 -48.83
CA ASN C 171 12.01 -6.58 -50.04
C ASN C 171 13.08 -5.55 -49.73
N LEU C 172 13.17 -5.10 -48.46
CA LEU C 172 14.07 -4.04 -48.08
C LEU C 172 15.46 -4.62 -47.82
N THR C 173 16.04 -5.30 -48.82
CA THR C 173 17.24 -6.11 -48.65
C THR C 173 18.51 -5.25 -48.63
N THR C 174 18.36 -3.94 -48.84
CA THR C 174 19.45 -2.97 -48.69
C THR C 174 19.74 -2.65 -47.21
N LEU C 175 18.80 -2.99 -46.30
CA LEU C 175 18.90 -2.71 -44.87
C LEU C 175 20.15 -3.33 -44.25
N GLU C 176 20.90 -2.47 -43.55
CA GLU C 176 22.11 -2.78 -42.79
C GLU C 176 21.90 -2.55 -41.28
N ARG C 177 21.06 -1.58 -40.92
CA ARG C 177 20.80 -1.25 -39.53
C ARG C 177 19.29 -1.20 -39.30
N LEU C 178 18.79 -2.04 -38.37
CA LEU C 178 17.37 -2.14 -38.07
C LEU C 178 17.19 -2.12 -36.55
N ASP C 179 16.31 -1.21 -36.09
CA ASP C 179 15.89 -1.12 -34.70
C ASP C 179 14.37 -1.28 -34.61
N ILE C 180 13.93 -2.44 -34.06
CA ILE C 180 12.52 -2.72 -33.84
C ILE C 180 12.24 -2.82 -32.33
N SER C 181 13.08 -2.16 -31.53
CA SER C 181 12.86 -2.05 -30.09
C SER C 181 11.44 -1.62 -29.77
N SER C 182 10.89 -2.15 -28.67
CA SER C 182 9.67 -1.66 -28.06
C SER C 182 8.49 -1.73 -29.05
N ASN C 183 8.27 -2.94 -29.55
CA ASN C 183 7.10 -3.26 -30.35
C ASN C 183 6.43 -4.47 -29.68
N LYS C 184 5.67 -5.24 -30.46
CA LYS C 184 4.96 -6.41 -29.99
C LYS C 184 5.30 -7.61 -30.86
N VAL C 185 6.55 -7.74 -31.27
CA VAL C 185 6.93 -8.71 -32.27
C VAL C 185 7.23 -10.03 -31.59
N SER C 186 6.64 -11.14 -32.06
CA SER C 186 7.14 -12.47 -31.73
C SER C 186 7.67 -13.19 -32.97
N ASP C 187 7.13 -12.90 -34.16
CA ASP C 187 7.52 -13.60 -35.37
C ASP C 187 8.51 -12.75 -36.17
N ILE C 188 9.78 -13.21 -36.20
CA ILE C 188 10.84 -12.51 -36.92
C ILE C 188 11.31 -13.32 -38.14
N SER C 189 10.45 -14.16 -38.73
CA SER C 189 10.86 -15.03 -39.83
C SER C 189 11.29 -14.23 -41.07
N VAL C 190 10.65 -13.06 -41.28
CA VAL C 190 10.97 -12.17 -42.40
C VAL C 190 12.43 -11.68 -42.34
N LEU C 191 13.06 -11.65 -41.16
CA LEU C 191 14.38 -11.05 -41.05
C LEU C 191 15.42 -11.92 -41.73
N ALA C 192 15.12 -13.21 -41.97
CA ALA C 192 16.00 -14.11 -42.71
C ALA C 192 16.34 -13.57 -44.11
N LYS C 193 15.48 -12.69 -44.65
CA LYS C 193 15.62 -12.13 -45.98
C LYS C 193 16.58 -10.94 -46.02
N LEU C 194 16.87 -10.35 -44.84
CA LEU C 194 17.63 -9.11 -44.78
C LEU C 194 19.11 -9.42 -44.57
N THR C 195 19.76 -10.03 -45.58
CA THR C 195 21.05 -10.68 -45.39
C THR C 195 22.20 -9.68 -45.31
N ASN C 196 21.94 -8.38 -45.55
CA ASN C 196 22.97 -7.36 -45.40
C ASN C 196 22.95 -6.68 -44.02
N LEU C 197 22.08 -7.14 -43.10
CA LEU C 197 22.02 -6.58 -41.76
C LEU C 197 23.34 -6.81 -41.05
N GLU C 198 23.84 -5.71 -40.43
CA GLU C 198 25.04 -5.68 -39.61
C GLU C 198 24.69 -5.41 -38.14
N SER C 199 23.59 -4.67 -37.95
CA SER C 199 23.14 -4.28 -36.62
C SER C 199 21.63 -4.52 -36.52
N LEU C 200 21.20 -5.36 -35.57
CA LEU C 200 19.79 -5.62 -35.31
C LEU C 200 19.53 -5.38 -33.82
N ILE C 201 18.67 -4.40 -33.51
CA ILE C 201 18.25 -4.11 -32.16
C ILE C 201 16.76 -4.46 -32.06
N ALA C 202 16.42 -5.39 -31.15
CA ALA C 202 15.07 -5.90 -31.00
C ALA C 202 14.67 -5.96 -29.51
N THR C 203 15.24 -5.06 -28.71
CA THR C 203 14.96 -4.92 -27.30
C THR C 203 13.47 -4.84 -27.05
N ASN C 204 12.99 -5.54 -26.01
CA ASN C 204 11.65 -5.32 -25.48
C ASN C 204 10.57 -5.71 -26.51
N ASN C 205 10.58 -7.00 -26.90
CA ASN C 205 9.56 -7.58 -27.76
C ASN C 205 9.16 -8.91 -27.11
N GLN C 206 8.61 -9.87 -27.86
CA GLN C 206 8.14 -11.12 -27.30
C GLN C 206 8.71 -12.29 -28.10
N ILE C 207 9.99 -12.20 -28.46
CA ILE C 207 10.60 -13.14 -29.36
C ILE C 207 11.09 -14.35 -28.57
N SER C 208 10.71 -15.57 -28.96
CA SER C 208 11.31 -16.77 -28.39
C SER C 208 12.04 -17.60 -29.45
N ASP C 209 11.60 -17.51 -30.71
CA ASP C 209 12.16 -18.30 -31.80
C ASP C 209 13.06 -17.40 -32.66
N ILE C 210 14.38 -17.64 -32.58
CA ILE C 210 15.36 -16.81 -33.27
C ILE C 210 15.97 -17.56 -34.45
N THR C 211 15.38 -18.70 -34.88
CA THR C 211 15.97 -19.52 -35.95
C THR C 211 16.15 -18.71 -37.24
N PRO C 212 15.25 -17.73 -37.56
CA PRO C 212 15.44 -16.85 -38.72
C PRO C 212 16.76 -16.11 -38.87
N LEU C 213 17.43 -15.84 -37.75
CA LEU C 213 18.64 -15.02 -37.75
C LEU C 213 19.84 -15.82 -38.25
N GLY C 214 19.73 -17.15 -38.35
CA GLY C 214 20.88 -18.03 -38.56
C GLY C 214 21.74 -17.70 -39.78
N ILE C 215 21.14 -17.12 -40.84
CA ILE C 215 21.86 -16.80 -42.08
C ILE C 215 22.22 -15.32 -42.17
N LEU C 216 22.00 -14.52 -41.10
CA LEU C 216 22.39 -13.12 -41.09
C LEU C 216 23.83 -13.03 -40.59
N THR C 217 24.77 -13.64 -41.32
CA THR C 217 26.11 -13.85 -40.80
C THR C 217 26.92 -12.56 -40.87
N ASN C 218 26.36 -11.48 -41.43
CA ASN C 218 27.05 -10.20 -41.37
C ASN C 218 26.72 -9.42 -40.10
N LEU C 219 25.88 -9.97 -39.22
CA LEU C 219 25.58 -9.26 -37.99
C LEU C 219 26.83 -9.15 -37.14
N ASP C 220 27.18 -7.91 -36.74
CA ASP C 220 28.24 -7.70 -35.76
C ASP C 220 27.67 -7.21 -34.43
N GLU C 221 26.43 -6.69 -34.45
CA GLU C 221 25.78 -6.15 -33.28
C GLU C 221 24.36 -6.70 -33.24
N LEU C 222 23.96 -7.31 -32.10
CA LEU C 222 22.64 -7.87 -31.93
C LEU C 222 22.17 -7.64 -30.50
N SER C 223 20.96 -7.11 -30.31
CA SER C 223 20.33 -7.04 -28.99
C SER C 223 18.96 -7.70 -29.04
N LEU C 224 18.77 -8.72 -28.18
CA LEU C 224 17.47 -9.32 -27.90
C LEU C 224 17.12 -9.17 -26.42
N ASN C 225 17.63 -8.09 -25.82
CA ASN C 225 17.37 -7.66 -24.46
C ASN C 225 15.87 -7.67 -24.21
N GLY C 226 15.44 -8.35 -23.14
CA GLY C 226 14.06 -8.22 -22.73
C GLY C 226 13.07 -8.86 -23.71
N ASN C 227 13.29 -10.14 -24.03
CA ASN C 227 12.43 -10.91 -24.92
C ASN C 227 11.99 -12.17 -24.16
N GLN C 228 11.78 -13.30 -24.86
CA GLN C 228 11.38 -14.54 -24.20
C GLN C 228 12.30 -15.66 -24.65
N LEU C 229 13.61 -15.40 -24.67
CA LEU C 229 14.55 -16.35 -25.22
C LEU C 229 14.86 -17.42 -24.19
N LYS C 230 15.03 -18.64 -24.71
CA LYS C 230 15.54 -19.77 -23.96
C LYS C 230 16.53 -20.49 -24.87
N ASP C 231 16.06 -21.04 -26.01
CA ASP C 231 16.94 -21.75 -26.91
C ASP C 231 17.62 -20.71 -27.79
N ILE C 232 18.96 -20.58 -27.63
CA ILE C 232 19.76 -19.63 -28.41
C ILE C 232 20.74 -20.37 -29.33
N GLY C 233 20.43 -21.62 -29.74
CA GLY C 233 21.37 -22.44 -30.52
C GLY C 233 21.78 -21.80 -31.86
N THR C 234 20.86 -21.04 -32.44
CA THR C 234 21.04 -20.36 -33.71
C THR C 234 22.20 -19.36 -33.71
N LEU C 235 22.53 -18.80 -32.54
CA LEU C 235 23.51 -17.74 -32.44
C LEU C 235 24.90 -18.26 -32.80
N ALA C 236 25.11 -19.58 -32.75
CA ALA C 236 26.40 -20.17 -33.06
C ALA C 236 26.82 -19.94 -34.51
N SER C 237 25.87 -19.60 -35.40
CA SER C 237 26.15 -19.23 -36.79
C SER C 237 26.85 -17.88 -36.89
N LEU C 238 26.60 -16.97 -35.92
CA LEU C 238 26.83 -15.55 -36.11
C LEU C 238 28.21 -15.20 -35.59
N THR C 239 29.25 -15.75 -36.23
CA THR C 239 30.60 -15.71 -35.71
C THR C 239 31.24 -14.34 -35.93
N ASN C 240 30.55 -13.42 -36.64
CA ASN C 240 31.04 -12.05 -36.77
C ASN C 240 30.51 -11.10 -35.69
N LEU C 241 29.71 -11.61 -34.74
CA LEU C 241 29.25 -10.79 -33.62
C LEU C 241 30.42 -10.32 -32.79
N THR C 242 30.42 -9.01 -32.49
CA THR C 242 31.35 -8.39 -31.54
C THR C 242 30.60 -7.87 -30.30
N ASP C 243 29.30 -7.64 -30.43
CA ASP C 243 28.50 -6.98 -29.41
C ASP C 243 27.14 -7.67 -29.32
N LEU C 244 26.85 -8.36 -28.18
CA LEU C 244 25.68 -9.20 -28.03
C LEU C 244 25.00 -8.91 -26.69
N ASP C 245 23.73 -8.55 -26.73
CA ASP C 245 22.93 -8.25 -25.55
C ASP C 245 21.76 -9.24 -25.49
N LEU C 246 21.78 -10.12 -24.46
CA LEU C 246 20.74 -11.12 -24.26
C LEU C 246 20.16 -10.99 -22.87
N ALA C 247 20.20 -9.79 -22.30
CA ALA C 247 19.86 -9.59 -20.90
C ALA C 247 18.36 -9.66 -20.75
N ASN C 248 17.88 -10.17 -19.60
CA ASN C 248 16.46 -10.17 -19.25
C ASN C 248 15.68 -11.11 -20.16
N ASN C 249 16.08 -12.38 -20.15
CA ASN C 249 15.42 -13.46 -20.88
C ASN C 249 15.34 -14.62 -19.90
N GLN C 250 15.35 -15.87 -20.39
CA GLN C 250 15.20 -17.05 -19.53
C GLN C 250 16.22 -18.08 -20.02
N ILE C 251 17.44 -17.61 -20.31
CA ILE C 251 18.45 -18.43 -20.96
C ILE C 251 19.19 -19.19 -19.89
N SER C 252 19.42 -20.49 -20.10
CA SER C 252 20.28 -21.27 -19.23
C SER C 252 21.45 -21.90 -19.99
N ASN C 253 21.24 -22.29 -21.27
CA ASN C 253 22.27 -23.00 -22.02
C ASN C 253 23.04 -22.07 -22.95
N LEU C 254 24.33 -21.84 -22.60
CA LEU C 254 25.21 -20.88 -23.25
C LEU C 254 26.19 -21.55 -24.24
N ALA C 255 26.08 -22.88 -24.42
CA ALA C 255 26.94 -23.64 -25.34
C ALA C 255 27.00 -22.98 -26.72
N PRO C 256 25.87 -22.47 -27.30
CA PRO C 256 25.90 -21.78 -28.59
C PRO C 256 26.80 -20.56 -28.73
N LEU C 257 27.26 -20.00 -27.59
CA LEU C 257 28.11 -18.82 -27.55
C LEU C 257 29.59 -19.19 -27.57
N SER C 258 29.91 -20.48 -27.39
CA SER C 258 31.28 -20.88 -27.13
C SER C 258 32.24 -20.54 -28.28
N GLY C 259 31.74 -20.51 -29.51
CA GLY C 259 32.61 -20.24 -30.65
C GLY C 259 32.62 -18.78 -31.11
N LEU C 260 31.95 -17.85 -30.38
CA LEU C 260 31.78 -16.48 -30.85
C LEU C 260 32.91 -15.59 -30.35
N THR C 261 34.14 -15.92 -30.75
CA THR C 261 35.36 -15.45 -30.11
C THR C 261 35.68 -14.01 -30.52
N LYS C 262 34.89 -13.38 -31.39
CA LYS C 262 35.10 -11.96 -31.65
C LYS C 262 34.34 -11.05 -30.67
N LEU C 263 33.52 -11.62 -29.80
CA LEU C 263 32.74 -10.86 -28.84
C LEU C 263 33.68 -10.09 -27.90
N THR C 264 33.47 -8.77 -27.85
CA THR C 264 34.11 -7.88 -26.89
C THR C 264 33.13 -7.46 -25.78
N GLU C 265 31.81 -7.47 -26.07
CA GLU C 265 30.77 -7.19 -25.09
C GLU C 265 29.70 -8.27 -25.15
N LEU C 266 29.38 -8.84 -23.98
CA LEU C 266 28.36 -9.89 -23.83
C LEU C 266 27.57 -9.60 -22.57
N LYS C 267 26.30 -9.28 -22.74
CA LYS C 267 25.40 -8.98 -21.63
C LYS C 267 24.40 -10.12 -21.49
N LEU C 268 24.45 -10.79 -20.33
CA LEU C 268 23.68 -11.98 -20.03
C LEU C 268 22.96 -11.87 -18.68
N GLY C 269 22.87 -10.63 -18.18
CA GLY C 269 22.24 -10.43 -16.89
C GLY C 269 20.76 -10.77 -16.96
N ALA C 270 20.23 -11.22 -15.81
CA ALA C 270 18.79 -11.45 -15.69
C ALA C 270 18.40 -12.59 -16.62
N ASN C 271 18.90 -13.78 -16.29
CA ASN C 271 18.63 -14.99 -17.04
C ASN C 271 18.60 -16.12 -16.01
N GLN C 272 18.87 -17.38 -16.44
CA GLN C 272 18.74 -18.57 -15.58
C GLN C 272 20.01 -19.38 -15.71
N ILE C 273 21.14 -18.68 -15.67
CA ILE C 273 22.45 -19.26 -15.94
C ILE C 273 23.06 -19.77 -14.64
N SER C 274 23.51 -21.03 -14.67
CA SER C 274 24.25 -21.62 -13.56
C SER C 274 25.59 -22.19 -14.02
N ASN C 275 25.82 -22.23 -15.34
CA ASN C 275 27.08 -22.77 -15.87
C ASN C 275 27.63 -21.86 -16.96
N ILE C 276 28.82 -21.28 -16.71
CA ILE C 276 29.45 -20.36 -17.66
C ILE C 276 30.72 -20.98 -18.29
N SER C 277 30.88 -22.32 -18.21
CA SER C 277 31.97 -23.01 -18.91
C SER C 277 32.04 -22.63 -20.39
N PRO C 278 30.91 -22.52 -21.12
CA PRO C 278 30.95 -22.09 -22.53
C PRO C 278 31.59 -20.73 -22.82
N LEU C 279 31.71 -19.86 -21.81
CA LEU C 279 32.27 -18.52 -22.00
C LEU C 279 33.81 -18.50 -21.87
N ALA C 280 34.45 -19.62 -21.49
CA ALA C 280 35.87 -19.71 -21.16
C ALA C 280 36.80 -19.21 -22.28
N GLY C 281 36.39 -19.41 -23.54
CA GLY C 281 37.26 -19.13 -24.67
C GLY C 281 36.98 -17.78 -25.31
N LEU C 282 36.10 -16.93 -24.70
CA LEU C 282 35.76 -15.64 -25.26
C LEU C 282 36.72 -14.56 -24.74
N THR C 283 38.03 -14.75 -24.99
CA THR C 283 39.11 -14.02 -24.37
C THR C 283 39.23 -12.57 -24.89
N ALA C 284 38.47 -12.19 -25.92
CA ALA C 284 38.50 -10.80 -26.39
C ALA C 284 37.50 -9.94 -25.60
N LEU C 285 36.72 -10.55 -24.68
CA LEU C 285 35.70 -9.85 -23.90
C LEU C 285 36.35 -8.79 -23.02
N THR C 286 35.78 -7.57 -23.08
CA THR C 286 36.15 -6.46 -22.20
C THR C 286 35.03 -6.14 -21.21
N ASN C 287 33.78 -6.40 -21.62
CA ASN C 287 32.62 -6.22 -20.76
C ASN C 287 31.85 -7.54 -20.73
N LEU C 288 31.63 -8.10 -19.53
CA LEU C 288 30.78 -9.26 -19.36
C LEU C 288 29.82 -9.00 -18.20
N GLU C 289 28.50 -9.13 -18.45
CA GLU C 289 27.47 -8.93 -17.45
C GLU C 289 26.75 -10.25 -17.14
N LEU C 290 26.81 -10.69 -15.86
CA LEU C 290 26.21 -11.96 -15.42
C LEU C 290 25.37 -11.81 -14.14
N ASN C 291 24.91 -10.59 -13.87
CA ASN C 291 24.07 -10.32 -12.72
C ASN C 291 22.76 -11.10 -12.84
N GLU C 292 22.10 -11.34 -11.68
CA GLU C 292 20.75 -11.88 -11.66
C GLU C 292 20.68 -13.18 -12.46
N ASN C 293 21.48 -14.16 -12.03
CA ASN C 293 21.47 -15.51 -12.57
C ASN C 293 21.42 -16.46 -11.38
N GLN C 294 21.94 -17.68 -11.52
CA GLN C 294 21.97 -18.66 -10.44
C GLN C 294 23.38 -19.21 -10.32
N LEU C 295 24.35 -18.30 -10.35
CA LEU C 295 25.76 -18.63 -10.41
C LEU C 295 26.29 -18.95 -9.03
N GLU C 296 27.10 -20.01 -8.95
CA GLU C 296 27.97 -20.24 -7.83
C GLU C 296 29.42 -20.30 -8.30
N ASP C 297 29.68 -21.26 -9.20
CA ASP C 297 31.02 -21.51 -9.70
C ASP C 297 31.25 -20.60 -10.89
N ILE C 298 32.17 -19.63 -10.72
CA ILE C 298 32.55 -18.69 -11.77
C ILE C 298 34.01 -18.92 -12.20
N SER C 299 34.56 -20.13 -11.94
CA SER C 299 35.96 -20.39 -12.26
C SER C 299 36.29 -20.21 -13.76
N PRO C 300 35.35 -20.47 -14.72
CA PRO C 300 35.66 -20.24 -16.14
C PRO C 300 35.93 -18.79 -16.55
N ILE C 301 35.63 -17.84 -15.65
CA ILE C 301 35.87 -16.43 -15.91
C ILE C 301 37.37 -16.13 -15.90
N SER C 302 38.19 -17.04 -15.33
CA SER C 302 39.56 -16.69 -14.97
C SER C 302 40.45 -16.57 -16.22
N ASN C 303 39.95 -17.02 -17.37
CA ASN C 303 40.61 -17.01 -18.65
C ASN C 303 40.40 -15.67 -19.35
N LEU C 304 39.45 -14.83 -18.91
CA LEU C 304 39.01 -13.67 -19.68
C LEU C 304 39.81 -12.42 -19.26
N LYS C 305 41.08 -12.43 -19.64
CA LYS C 305 42.09 -11.56 -19.02
C LYS C 305 41.95 -10.13 -19.50
N ASN C 306 41.15 -9.88 -20.54
CA ASN C 306 41.02 -8.52 -21.08
C ASN C 306 39.81 -7.80 -20.46
N LEU C 307 39.04 -8.50 -19.60
CA LEU C 307 37.89 -7.90 -18.95
C LEU C 307 38.33 -6.66 -18.19
N THR C 308 37.63 -5.54 -18.46
CA THR C 308 37.72 -4.33 -17.67
C THR C 308 36.47 -4.10 -16.82
N TYR C 309 35.30 -4.58 -17.27
CA TYR C 309 34.06 -4.40 -16.56
C TYR C 309 33.36 -5.75 -16.38
N LEU C 310 32.76 -5.99 -15.19
CA LEU C 310 32.15 -7.27 -14.85
C LEU C 310 31.03 -7.04 -13.84
N THR C 311 29.82 -7.59 -14.12
CA THR C 311 28.76 -7.63 -13.13
C THR C 311 28.50 -9.08 -12.72
N LEU C 312 28.31 -9.29 -11.40
CA LEU C 312 27.98 -10.59 -10.85
C LEU C 312 26.92 -10.49 -9.75
N TYR C 313 26.28 -9.32 -9.61
CA TYR C 313 25.45 -9.06 -8.45
C TYR C 313 24.19 -9.90 -8.53
N PHE C 314 23.57 -10.16 -7.36
CA PHE C 314 22.37 -11.00 -7.26
C PHE C 314 22.63 -12.37 -7.90
N ASN C 315 23.49 -13.13 -7.22
CA ASN C 315 23.79 -14.50 -7.59
C ASN C 315 23.93 -15.28 -6.27
N ASN C 316 24.51 -16.50 -6.35
CA ASN C 316 24.71 -17.37 -5.20
C ASN C 316 26.20 -17.67 -5.08
N ILE C 317 27.06 -16.66 -5.31
CA ILE C 317 28.51 -16.85 -5.36
C ILE C 317 29.14 -16.74 -3.97
N SER C 318 29.93 -17.76 -3.57
CA SER C 318 30.68 -17.81 -2.31
C SER C 318 32.14 -17.52 -2.55
N ASP C 319 32.66 -18.03 -3.66
CA ASP C 319 34.09 -17.93 -3.99
C ASP C 319 34.29 -16.98 -5.17
N ILE C 320 34.84 -15.79 -4.90
CA ILE C 320 35.02 -14.70 -5.88
C ILE C 320 36.43 -14.80 -6.48
N SER C 321 37.27 -15.76 -6.01
CA SER C 321 38.70 -15.77 -6.30
C SER C 321 39.05 -15.97 -7.78
N PRO C 322 38.18 -16.55 -8.63
CA PRO C 322 38.48 -16.57 -10.06
C PRO C 322 38.68 -15.21 -10.71
N VAL C 323 38.27 -14.10 -10.03
CA VAL C 323 38.51 -12.76 -10.57
C VAL C 323 39.95 -12.32 -10.34
N SER C 324 40.76 -13.07 -9.58
CA SER C 324 42.07 -12.55 -9.18
C SER C 324 43.02 -12.39 -10.37
N SER C 325 42.77 -13.14 -11.45
CA SER C 325 43.63 -13.09 -12.64
C SER C 325 43.21 -11.97 -13.60
N LEU C 326 42.09 -11.27 -13.32
CA LEU C 326 41.56 -10.26 -14.22
C LEU C 326 42.15 -8.91 -13.86
N THR C 327 43.46 -8.74 -14.12
CA THR C 327 44.23 -7.65 -13.54
C THR C 327 43.84 -6.32 -14.18
N LYS C 328 43.12 -6.35 -15.31
CA LYS C 328 42.70 -5.10 -15.94
C LYS C 328 41.35 -4.60 -15.44
N LEU C 329 40.68 -5.35 -14.57
CA LEU C 329 39.36 -4.96 -14.07
C LEU C 329 39.40 -3.56 -13.50
N GLN C 330 38.41 -2.76 -13.91
CA GLN C 330 38.22 -1.38 -13.48
C GLN C 330 36.90 -1.24 -12.72
N ARG C 331 35.88 -1.98 -13.12
CA ARG C 331 34.54 -1.88 -12.57
C ARG C 331 34.06 -3.28 -12.20
N LEU C 332 33.66 -3.51 -10.91
CA LEU C 332 33.22 -4.82 -10.45
C LEU C 332 32.04 -4.63 -9.51
N PHE C 333 30.83 -5.03 -9.97
CA PHE C 333 29.66 -5.08 -9.11
C PHE C 333 29.36 -6.53 -8.74
N PHE C 334 29.47 -6.90 -7.46
CA PHE C 334 29.02 -8.23 -7.03
C PHE C 334 28.19 -8.18 -5.76
N TYR C 335 27.46 -7.10 -5.57
CA TYR C 335 26.62 -6.99 -4.41
C TYR C 335 25.56 -8.09 -4.43
N ASN C 336 25.16 -8.49 -3.22
CA ASN C 336 24.13 -9.50 -2.97
C ASN C 336 24.60 -10.86 -3.49
N ASN C 337 25.65 -11.38 -2.83
CA ASN C 337 26.19 -12.71 -3.05
C ASN C 337 26.53 -13.24 -1.65
N LYS C 338 27.39 -14.27 -1.58
CA LYS C 338 27.70 -14.87 -0.30
C LYS C 338 29.21 -14.90 -0.09
N VAL C 339 29.91 -13.87 -0.59
CA VAL C 339 31.36 -13.80 -0.50
C VAL C 339 31.76 -13.31 0.90
N SER C 340 32.70 -14.00 1.56
CA SER C 340 33.29 -13.56 2.84
C SER C 340 34.75 -13.11 2.68
N ASP C 341 35.51 -13.85 1.89
CA ASP C 341 36.94 -13.62 1.72
C ASP C 341 37.15 -12.81 0.43
N VAL C 342 37.75 -11.61 0.56
CA VAL C 342 38.04 -10.77 -0.59
C VAL C 342 39.54 -10.63 -0.78
N SER C 343 40.32 -11.60 -0.28
CA SER C 343 41.77 -11.50 -0.44
C SER C 343 42.19 -11.54 -1.90
N SER C 344 41.39 -12.18 -2.76
CA SER C 344 41.75 -12.28 -4.17
C SER C 344 41.67 -10.92 -4.90
N LEU C 345 40.99 -9.93 -4.29
CA LEU C 345 40.78 -8.63 -4.89
C LEU C 345 41.97 -7.71 -4.69
N ALA C 346 42.94 -8.11 -3.86
CA ALA C 346 44.12 -7.30 -3.53
C ALA C 346 44.95 -6.96 -4.78
N ASN C 347 44.89 -7.87 -5.77
CA ASN C 347 45.58 -7.92 -7.04
C ASN C 347 45.02 -6.93 -8.07
N LEU C 348 43.77 -6.54 -7.88
CA LEU C 348 43.02 -5.79 -8.86
C LEU C 348 43.29 -4.30 -8.68
N THR C 349 44.53 -3.88 -8.91
CA THR C 349 45.01 -2.55 -8.59
C THR C 349 44.45 -1.51 -9.54
N ASN C 350 43.84 -1.92 -10.66
CA ASN C 350 43.24 -0.95 -11.58
C ASN C 350 41.77 -0.66 -11.29
N ILE C 351 41.21 -1.29 -10.27
CA ILE C 351 39.79 -1.14 -9.94
C ILE C 351 39.54 0.28 -9.43
N ASN C 352 38.54 0.93 -10.04
CA ASN C 352 38.13 2.28 -9.62
C ASN C 352 36.70 2.29 -9.11
N TRP C 353 35.95 1.21 -9.37
CA TRP C 353 34.57 1.14 -8.95
C TRP C 353 34.27 -0.24 -8.40
N LEU C 354 34.00 -0.31 -7.09
CA LEU C 354 33.82 -1.60 -6.42
C LEU C 354 32.52 -1.57 -5.63
N SER C 355 31.55 -2.39 -6.01
CA SER C 355 30.28 -2.46 -5.31
C SER C 355 30.11 -3.89 -4.77
N ALA C 356 30.30 -4.04 -3.43
CA ALA C 356 30.30 -5.33 -2.76
C ALA C 356 29.41 -5.34 -1.51
N GLY C 357 28.37 -4.48 -1.48
CA GLY C 357 27.44 -4.57 -0.36
C GLY C 357 26.72 -5.91 -0.37
N HIS C 358 26.02 -6.23 0.72
CA HIS C 358 25.10 -7.36 0.82
C HIS C 358 25.81 -8.68 0.58
N ASN C 359 27.05 -8.80 1.06
CA ASN C 359 27.79 -10.04 1.04
C ASN C 359 27.96 -10.54 2.50
N GLN C 360 29.03 -11.28 2.74
CA GLN C 360 29.35 -11.80 4.06
C GLN C 360 30.75 -11.36 4.44
N ILE C 361 31.08 -10.10 4.10
CA ILE C 361 32.45 -9.63 4.23
C ILE C 361 32.66 -9.12 5.66
N SER C 362 33.70 -9.66 6.30
CA SER C 362 34.04 -9.32 7.69
C SER C 362 35.41 -8.66 7.80
N ASP C 363 36.25 -8.73 6.74
CA ASP C 363 37.64 -8.32 6.82
C ASP C 363 38.02 -7.55 5.56
N LEU C 364 38.24 -6.22 5.69
CA LEU C 364 38.55 -5.39 4.55
C LEU C 364 40.04 -5.27 4.24
N THR C 365 40.92 -5.88 5.03
CA THR C 365 42.36 -5.67 4.88
C THR C 365 42.83 -5.87 3.44
N PRO C 366 42.31 -6.85 2.63
CA PRO C 366 42.87 -7.04 1.29
C PRO C 366 42.56 -5.89 0.32
N LEU C 367 41.65 -4.98 0.72
CA LEU C 367 41.21 -3.88 -0.11
C LEU C 367 42.07 -2.62 0.08
N ALA C 368 43.02 -2.64 1.02
CA ALA C 368 43.68 -1.47 1.56
C ALA C 368 44.47 -0.68 0.49
N ASN C 369 45.11 -1.39 -0.44
CA ASN C 369 46.00 -0.76 -1.41
C ASN C 369 45.32 -0.60 -2.77
N LEU C 370 43.97 -0.67 -2.81
CA LEU C 370 43.23 -0.42 -4.03
C LEU C 370 42.96 1.09 -4.16
N THR C 371 44.04 1.80 -4.51
CA THR C 371 44.16 3.24 -4.36
C THR C 371 43.55 4.00 -5.54
N ARG C 372 43.15 3.28 -6.61
CA ARG C 372 42.48 3.89 -7.74
C ARG C 372 40.96 3.92 -7.53
N ILE C 373 40.45 3.39 -6.40
CA ILE C 373 39.02 3.41 -6.13
C ILE C 373 38.54 4.85 -6.00
N THR C 374 37.44 5.18 -6.68
CA THR C 374 36.74 6.44 -6.53
C THR C 374 35.28 6.22 -6.14
N GLN C 375 34.73 5.01 -6.35
CA GLN C 375 33.37 4.68 -5.96
C GLN C 375 33.37 3.33 -5.23
N LEU C 376 32.74 3.27 -4.04
CA LEU C 376 32.85 2.08 -3.19
C LEU C 376 31.53 1.80 -2.48
N GLY C 377 31.15 0.52 -2.36
CA GLY C 377 29.99 0.11 -1.58
C GLY C 377 30.29 -1.14 -0.76
N LEU C 378 30.08 -1.04 0.56
CA LEU C 378 30.33 -2.15 1.48
C LEU C 378 29.20 -2.32 2.49
N ASN C 379 28.03 -1.76 2.24
CA ASN C 379 26.96 -1.80 3.23
C ASN C 379 26.29 -3.16 3.27
N ASP C 380 25.63 -3.43 4.39
CA ASP C 380 24.58 -4.39 4.59
C ASP C 380 25.11 -5.80 4.42
N GLN C 381 26.29 -6.10 4.94
CA GLN C 381 26.78 -7.48 5.01
C GLN C 381 25.92 -8.25 6.02
N ALA C 382 25.94 -9.58 5.96
CA ALA C 382 25.21 -10.37 6.92
C ALA C 382 25.68 -11.82 6.85
N TRP C 383 25.98 -12.42 8.00
CA TRP C 383 26.25 -13.84 8.07
C TRP C 383 25.74 -14.43 9.38
N THR C 384 25.70 -15.77 9.39
CA THR C 384 25.30 -16.57 10.55
C THR C 384 26.46 -17.48 10.93
N ASN C 385 26.98 -17.36 12.16
CA ASN C 385 28.06 -18.23 12.58
C ASN C 385 27.52 -19.65 12.78
N ALA C 386 28.48 -20.61 12.85
CA ALA C 386 28.19 -21.96 13.27
C ALA C 386 27.69 -21.88 14.70
N PRO C 387 26.72 -22.75 15.11
CA PRO C 387 26.17 -22.72 16.46
C PRO C 387 27.23 -22.86 17.56
N VAL C 388 27.02 -22.19 18.70
CA VAL C 388 27.75 -22.48 19.93
C VAL C 388 26.75 -22.92 21.01
N ASN C 389 27.21 -23.60 22.07
CA ASN C 389 26.32 -24.05 23.14
C ASN C 389 25.87 -22.84 23.99
N TYR C 390 24.56 -22.80 24.27
CA TYR C 390 24.01 -21.87 25.24
C TYR C 390 24.69 -22.05 26.60
N LYS C 391 25.11 -20.94 27.21
CA LYS C 391 25.28 -20.80 28.66
C LYS C 391 24.90 -19.36 28.99
N ALA C 392 24.81 -19.02 30.27
CA ALA C 392 24.27 -17.72 30.62
C ALA C 392 25.25 -16.62 30.25
N ASN C 393 26.53 -16.95 30.27
CA ASN C 393 27.64 -16.02 30.16
C ASN C 393 28.39 -16.32 28.84
N VAL C 394 27.67 -16.68 27.79
CA VAL C 394 28.21 -17.06 26.49
C VAL C 394 28.95 -15.88 25.88
N SER C 395 30.10 -16.18 25.25
CA SER C 395 31.01 -15.20 24.68
C SER C 395 31.44 -15.69 23.30
N ILE C 396 31.54 -14.75 22.34
CA ILE C 396 32.17 -15.06 21.06
C ILE C 396 33.13 -13.93 20.71
N PRO C 397 34.16 -14.21 19.89
CA PRO C 397 34.98 -13.19 19.30
C PRO C 397 34.25 -12.33 18.26
N ASN C 398 34.55 -11.02 18.26
CA ASN C 398 34.32 -10.11 17.15
C ASN C 398 35.34 -10.44 16.06
N THR C 399 34.87 -10.62 14.80
CA THR C 399 35.75 -10.92 13.68
C THR C 399 35.83 -9.77 12.67
N VAL C 400 35.10 -8.68 12.92
CA VAL C 400 34.96 -7.58 11.95
C VAL C 400 36.19 -6.67 11.96
N LYS C 401 36.92 -6.60 10.83
CA LYS C 401 38.17 -5.87 10.68
C LYS C 401 38.11 -4.82 9.58
N ASN C 402 38.58 -3.61 9.95
CA ASN C 402 38.69 -2.48 9.04
C ASN C 402 39.85 -2.75 8.09
N VAL C 403 40.08 -1.81 7.19
CA VAL C 403 41.09 -1.88 6.14
C VAL C 403 42.50 -1.93 6.75
N THR C 404 42.64 -1.40 7.97
CA THR C 404 43.86 -1.34 8.77
C THR C 404 44.19 -2.68 9.44
N GLY C 405 43.19 -3.58 9.57
CA GLY C 405 43.35 -4.84 10.29
C GLY C 405 42.77 -4.76 11.69
N ALA C 406 42.42 -3.54 12.13
CA ALA C 406 41.93 -3.30 13.47
C ALA C 406 40.47 -3.72 13.57
N LEU C 407 40.10 -4.36 14.68
CA LEU C 407 38.73 -4.77 14.90
C LEU C 407 37.86 -3.52 15.01
N ILE C 408 36.63 -3.63 14.50
CA ILE C 408 35.62 -2.59 14.57
C ILE C 408 34.66 -3.04 15.67
N ALA C 409 34.45 -2.15 16.64
CA ALA C 409 33.61 -2.40 17.78
C ALA C 409 32.17 -2.50 17.28
N PRO C 410 31.38 -3.49 17.78
CA PRO C 410 29.96 -3.57 17.47
C PRO C 410 29.33 -2.19 17.66
N ALA C 411 28.34 -1.87 16.82
CA ALA C 411 27.51 -0.68 16.97
C ALA C 411 26.31 -0.98 17.89
N THR C 412 25.74 -2.20 17.78
CA THR C 412 24.69 -2.69 18.67
C THR C 412 24.98 -4.14 19.00
N ILE C 413 24.50 -4.59 20.17
CA ILE C 413 24.58 -5.99 20.59
C ILE C 413 23.21 -6.35 21.18
N SER C 414 22.64 -7.46 20.69
CA SER C 414 21.37 -7.98 21.15
C SER C 414 21.42 -8.34 22.63
N ASP C 415 20.23 -8.40 23.24
CA ASP C 415 19.98 -9.06 24.53
C ASP C 415 20.88 -8.46 25.62
N GLY C 416 21.12 -7.14 25.52
CA GLY C 416 21.87 -6.40 26.51
C GLY C 416 23.36 -6.77 26.59
N GLY C 417 23.91 -7.51 25.63
CA GLY C 417 25.30 -7.95 25.76
C GLY C 417 26.25 -6.76 25.61
N SER C 418 27.55 -7.01 25.89
CA SER C 418 28.54 -5.96 25.95
C SER C 418 29.85 -6.46 25.32
N TYR C 419 30.78 -5.52 25.07
CA TYR C 419 32.01 -5.74 24.33
C TYR C 419 33.23 -5.33 25.15
N THR C 420 34.21 -6.22 25.21
CA THR C 420 35.55 -5.96 25.73
C THR C 420 36.55 -6.58 24.73
N GLU C 421 37.15 -5.72 23.90
CA GLU C 421 37.90 -6.17 22.75
C GLU C 421 38.81 -7.33 23.17
N PRO C 422 38.87 -8.48 22.46
CA PRO C 422 38.09 -8.74 21.24
C PRO C 422 36.74 -9.48 21.36
N ASP C 423 36.16 -9.53 22.57
CA ASP C 423 35.13 -10.52 22.86
C ASP C 423 33.80 -9.84 23.17
N ILE C 424 32.72 -10.47 22.68
CA ILE C 424 31.36 -10.06 23.00
C ILE C 424 30.80 -11.06 24.01
N THR C 425 30.23 -10.55 25.10
CA THR C 425 29.73 -11.38 26.18
C THR C 425 28.29 -11.02 26.47
N TRP C 426 27.46 -12.08 26.60
CA TRP C 426 26.08 -11.91 27.02
C TRP C 426 25.86 -12.34 28.48
N ASN C 427 24.81 -11.79 29.09
CA ASN C 427 24.31 -12.27 30.36
C ASN C 427 22.86 -12.68 30.14
N LEU C 428 22.62 -13.98 29.89
CA LEU C 428 21.31 -14.44 29.48
C LEU C 428 20.60 -15.14 30.66
N PRO C 429 19.47 -14.59 31.15
CA PRO C 429 18.69 -15.24 32.20
C PRO C 429 18.40 -16.71 31.90
N SER C 430 17.94 -17.00 30.67
CA SER C 430 17.60 -18.37 30.27
C SER C 430 17.80 -18.59 28.77
N TYR C 431 17.57 -19.82 28.31
CA TYR C 431 17.80 -20.18 26.92
C TYR C 431 17.12 -19.18 25.97
N THR C 432 17.85 -18.78 24.92
CA THR C 432 17.29 -18.12 23.74
C THR C 432 18.07 -18.69 22.56
N ASN C 433 17.39 -18.84 21.42
CA ASN C 433 17.88 -19.61 20.28
C ASN C 433 19.01 -18.91 19.53
N GLU C 434 19.21 -17.60 19.76
CA GLU C 434 20.21 -16.86 19.03
C GLU C 434 20.45 -15.50 19.68
N VAL C 435 21.69 -15.03 19.50
CA VAL C 435 22.02 -13.64 19.75
C VAL C 435 22.64 -13.08 18.47
N SER C 436 22.84 -11.77 18.44
CA SER C 436 23.39 -11.11 17.27
C SER C 436 24.06 -9.80 17.66
N TYR C 437 24.85 -9.24 16.73
CA TYR C 437 25.36 -7.89 16.83
C TYR C 437 25.42 -7.25 15.46
N THR C 438 25.49 -5.91 15.42
CA THR C 438 25.65 -5.17 14.19
C THR C 438 26.94 -4.36 14.26
N PHE C 439 27.39 -3.89 13.08
CA PHE C 439 28.51 -2.99 12.97
C PHE C 439 28.19 -1.96 11.91
N SER C 440 28.75 -0.77 12.04
CA SER C 440 28.55 0.32 11.09
C SER C 440 29.73 1.29 11.22
N GLN C 441 30.59 1.28 10.21
CA GLN C 441 31.82 2.05 10.23
C GLN C 441 32.07 2.73 8.90
N PRO C 442 32.19 4.08 8.85
CA PRO C 442 32.65 4.77 7.64
C PRO C 442 34.07 4.33 7.26
N VAL C 443 34.30 4.22 5.95
CA VAL C 443 35.63 3.83 5.46
C VAL C 443 35.86 4.49 4.10
N THR C 444 37.10 4.94 3.83
CA THR C 444 37.54 5.46 2.54
C THR C 444 38.67 4.60 2.03
N ILE C 445 38.56 4.15 0.77
CA ILE C 445 39.68 3.49 0.09
C ILE C 445 39.91 4.27 -1.21
N GLY C 446 41.14 4.79 -1.38
CA GLY C 446 41.41 5.73 -2.46
C GLY C 446 40.62 7.01 -2.18
N LYS C 447 39.65 7.33 -3.05
CA LYS C 447 38.76 8.46 -2.86
C LYS C 447 37.30 8.01 -2.75
N GLY C 448 37.09 6.71 -2.57
CA GLY C 448 35.74 6.17 -2.48
C GLY C 448 35.33 5.94 -1.04
N THR C 449 34.15 6.44 -0.65
CA THR C 449 33.66 6.42 0.73
C THR C 449 32.38 5.59 0.81
N THR C 450 32.25 4.77 1.86
CA THR C 450 31.06 3.96 2.09
C THR C 450 30.92 3.77 3.60
N THR C 451 29.78 3.21 4.02
CA THR C 451 29.63 2.58 5.32
C THR C 451 29.84 1.07 5.16
N PHE C 452 30.84 0.51 5.84
CA PHE C 452 30.95 -0.92 6.06
C PHE C 452 30.05 -1.31 7.23
N SER C 453 28.91 -1.92 6.93
CA SER C 453 27.90 -2.24 7.91
C SER C 453 27.43 -3.70 7.75
N GLY C 454 26.78 -4.24 8.79
CA GLY C 454 26.33 -5.62 8.73
C GLY C 454 25.68 -6.11 10.03
N THR C 455 25.15 -7.33 9.96
CA THR C 455 24.52 -8.05 11.06
C THR C 455 25.11 -9.45 11.12
N VAL C 456 25.63 -9.82 12.29
CA VAL C 456 26.15 -11.15 12.55
C VAL C 456 25.20 -11.88 13.49
N THR C 457 24.74 -13.08 13.09
CA THR C 457 23.81 -13.88 13.86
C THR C 457 24.56 -15.06 14.47
N GLN C 458 24.35 -15.29 15.78
CA GLN C 458 24.97 -16.39 16.49
C GLN C 458 23.89 -17.33 17.03
N PRO C 459 23.62 -18.45 16.35
CA PRO C 459 22.71 -19.46 16.89
C PRO C 459 23.31 -20.09 18.14
N LEU C 460 22.42 -20.42 19.11
CA LEU C 460 22.76 -21.05 20.37
C LEU C 460 22.05 -22.40 20.48
N LYS C 461 22.84 -23.47 20.67
CA LYS C 461 22.32 -24.81 20.85
C LYS C 461 21.96 -25.05 22.33
N ALA C 462 20.72 -25.54 22.51
CA ALA C 462 20.18 -26.04 23.78
C ALA C 462 21.03 -27.22 24.29
N VAL D 2 3.44 1.74 -17.12
CA VAL D 2 4.15 1.33 -15.86
C VAL D 2 3.59 2.10 -14.66
N GLN D 3 2.62 1.53 -13.92
CA GLN D 3 1.97 2.22 -12.81
C GLN D 3 2.06 1.37 -11.53
N LEU D 4 2.49 1.99 -10.42
CA LEU D 4 2.61 1.32 -9.13
C LEU D 4 1.74 2.01 -8.08
N VAL D 5 1.11 1.23 -7.20
CA VAL D 5 0.23 1.76 -6.16
C VAL D 5 0.54 1.07 -4.82
N GLU D 6 1.01 1.87 -3.85
CA GLU D 6 1.26 1.37 -2.50
C GLU D 6 -0.01 1.49 -1.66
N SER D 7 -0.23 0.48 -0.79
CA SER D 7 -1.29 0.53 0.21
C SER D 7 -0.85 -0.23 1.46
N GLY D 8 -1.62 -0.07 2.55
CA GLY D 8 -1.51 -0.87 3.77
C GLY D 8 -0.80 -0.15 4.91
N GLY D 9 -0.44 1.13 4.68
CA GLY D 9 0.10 1.97 5.72
C GLY D 9 -0.96 2.31 6.77
N GLY D 10 -0.48 2.68 7.96
CA GLY D 10 -1.37 3.05 9.06
C GLY D 10 -0.56 3.34 10.31
N LEU D 11 -1.28 3.52 11.42
CA LEU D 11 -0.74 3.71 12.75
C LEU D 11 -0.57 2.33 13.39
N VAL D 12 0.57 2.08 14.05
CA VAL D 12 0.92 0.78 14.59
C VAL D 12 1.67 0.98 15.90
N GLN D 13 1.52 0.04 16.82
CA GLN D 13 2.11 0.09 18.14
C GLN D 13 3.57 -0.38 18.01
N PRO D 14 4.54 0.19 18.77
CA PRO D 14 5.90 -0.34 18.78
C PRO D 14 5.85 -1.83 19.07
N GLY D 15 6.59 -2.62 18.28
CA GLY D 15 6.61 -4.07 18.42
C GLY D 15 5.60 -4.75 17.49
N GLY D 16 4.70 -3.98 16.91
CA GLY D 16 3.64 -4.55 16.06
C GLY D 16 4.12 -4.82 14.64
N SER D 17 3.17 -5.32 13.83
CA SER D 17 3.41 -5.79 12.48
C SER D 17 2.47 -5.06 11.53
N LEU D 18 2.91 -4.92 10.28
CA LEU D 18 2.12 -4.31 9.21
C LEU D 18 2.56 -4.96 7.89
N ARG D 19 1.63 -5.14 6.95
CA ARG D 19 2.03 -5.55 5.62
C ARG D 19 1.64 -4.51 4.57
N LEU D 20 2.65 -4.05 3.80
CA LEU D 20 2.45 -3.13 2.68
C LEU D 20 2.29 -3.92 1.37
N SER D 21 1.49 -3.37 0.45
CA SER D 21 1.32 -3.91 -0.89
C SER D 21 1.73 -2.89 -1.95
N CYS D 22 2.45 -3.38 -2.96
CA CYS D 22 2.84 -2.65 -4.15
C CYS D 22 2.15 -3.34 -5.33
N ALA D 23 1.04 -2.77 -5.77
CA ALA D 23 0.25 -3.31 -6.87
C ALA D 23 0.69 -2.66 -8.18
N ALA D 24 1.09 -3.49 -9.14
CA ALA D 24 1.60 -3.03 -10.43
C ALA D 24 0.57 -3.30 -11.52
N SER D 25 0.37 -2.30 -12.38
CA SER D 25 -0.46 -2.47 -13.55
C SER D 25 0.24 -1.94 -14.81
N GLY D 26 0.01 -2.62 -15.96
CA GLY D 26 0.41 -2.12 -17.27
C GLY D 26 1.75 -2.67 -17.78
N PHE D 27 2.25 -3.76 -17.17
CA PHE D 27 3.52 -4.37 -17.55
C PHE D 27 3.76 -5.62 -16.70
N THR D 28 4.54 -6.57 -17.23
CA THR D 28 4.85 -7.77 -16.47
C THR D 28 5.97 -7.44 -15.47
N LEU D 29 5.71 -7.80 -14.22
CA LEU D 29 6.67 -7.59 -13.14
C LEU D 29 7.94 -8.42 -13.35
N ASP D 30 7.90 -9.49 -14.15
CA ASP D 30 9.06 -10.34 -14.39
C ASP D 30 10.20 -9.60 -15.09
N ARG D 31 9.91 -8.49 -15.77
CA ARG D 31 10.91 -7.69 -16.47
C ARG D 31 11.65 -6.70 -15.56
N TYR D 32 11.25 -6.60 -14.29
CA TYR D 32 11.72 -5.58 -13.38
C TYR D 32 12.22 -6.20 -12.07
N ALA D 33 13.19 -5.54 -11.45
CA ALA D 33 13.40 -5.64 -10.02
C ALA D 33 12.49 -4.64 -9.35
N ILE D 34 12.03 -4.99 -8.16
CA ILE D 34 11.04 -4.22 -7.44
C ILE D 34 11.65 -3.91 -6.08
N GLY D 35 11.54 -2.65 -5.67
CA GLY D 35 12.14 -2.14 -4.46
C GLY D 35 11.12 -1.39 -3.60
N TRP D 36 11.31 -1.51 -2.29
CA TRP D 36 10.64 -0.69 -1.30
C TRP D 36 11.66 0.30 -0.79
N PHE D 37 11.23 1.57 -0.70
CA PHE D 37 12.02 2.67 -0.18
C PHE D 37 11.20 3.36 0.90
N ARG D 38 11.86 4.20 1.70
CA ARG D 38 11.10 5.06 2.59
C ARG D 38 11.79 6.40 2.76
N GLN D 39 11.00 7.36 3.22
CA GLN D 39 11.48 8.72 3.45
C GLN D 39 10.77 9.30 4.67
N ALA D 40 11.57 9.57 5.70
CA ALA D 40 11.12 10.13 6.97
C ALA D 40 11.21 11.66 6.88
N PRO D 41 10.51 12.41 7.77
CA PRO D 41 10.55 13.89 7.69
C PRO D 41 11.98 14.44 7.78
N GLY D 42 12.31 15.31 6.80
CA GLY D 42 13.60 15.99 6.76
C GLY D 42 14.81 15.05 6.62
N LYS D 43 14.58 13.84 6.07
CA LYS D 43 15.67 12.90 5.81
C LYS D 43 15.66 12.50 4.34
N GLU D 44 16.79 11.94 3.88
CA GLU D 44 16.86 11.40 2.53
C GLU D 44 16.05 10.10 2.41
N ARG D 45 15.52 9.89 1.21
CA ARG D 45 14.88 8.65 0.82
C ARG D 45 15.94 7.57 0.83
N GLU D 46 15.60 6.40 1.41
CA GLU D 46 16.55 5.30 1.50
C GLU D 46 15.87 4.00 1.08
N GLY D 47 16.68 3.08 0.57
CA GLY D 47 16.17 1.78 0.19
C GLY D 47 15.94 0.94 1.42
N VAL D 48 14.88 0.13 1.36
CA VAL D 48 14.52 -0.74 2.47
C VAL D 48 14.73 -2.21 2.08
N SER D 49 14.18 -2.59 0.92
CA SER D 49 14.29 -3.95 0.46
C SER D 49 14.06 -4.03 -1.04
N VAL D 50 14.67 -5.05 -1.68
CA VAL D 50 14.57 -5.29 -3.11
C VAL D 50 14.35 -6.77 -3.38
N ILE D 51 13.53 -7.07 -4.39
CA ILE D 51 13.40 -8.44 -4.91
C ILE D 51 13.60 -8.39 -6.41
N SER D 52 14.44 -9.29 -6.92
CA SER D 52 14.64 -9.42 -8.35
C SER D 52 14.54 -10.91 -8.68
N ASP D 53 13.47 -11.30 -9.39
CA ASP D 53 13.11 -12.72 -9.50
C ASP D 53 12.79 -13.17 -8.07
N THR D 54 13.57 -14.11 -7.48
CA THR D 54 13.33 -14.63 -6.14
C THR D 54 14.45 -14.21 -5.19
N ILE D 55 15.48 -13.50 -5.67
CA ILE D 55 16.56 -13.01 -4.81
C ILE D 55 16.19 -11.66 -4.17
N THR D 56 16.43 -11.58 -2.84
CA THR D 56 15.99 -10.48 -2.00
C THR D 56 17.17 -9.79 -1.32
N ALA D 57 16.98 -8.52 -0.94
CA ALA D 57 17.99 -7.75 -0.21
C ALA D 57 17.30 -6.79 0.75
N TYR D 58 17.99 -6.44 1.85
CA TYR D 58 17.41 -5.70 2.97
C TYR D 58 18.45 -4.73 3.52
N ARG D 59 18.04 -3.50 3.86
CA ARG D 59 18.98 -2.62 4.56
C ARG D 59 19.24 -3.22 5.94
N ASN D 60 20.45 -3.01 6.49
CA ASN D 60 20.84 -3.55 7.78
C ASN D 60 19.75 -3.30 8.84
N SER D 61 19.25 -2.06 8.96
CA SER D 61 18.38 -1.69 10.06
C SER D 61 17.07 -2.49 10.09
N VAL D 62 16.75 -3.23 9.02
CA VAL D 62 15.51 -4.00 8.97
C VAL D 62 15.78 -5.49 8.74
N LYS D 63 17.05 -5.94 8.68
CA LYS D 63 17.35 -7.36 8.52
C LYS D 63 16.75 -8.15 9.68
N GLY D 64 16.06 -9.28 9.37
CA GLY D 64 15.46 -10.11 10.40
C GLY D 64 14.05 -9.70 10.80
N ARG D 65 13.66 -8.44 10.50
CA ARG D 65 12.35 -7.91 10.86
C ARG D 65 11.43 -7.84 9.65
N PHE D 66 11.96 -7.53 8.46
CA PHE D 66 11.13 -7.27 7.29
C PHE D 66 11.36 -8.41 6.29
N THR D 67 10.34 -8.71 5.47
CA THR D 67 10.39 -9.72 4.42
C THR D 67 9.70 -9.16 3.16
N ILE D 68 10.38 -9.21 2.01
CA ILE D 68 9.76 -8.86 0.73
C ILE D 68 9.38 -10.15 0.00
N SER D 69 8.25 -10.12 -0.72
CA SER D 69 7.75 -11.30 -1.39
C SER D 69 6.86 -10.85 -2.56
N ARG D 70 6.54 -11.75 -3.49
CA ARG D 70 5.70 -11.43 -4.63
C ARG D 70 4.60 -12.50 -4.76
N ASP D 71 3.41 -12.06 -5.17
CA ASP D 71 2.38 -12.92 -5.72
C ASP D 71 2.33 -12.60 -7.22
N ASN D 72 2.80 -13.56 -8.05
CA ASN D 72 2.90 -13.35 -9.49
C ASN D 72 1.52 -13.30 -10.14
N ALA D 73 0.60 -14.16 -9.65
CA ALA D 73 -0.82 -14.12 -9.99
C ALA D 73 -1.35 -12.69 -9.89
N LYS D 74 -1.05 -11.98 -8.79
CA LYS D 74 -1.67 -10.70 -8.52
C LYS D 74 -0.84 -9.53 -9.05
N ASN D 75 0.41 -9.77 -9.51
CA ASN D 75 1.26 -8.69 -10.00
C ASN D 75 1.48 -7.67 -8.87
N THR D 76 1.79 -8.22 -7.67
CA THR D 76 1.85 -7.48 -6.42
C THR D 76 3.06 -7.92 -5.62
N VAL D 77 3.75 -6.93 -5.02
CA VAL D 77 4.90 -7.17 -4.17
C VAL D 77 4.58 -6.65 -2.77
N TYR D 78 4.93 -7.45 -1.76
CA TYR D 78 4.52 -7.20 -0.38
C TYR D 78 5.79 -6.93 0.43
N LEU D 79 5.66 -6.10 1.48
CA LEU D 79 6.67 -5.94 2.50
C LEU D 79 6.05 -6.24 3.88
N GLN D 80 6.43 -7.38 4.46
CA GLN D 80 6.01 -7.78 5.80
C GLN D 80 6.93 -7.08 6.78
N MET D 81 6.37 -6.22 7.63
CA MET D 81 7.18 -5.51 8.60
C MET D 81 6.78 -6.01 9.98
N ASN D 82 7.70 -6.64 10.68
CA ASN D 82 7.49 -7.10 12.04
C ASN D 82 8.38 -6.30 13.01
N ARG D 83 8.05 -6.34 14.30
CA ARG D 83 8.82 -5.69 15.35
C ARG D 83 9.13 -4.23 15.01
N LEU D 84 8.12 -3.50 14.59
CA LEU D 84 8.24 -2.12 14.14
C LEU D 84 8.70 -1.21 15.29
N LYS D 85 9.57 -0.25 14.94
CA LYS D 85 10.14 0.70 15.89
C LYS D 85 9.82 2.13 15.44
N PRO D 86 9.95 3.15 16.30
CA PRO D 86 9.74 4.54 15.88
C PRO D 86 10.65 4.98 14.73
N GLU D 87 11.84 4.39 14.61
CA GLU D 87 12.76 4.72 13.52
C GLU D 87 12.22 4.27 12.15
N ASP D 88 11.16 3.42 12.11
CA ASP D 88 10.59 2.90 10.87
C ASP D 88 9.46 3.78 10.34
N THR D 89 9.09 4.81 11.11
CA THR D 89 8.11 5.82 10.71
C THR D 89 8.62 6.55 9.45
N ALA D 90 7.79 6.60 8.41
CA ALA D 90 8.17 7.18 7.13
C ALA D 90 7.02 6.96 6.13
N ILE D 91 7.05 7.69 5.01
CA ILE D 91 6.27 7.32 3.82
C ILE D 91 7.07 6.26 3.07
N TYR D 92 6.40 5.14 2.76
CA TYR D 92 7.01 4.02 2.07
C TYR D 92 6.59 4.04 0.61
N TYR D 93 7.57 3.89 -0.29
CA TYR D 93 7.35 3.97 -1.73
C TYR D 93 7.81 2.65 -2.34
N CYS D 94 7.14 2.22 -3.41
CA CYS D 94 7.74 1.18 -4.23
C CYS D 94 8.09 1.77 -5.60
N ALA D 95 9.02 1.04 -6.24
CA ALA D 95 9.60 1.45 -7.49
C ALA D 95 10.13 0.20 -8.18
N VAL D 96 10.43 0.34 -9.47
CA VAL D 96 11.02 -0.71 -10.28
C VAL D 96 12.21 -0.19 -11.05
N ARG D 97 13.04 -1.15 -11.49
CA ARG D 97 14.09 -0.90 -12.44
C ARG D 97 14.14 -2.07 -13.41
N ASP D 98 14.49 -1.76 -14.68
CA ASP D 98 14.55 -2.71 -15.77
C ASP D 98 15.72 -3.66 -15.53
N ARG D 99 15.44 -4.96 -15.48
CA ARG D 99 16.47 -5.98 -15.23
C ARG D 99 17.41 -6.15 -16.43
N GLY D 100 17.15 -5.46 -17.54
CA GLY D 100 17.97 -5.58 -18.74
C GLY D 100 19.12 -4.57 -18.76
N ARG D 101 19.20 -3.71 -17.71
CA ARG D 101 20.27 -2.74 -17.55
C ARG D 101 21.20 -3.20 -16.43
N VAL D 102 22.27 -2.41 -16.14
CA VAL D 102 23.18 -2.66 -15.01
C VAL D 102 23.19 -1.46 -14.07
N TYR D 103 23.27 -1.76 -12.76
CA TYR D 103 23.16 -0.78 -11.68
C TYR D 103 24.28 -0.97 -10.67
N SER D 104 24.78 0.15 -10.11
CA SER D 104 25.99 0.19 -9.29
C SER D 104 25.74 -0.25 -7.85
N SER D 105 24.47 -0.33 -7.45
CA SER D 105 24.11 -0.77 -6.11
C SER D 105 22.70 -1.35 -6.09
N THR D 106 22.35 -1.97 -4.96
CA THR D 106 21.05 -2.58 -4.76
C THR D 106 19.92 -1.57 -4.94
N TRP D 107 20.15 -0.29 -4.61
CA TRP D 107 19.11 0.74 -4.50
C TRP D 107 19.11 1.75 -5.65
N SER D 108 20.06 1.64 -6.57
CA SER D 108 20.26 2.60 -7.66
C SER D 108 19.28 2.33 -8.79
N GLY D 109 18.75 3.41 -9.39
CA GLY D 109 18.12 3.30 -10.69
C GLY D 109 16.61 3.13 -10.65
N PHE D 110 16.04 3.03 -9.45
CA PHE D 110 14.62 2.74 -9.32
C PHE D 110 13.82 3.99 -9.63
N GLY D 111 12.64 3.75 -10.22
CA GLY D 111 11.75 4.82 -10.64
C GLY D 111 10.35 4.26 -10.77
N SER D 112 9.50 5.02 -11.50
CA SER D 112 8.05 4.78 -11.62
C SER D 112 7.37 4.80 -10.25
N TRP D 113 7.91 5.63 -9.34
CA TRP D 113 7.46 5.71 -7.95
C TRP D 113 5.95 5.80 -7.84
N GLY D 114 5.38 5.11 -6.84
CA GLY D 114 3.98 5.34 -6.50
C GLY D 114 3.80 6.60 -5.66
N GLN D 115 2.56 6.82 -5.20
CA GLN D 115 2.25 8.01 -4.39
C GLN D 115 2.79 7.85 -2.96
N GLY D 116 3.00 6.60 -2.52
CA GLY D 116 3.48 6.32 -1.19
C GLY D 116 2.34 5.99 -0.23
N THR D 117 2.69 5.38 0.91
CA THR D 117 1.76 5.00 1.97
C THR D 117 2.44 5.32 3.31
N GLN D 118 1.74 6.05 4.19
CA GLN D 118 2.28 6.53 5.45
C GLN D 118 2.30 5.38 6.46
N VAL D 119 3.48 5.15 7.04
CA VAL D 119 3.66 4.23 8.16
C VAL D 119 4.12 5.07 9.36
N THR D 120 3.36 4.98 10.46
CA THR D 120 3.56 5.76 11.67
C THR D 120 3.61 4.78 12.85
N ILE D 121 4.74 4.76 13.60
CA ILE D 121 4.86 3.95 14.79
C ILE D 121 4.84 4.88 16.01
N SER D 122 3.78 4.80 16.85
CA SER D 122 3.64 5.63 18.05
C SER D 122 4.67 5.25 19.11
N GLN E 6 -17.62 45.94 -9.76
CA GLN E 6 -18.32 46.32 -11.02
C GLN E 6 -17.33 46.14 -12.18
N ASP E 7 -17.79 46.50 -13.39
CA ASP E 7 -17.06 46.35 -14.64
C ASP E 7 -16.00 47.46 -14.77
N THR E 8 -14.70 47.14 -14.59
CA THR E 8 -13.62 48.14 -14.58
C THR E 8 -13.02 48.30 -15.99
N PRO E 9 -12.43 49.47 -16.37
CA PRO E 9 -11.60 49.57 -17.58
C PRO E 9 -10.36 48.68 -17.59
N ILE E 10 -10.07 48.09 -18.77
CA ILE E 10 -8.99 47.14 -18.98
C ILE E 10 -7.67 47.69 -18.40
N ASN E 11 -7.39 48.99 -18.59
CA ASN E 11 -6.09 49.59 -18.29
C ASN E 11 -5.99 50.03 -16.82
N GLN E 12 -7.01 49.73 -15.99
CA GLN E 12 -6.91 49.98 -14.56
CA GLN E 12 -6.89 49.98 -14.55
C GLN E 12 -6.66 48.66 -13.82
N ILE E 13 -6.95 47.52 -14.48
CA ILE E 13 -6.61 46.17 -13.99
C ILE E 13 -5.14 45.83 -14.34
N PHE E 14 -4.86 45.82 -15.66
CA PHE E 14 -3.54 45.60 -16.26
C PHE E 14 -2.81 46.96 -16.42
N THR E 15 -2.07 47.36 -15.37
CA THR E 15 -1.49 48.69 -15.23
C THR E 15 -0.32 48.90 -16.20
N ASP E 16 0.26 47.80 -16.71
CA ASP E 16 1.33 47.84 -17.67
C ASP E 16 0.75 48.11 -19.06
N THR E 17 1.32 49.11 -19.76
CA THR E 17 0.82 49.63 -21.03
C THR E 17 0.73 48.56 -22.13
N ALA E 18 1.79 47.74 -22.21
CA ALA E 18 1.96 46.75 -23.27
C ALA E 18 1.04 45.57 -23.03
N LEU E 19 0.78 45.24 -21.74
CA LEU E 19 -0.13 44.16 -21.35
C LEU E 19 -1.59 44.58 -21.57
N ALA E 20 -1.95 45.82 -21.18
CA ALA E 20 -3.27 46.41 -21.44
C ALA E 20 -3.67 46.22 -22.91
N GLU E 21 -2.73 46.53 -23.82
CA GLU E 21 -2.90 46.46 -25.29
C GLU E 21 -3.06 45.00 -25.75
N LYS E 22 -2.29 44.09 -25.15
CA LYS E 22 -2.39 42.65 -25.40
C LYS E 22 -3.76 42.11 -24.96
N MET E 23 -4.23 42.56 -23.78
CA MET E 23 -5.45 42.02 -23.18
C MET E 23 -6.70 42.52 -23.91
N LYS E 24 -6.66 43.78 -24.37
CA LYS E 24 -7.62 44.31 -25.33
C LYS E 24 -7.90 43.29 -26.45
N THR E 25 -6.84 42.81 -27.12
CA THR E 25 -6.97 41.88 -28.24
C THR E 25 -7.51 40.51 -27.79
N VAL E 26 -7.07 40.04 -26.61
CA VAL E 26 -7.49 38.74 -26.10
C VAL E 26 -9.00 38.75 -25.82
N LEU E 27 -9.48 39.89 -25.29
CA LEU E 27 -10.84 40.04 -24.80
C LEU E 27 -11.82 40.49 -25.91
N GLY E 28 -11.31 40.70 -27.15
CA GLY E 28 -12.11 41.06 -28.31
C GLY E 28 -12.69 42.48 -28.23
N LYS E 29 -11.95 43.41 -27.59
CA LYS E 29 -12.39 44.80 -27.42
C LYS E 29 -11.71 45.70 -28.45
N THR E 30 -12.08 46.99 -28.42
CA THR E 30 -11.69 48.00 -29.40
C THR E 30 -10.68 49.01 -28.80
N ASN E 31 -10.78 49.38 -27.52
CA ASN E 31 -9.82 50.27 -26.85
C ASN E 31 -9.37 49.70 -25.50
N VAL E 32 -8.26 50.22 -24.98
CA VAL E 32 -7.73 49.78 -23.70
C VAL E 32 -8.47 50.50 -22.55
N THR E 33 -9.48 51.34 -22.86
CA THR E 33 -10.33 51.99 -21.86
C THR E 33 -11.69 51.30 -21.74
N ASP E 34 -12.08 50.50 -22.75
CA ASP E 34 -13.29 49.67 -22.68
C ASP E 34 -13.34 48.93 -21.35
N THR E 35 -14.56 48.68 -20.85
CA THR E 35 -14.74 47.98 -19.59
C THR E 35 -15.02 46.49 -19.88
N VAL E 36 -14.77 45.65 -18.87
CA VAL E 36 -14.93 44.19 -18.94
C VAL E 36 -15.44 43.67 -17.59
N SER E 37 -16.18 42.54 -17.64
CA SER E 37 -16.78 41.93 -16.46
C SER E 37 -15.89 40.78 -15.97
N GLN E 38 -16.12 40.36 -14.71
CA GLN E 38 -15.44 39.22 -14.13
C GLN E 38 -15.73 37.94 -14.95
N THR E 39 -16.74 37.99 -15.84
CA THR E 39 -17.12 36.88 -16.71
C THR E 39 -16.29 36.86 -18.00
N ASP E 40 -16.01 38.05 -18.56
CA ASP E 40 -15.17 38.19 -19.74
C ASP E 40 -13.76 37.67 -19.43
N LEU E 41 -13.33 37.83 -18.15
CA LEU E 41 -11.99 37.51 -17.66
C LEU E 41 -11.80 36.01 -17.43
N ASP E 42 -12.88 35.35 -16.98
CA ASP E 42 -12.84 33.93 -16.65
C ASP E 42 -12.92 33.09 -17.93
N GLN E 43 -13.11 33.73 -19.10
CA GLN E 43 -13.09 33.05 -20.39
C GLN E 43 -11.65 32.72 -20.83
N VAL E 44 -10.64 33.37 -20.21
CA VAL E 44 -9.25 33.33 -20.70
C VAL E 44 -8.49 32.20 -19.99
N THR E 45 -8.15 31.14 -20.76
CA THR E 45 -7.51 29.94 -20.25
C THR E 45 -6.07 29.77 -20.74
N THR E 46 -5.65 30.54 -21.78
CA THR E 46 -4.25 30.56 -22.21
C THR E 46 -3.88 32.02 -22.54
N LEU E 47 -2.58 32.32 -22.51
CA LEU E 47 -2.11 33.68 -22.77
C LEU E 47 -0.67 33.64 -23.31
N GLN E 48 -0.51 33.90 -24.62
CA GLN E 48 0.79 33.98 -25.28
C GLN E 48 1.20 35.46 -25.36
N ALA E 49 1.94 35.96 -24.36
CA ALA E 49 2.35 37.36 -24.28
C ALA E 49 3.88 37.50 -24.20
N ASP E 50 4.60 36.83 -25.12
CA ASP E 50 6.05 36.89 -25.17
C ASP E 50 6.53 38.08 -26.01
N ARG E 51 7.68 38.64 -25.61
CA ARG E 51 8.41 39.71 -26.30
C ARG E 51 7.49 40.88 -26.66
N LEU E 52 6.88 41.46 -25.62
CA LEU E 52 5.96 42.58 -25.75
C LEU E 52 6.46 43.73 -24.87
N GLY E 53 7.66 43.57 -24.30
CA GLY E 53 8.24 44.59 -23.44
C GLY E 53 7.46 44.83 -22.15
N ILE E 54 6.81 43.79 -21.61
CA ILE E 54 6.00 43.91 -20.41
C ILE E 54 6.89 44.01 -19.18
N LYS E 55 6.59 44.96 -18.27
CA LYS E 55 7.41 45.19 -17.08
C LYS E 55 6.73 44.67 -15.81
N SER E 56 5.40 44.46 -15.86
CA SER E 56 4.60 44.04 -14.71
C SER E 56 3.42 43.18 -15.17
N ILE E 57 3.09 42.15 -14.39
CA ILE E 57 1.91 41.33 -14.68
C ILE E 57 0.77 41.64 -13.69
N ASP E 58 0.81 42.79 -13.02
CA ASP E 58 -0.34 43.26 -12.23
C ASP E 58 -1.59 43.21 -13.13
N GLY E 59 -2.65 42.54 -12.62
CA GLY E 59 -3.87 42.32 -13.38
C GLY E 59 -4.15 40.84 -13.72
N VAL E 60 -3.08 40.03 -13.74
CA VAL E 60 -3.17 38.64 -14.18
C VAL E 60 -3.86 37.78 -13.11
N GLU E 61 -3.79 38.20 -11.82
CA GLU E 61 -4.42 37.49 -10.70
C GLU E 61 -5.94 37.29 -10.92
N TYR E 62 -6.56 38.11 -11.80
CA TYR E 62 -8.00 38.11 -12.05
C TYR E 62 -8.39 37.13 -13.17
N LEU E 63 -7.40 36.54 -13.86
CA LEU E 63 -7.67 35.56 -14.91
C LEU E 63 -7.64 34.16 -14.31
N ASN E 64 -8.66 33.80 -13.51
CA ASN E 64 -8.55 32.73 -12.52
C ASN E 64 -8.37 31.37 -13.19
N ASN E 65 -8.81 31.29 -14.45
CA ASN E 65 -8.94 30.04 -15.20
C ASN E 65 -7.80 29.80 -16.19
N LEU E 66 -6.66 30.51 -16.03
CA LEU E 66 -5.45 30.27 -16.81
C LEU E 66 -4.88 28.88 -16.47
N THR E 67 -4.72 28.04 -17.52
CA THR E 67 -4.03 26.76 -17.45
C THR E 67 -2.61 26.86 -18.03
N GLN E 68 -2.32 27.81 -18.92
CA GLN E 68 -1.05 27.83 -19.66
C GLN E 68 -0.66 29.28 -19.99
N ILE E 69 0.54 29.72 -19.61
CA ILE E 69 0.96 31.09 -19.91
C ILE E 69 2.36 31.11 -20.50
N ASN E 70 2.66 32.22 -21.20
CA ASN E 70 3.96 32.51 -21.79
C ASN E 70 4.26 34.01 -21.62
N PHE E 71 5.18 34.34 -20.70
CA PHE E 71 5.64 35.71 -20.50
C PHE E 71 7.15 35.79 -20.71
N SER E 72 7.68 34.90 -21.59
CA SER E 72 9.10 34.86 -21.87
C SER E 72 9.52 36.11 -22.63
N ASN E 73 10.78 36.54 -22.45
CA ASN E 73 11.41 37.60 -23.22
C ASN E 73 10.68 38.92 -22.95
N ASN E 74 10.42 39.21 -21.67
CA ASN E 74 9.89 40.48 -21.22
C ASN E 74 10.88 41.04 -20.20
N GLN E 75 10.40 41.85 -19.24
CA GLN E 75 11.27 42.48 -18.25
C GLN E 75 10.63 42.35 -16.86
N LEU E 76 10.11 41.15 -16.57
CA LEU E 76 9.40 40.87 -15.33
C LEU E 76 10.42 40.73 -14.20
N THR E 77 10.10 41.30 -13.02
CA THR E 77 10.84 41.05 -11.80
C THR E 77 9.96 40.35 -10.77
N ASP E 78 8.79 40.93 -10.52
CA ASP E 78 7.86 40.45 -9.49
C ASP E 78 6.80 39.56 -10.16
N ILE E 79 6.56 38.36 -9.60
CA ILE E 79 5.54 37.46 -10.13
C ILE E 79 4.47 37.10 -9.09
N THR E 80 4.24 37.98 -8.08
CA THR E 80 3.22 37.81 -7.04
C THR E 80 1.83 37.56 -7.64
N PRO E 81 1.39 38.29 -8.70
CA PRO E 81 0.11 37.98 -9.37
C PRO E 81 -0.24 36.53 -9.71
N LEU E 82 0.76 35.63 -9.70
CA LEU E 82 0.59 34.22 -10.08
C LEU E 82 0.14 33.38 -8.88
N LYS E 83 0.43 33.87 -7.65
CA LYS E 83 0.36 33.13 -6.39
C LYS E 83 -0.84 32.16 -6.29
N ASN E 84 -2.02 32.59 -6.79
CA ASN E 84 -3.29 31.93 -6.53
C ASN E 84 -3.93 31.39 -7.82
N LEU E 85 -3.19 31.33 -8.93
CA LEU E 85 -3.72 30.76 -10.17
C LEU E 85 -3.38 29.27 -10.22
N THR E 86 -4.01 28.50 -9.32
CA THR E 86 -3.58 27.14 -9.01
C THR E 86 -4.04 26.17 -10.10
N LYS E 87 -4.73 26.69 -11.11
CA LYS E 87 -5.06 25.92 -12.30
C LYS E 87 -3.96 25.95 -13.36
N LEU E 88 -2.83 26.65 -13.09
CA LEU E 88 -1.70 26.67 -14.01
C LEU E 88 -1.01 25.30 -14.03
N VAL E 89 -0.78 24.78 -15.26
CA VAL E 89 -0.05 23.55 -15.54
C VAL E 89 1.27 23.82 -16.27
N ASP E 90 1.38 24.91 -17.05
CA ASP E 90 2.58 25.20 -17.83
C ASP E 90 2.88 26.71 -17.77
N ILE E 91 4.10 27.07 -17.35
CA ILE E 91 4.57 28.45 -17.35
C ILE E 91 5.85 28.52 -18.19
N LEU E 92 5.88 29.43 -19.17
CA LEU E 92 7.09 29.82 -19.87
C LEU E 92 7.43 31.26 -19.48
N MET E 93 8.55 31.46 -18.78
CA MET E 93 8.96 32.77 -18.29
C MET E 93 10.48 32.95 -18.35
N ASN E 94 11.10 32.29 -19.33
CA ASN E 94 12.52 32.44 -19.57
C ASN E 94 12.79 33.89 -20.00
N ASN E 95 14.01 34.41 -19.78
CA ASN E 95 14.46 35.67 -20.37
C ASN E 95 13.67 36.85 -19.79
N ASN E 96 13.71 36.94 -18.46
CA ASN E 96 13.15 38.03 -17.68
C ASN E 96 14.23 38.39 -16.64
N GLN E 97 13.83 39.04 -15.54
CA GLN E 97 14.75 39.44 -14.47
C GLN E 97 14.17 39.04 -13.12
N ILE E 98 13.61 37.82 -13.07
CA ILE E 98 12.94 37.28 -11.89
C ILE E 98 14.00 36.75 -10.93
N ALA E 99 13.91 37.12 -9.65
CA ALA E 99 14.79 36.63 -8.59
C ALA E 99 14.04 35.78 -7.54
N ASP E 100 12.81 36.17 -7.21
CA ASP E 100 12.04 35.60 -6.11
C ASP E 100 10.91 34.79 -6.73
N ILE E 101 10.90 33.47 -6.47
CA ILE E 101 9.88 32.58 -7.05
C ILE E 101 8.98 31.96 -5.97
N THR E 102 8.95 32.57 -4.77
CA THR E 102 8.00 32.20 -3.72
C THR E 102 6.55 32.14 -4.22
N PRO E 103 6.09 33.08 -5.07
CA PRO E 103 4.76 32.98 -5.69
C PRO E 103 4.39 31.67 -6.38
N LEU E 104 5.38 30.81 -6.68
CA LEU E 104 5.10 29.55 -7.36
C LEU E 104 4.77 28.42 -6.38
N ALA E 105 5.00 28.62 -5.08
CA ALA E 105 5.19 27.54 -4.10
C ALA E 105 4.00 26.57 -4.03
N ASN E 106 2.78 27.08 -4.33
CA ASN E 106 1.54 26.33 -4.17
C ASN E 106 0.88 25.98 -5.51
N LEU E 107 1.54 26.21 -6.65
CA LEU E 107 0.95 25.88 -7.94
C LEU E 107 1.26 24.43 -8.28
N THR E 108 0.71 23.52 -7.47
CA THR E 108 1.10 22.12 -7.44
C THR E 108 0.54 21.37 -8.66
N ASN E 109 -0.27 22.02 -9.51
CA ASN E 109 -0.71 21.36 -10.75
C ASN E 109 0.27 21.54 -11.92
N LEU E 110 1.33 22.38 -11.73
CA LEU E 110 2.41 22.57 -12.70
C LEU E 110 3.07 21.24 -13.07
N THR E 111 3.02 20.93 -14.38
CA THR E 111 3.78 19.88 -15.03
C THR E 111 4.97 20.47 -15.82
N GLY E 112 4.90 21.76 -16.18
CA GLY E 112 5.95 22.40 -16.97
C GLY E 112 6.31 23.78 -16.43
N LEU E 113 7.60 24.01 -16.14
CA LEU E 113 8.05 25.31 -15.67
C LEU E 113 9.40 25.66 -16.32
N THR E 114 9.42 26.75 -17.08
CA THR E 114 10.58 27.20 -17.83
C THR E 114 10.97 28.59 -17.37
N LEU E 115 12.18 28.71 -16.78
CA LEU E 115 12.62 29.93 -16.12
C LEU E 115 14.08 30.25 -16.43
N PHE E 116 14.64 29.76 -17.54
CA PHE E 116 16.06 29.96 -17.79
C PHE E 116 16.26 31.41 -18.17
N ASN E 117 17.46 31.95 -17.87
CA ASN E 117 17.82 33.35 -18.13
C ASN E 117 17.01 34.28 -17.26
N ASN E 118 17.29 34.22 -15.94
CA ASN E 118 16.63 34.98 -14.89
C ASN E 118 17.70 35.24 -13.83
N GLN E 119 17.32 35.62 -12.61
CA GLN E 119 18.30 35.97 -11.58
C GLN E 119 17.97 35.24 -10.27
N ILE E 120 17.58 33.96 -10.41
CA ILE E 120 17.10 33.12 -9.32
C ILE E 120 18.27 32.43 -8.62
N THR E 121 18.34 32.58 -7.27
CA THR E 121 19.27 31.83 -6.42
C THR E 121 18.53 30.75 -5.60
N ASP E 122 17.39 31.14 -5.00
CA ASP E 122 16.65 30.32 -4.05
C ASP E 122 15.54 29.56 -4.76
N ILE E 123 15.67 28.21 -4.81
CA ILE E 123 14.68 27.38 -5.47
C ILE E 123 13.94 26.50 -4.46
N ASP E 124 14.10 26.80 -3.16
CA ASP E 124 13.30 26.15 -2.12
C ASP E 124 11.80 26.21 -2.48
N PRO E 125 11.21 27.33 -2.98
CA PRO E 125 9.78 27.32 -3.37
C PRO E 125 9.28 26.29 -4.37
N LEU E 126 10.20 25.54 -5.01
CA LEU E 126 9.84 24.56 -6.02
C LEU E 126 9.62 23.18 -5.37
N LYS E 127 9.89 23.02 -4.08
CA LYS E 127 10.16 21.70 -3.54
C LYS E 127 8.92 20.83 -3.55
N ASN E 128 7.71 21.45 -3.49
CA ASN E 128 6.48 20.70 -3.39
C ASN E 128 5.76 20.64 -4.73
N LEU E 129 6.43 20.99 -5.84
CA LEU E 129 5.83 20.93 -7.17
C LEU E 129 6.12 19.58 -7.82
N THR E 130 5.63 18.54 -7.17
CA THR E 130 6.04 17.16 -7.42
C THR E 130 5.41 16.61 -8.71
N ASN E 131 4.54 17.38 -9.38
CA ASN E 131 3.99 16.92 -10.66
C ASN E 131 4.81 17.44 -11.85
N LEU E 132 5.84 18.26 -11.59
CA LEU E 132 6.73 18.75 -12.65
C LEU E 132 7.39 17.57 -13.37
N ASN E 133 7.24 17.56 -14.72
CA ASN E 133 8.04 16.70 -15.57
C ASN E 133 9.05 17.52 -16.40
N ARG E 134 8.89 18.86 -16.44
CA ARG E 134 9.82 19.70 -17.16
C ARG E 134 10.16 20.93 -16.32
N LEU E 135 11.44 21.08 -15.99
CA LEU E 135 11.92 22.20 -15.19
C LEU E 135 13.21 22.73 -15.81
N GLU E 136 13.18 24.01 -16.23
CA GLU E 136 14.29 24.63 -16.92
C GLU E 136 14.75 25.85 -16.14
N LEU E 137 15.97 25.79 -15.61
CA LEU E 137 16.50 26.77 -14.70
C LEU E 137 17.93 27.20 -15.06
N SER E 138 18.43 26.92 -16.27
CA SER E 138 19.81 27.25 -16.57
C SER E 138 19.94 28.77 -16.72
N SER E 139 21.19 29.29 -16.62
CA SER E 139 21.50 30.71 -16.67
C SER E 139 20.74 31.48 -15.58
N ASN E 140 20.91 30.98 -14.35
CA ASN E 140 20.42 31.58 -13.12
C ASN E 140 21.65 31.59 -12.20
N THR E 141 21.47 31.83 -10.89
CA THR E 141 22.59 31.92 -9.94
C THR E 141 22.37 30.92 -8.80
N ILE E 142 21.80 29.76 -9.13
CA ILE E 142 21.53 28.67 -8.20
C ILE E 142 22.81 27.93 -7.83
N SER E 143 22.99 27.67 -6.53
CA SER E 143 24.14 26.90 -6.04
C SER E 143 23.71 25.64 -5.29
N ASP E 144 22.41 25.49 -5.01
CA ASP E 144 21.94 24.46 -4.12
C ASP E 144 20.67 23.87 -4.72
N ILE E 145 20.72 22.57 -5.03
CA ILE E 145 19.60 21.92 -5.71
C ILE E 145 18.90 20.90 -4.81
N SER E 146 19.02 21.10 -3.48
CA SER E 146 18.33 20.31 -2.45
C SER E 146 16.84 20.17 -2.71
N ALA E 147 16.21 21.30 -3.01
CA ALA E 147 14.79 21.43 -3.26
C ALA E 147 14.29 20.52 -4.38
N LEU E 148 15.20 19.98 -5.22
CA LEU E 148 14.78 19.18 -6.36
C LEU E 148 14.61 17.70 -6.00
N SER E 149 15.07 17.26 -4.81
CA SER E 149 15.22 15.83 -4.54
C SER E 149 13.91 15.05 -4.57
N GLY E 150 12.78 15.75 -4.38
CA GLY E 150 11.47 15.13 -4.38
C GLY E 150 10.71 15.25 -5.70
N LEU E 151 11.30 15.89 -6.73
CA LEU E 151 10.62 16.07 -8.00
C LEU E 151 10.92 14.88 -8.92
N THR E 152 10.40 13.72 -8.52
CA THR E 152 10.77 12.43 -9.08
C THR E 152 10.04 12.16 -10.38
N SER E 153 9.15 13.07 -10.82
CA SER E 153 8.47 12.90 -12.11
C SER E 153 9.18 13.63 -13.26
N LEU E 154 10.31 14.33 -12.96
CA LEU E 154 11.05 15.09 -13.94
C LEU E 154 11.64 14.19 -15.02
N GLN E 155 11.40 14.58 -16.28
CA GLN E 155 11.97 13.97 -17.47
C GLN E 155 13.02 14.88 -18.12
N GLN E 156 12.84 16.20 -17.98
CA GLN E 156 13.79 17.19 -18.44
C GLN E 156 14.12 18.19 -17.33
N LEU E 157 15.42 18.48 -17.18
CA LEU E 157 15.89 19.36 -16.12
C LEU E 157 17.13 20.10 -16.59
N SER E 158 17.17 21.41 -16.30
CA SER E 158 18.34 22.22 -16.52
C SER E 158 18.46 23.16 -15.33
N PHE E 159 19.68 23.51 -14.95
CA PHE E 159 19.90 24.49 -13.89
C PHE E 159 21.33 25.02 -13.96
N GLY E 160 21.50 26.23 -13.43
CA GLY E 160 22.83 26.84 -13.37
C GLY E 160 22.76 28.03 -12.46
N ASN E 161 23.90 28.62 -12.07
CA ASN E 161 25.19 28.35 -12.68
C ASN E 161 26.31 28.14 -11.65
N GLN E 162 25.97 27.78 -10.39
CA GLN E 162 26.97 27.63 -9.34
C GLN E 162 26.88 26.29 -8.60
N VAL E 163 26.19 25.29 -9.15
CA VAL E 163 26.04 24.01 -8.47
C VAL E 163 27.36 23.22 -8.51
N THR E 164 27.77 22.70 -7.33
CA THR E 164 28.88 21.76 -7.20
C THR E 164 28.36 20.35 -6.87
N ASP E 165 27.28 20.28 -6.09
CA ASP E 165 26.79 19.05 -5.44
C ASP E 165 25.54 18.54 -6.15
N LEU E 166 25.71 17.42 -6.86
CA LEU E 166 24.63 16.83 -7.65
C LEU E 166 23.84 15.77 -6.86
N LYS E 167 24.13 15.55 -5.56
CA LYS E 167 23.54 14.43 -4.84
C LYS E 167 22.00 14.50 -4.80
N PRO E 168 21.35 15.69 -4.70
CA PRO E 168 19.90 15.76 -4.70
C PRO E 168 19.18 15.06 -5.86
N LEU E 169 19.92 14.79 -6.97
CA LEU E 169 19.35 14.20 -8.18
C LEU E 169 19.20 12.67 -8.07
N ALA E 170 19.65 12.04 -6.99
CA ALA E 170 19.75 10.58 -6.89
C ALA E 170 18.49 9.84 -7.32
N ASN E 171 17.29 10.34 -6.96
CA ASN E 171 16.04 9.61 -7.13
C ASN E 171 15.24 10.13 -8.32
N LEU E 172 15.81 11.08 -9.07
CA LEU E 172 15.13 11.63 -10.25
C LEU E 172 15.39 10.72 -11.44
N THR E 173 15.04 9.42 -11.31
CA THR E 173 15.42 8.39 -12.27
C THR E 173 14.51 8.37 -13.49
N THR E 174 13.48 9.25 -13.52
CA THR E 174 12.65 9.44 -14.72
C THR E 174 13.37 10.36 -15.74
N LEU E 175 14.43 11.07 -15.30
CA LEU E 175 15.19 11.98 -16.15
C LEU E 175 15.77 11.27 -17.37
N GLU E 176 15.46 11.90 -18.52
CA GLU E 176 15.95 11.52 -19.84
C GLU E 176 16.84 12.60 -20.43
N ARG E 177 16.59 13.88 -20.07
CA ARG E 177 17.33 15.02 -20.58
C ARG E 177 17.80 15.86 -19.38
N LEU E 178 19.12 16.06 -19.26
CA LEU E 178 19.73 16.81 -18.17
C LEU E 178 20.77 17.74 -18.75
N ASP E 179 20.64 19.04 -18.44
CA ASP E 179 21.56 20.08 -18.83
C ASP E 179 22.12 20.77 -17.59
N ILE E 180 23.41 20.51 -17.29
CA ILE E 180 24.11 21.08 -16.16
C ILE E 180 25.24 21.98 -16.68
N SER E 181 25.07 22.50 -17.90
CA SER E 181 26.01 23.46 -18.48
C SER E 181 26.27 24.60 -17.52
N SER E 182 27.55 25.07 -17.50
CA SER E 182 27.93 26.28 -16.79
C SER E 182 27.59 26.19 -15.32
N ASN E 183 28.16 25.18 -14.66
CA ASN E 183 28.12 25.05 -13.21
C ASN E 183 29.56 24.89 -12.75
N LYS E 184 29.75 24.27 -11.57
CA LYS E 184 31.06 24.06 -10.99
C LYS E 184 31.24 22.58 -10.64
N VAL E 185 30.74 21.70 -11.49
CA VAL E 185 30.66 20.30 -11.16
C VAL E 185 31.99 19.66 -11.52
N SER E 186 32.60 18.89 -10.61
CA SER E 186 33.62 17.94 -10.99
C SER E 186 33.18 16.49 -10.74
N ASP E 187 32.33 16.28 -9.75
CA ASP E 187 31.94 14.94 -9.34
C ASP E 187 30.56 14.63 -9.92
N ILE E 188 30.56 13.69 -10.88
CA ILE E 188 29.34 13.25 -11.54
C ILE E 188 29.03 11.79 -11.17
N SER E 189 29.49 11.31 -10.01
CA SER E 189 29.18 9.95 -9.56
C SER E 189 27.67 9.65 -9.44
N VAL E 190 26.87 10.66 -9.04
CA VAL E 190 25.44 10.46 -8.82
C VAL E 190 24.75 10.20 -10.16
N LEU E 191 25.33 10.63 -11.29
CA LEU E 191 24.65 10.48 -12.58
C LEU E 191 24.59 9.02 -12.99
N ALA E 192 25.44 8.15 -12.40
CA ALA E 192 25.38 6.71 -12.64
C ALA E 192 23.98 6.14 -12.32
N LYS E 193 23.21 6.83 -11.48
CA LYS E 193 21.89 6.38 -11.06
C LYS E 193 20.79 6.77 -12.06
N LEU E 194 21.09 7.71 -12.95
CA LEU E 194 20.10 8.24 -13.88
C LEU E 194 20.10 7.43 -15.18
N THR E 195 19.57 6.20 -15.04
CA THR E 195 19.72 5.07 -15.95
C THR E 195 19.00 5.33 -17.28
N ASN E 196 18.03 6.24 -17.27
CA ASN E 196 17.19 6.51 -18.42
C ASN E 196 17.67 7.76 -19.18
N LEU E 197 18.81 8.35 -18.80
CA LEU E 197 19.33 9.50 -19.54
C LEU E 197 19.65 9.09 -20.96
N GLU E 198 19.17 9.96 -21.88
CA GLU E 198 19.40 9.89 -23.33
C GLU E 198 20.27 11.06 -23.75
N SER E 199 20.12 12.21 -23.06
CA SER E 199 20.83 13.44 -23.39
C SER E 199 21.41 14.03 -22.11
N LEU E 200 22.74 14.19 -22.08
CA LEU E 200 23.45 14.82 -20.97
C LEU E 200 24.31 15.95 -21.53
N ILE E 201 24.01 17.19 -21.15
CA ILE E 201 24.77 18.36 -21.58
C ILE E 201 25.47 18.91 -20.34
N ALA E 202 26.80 18.92 -20.36
CA ALA E 202 27.62 19.27 -19.20
C ALA E 202 28.75 20.21 -19.61
N THR E 203 28.49 21.00 -20.65
CA THR E 203 29.38 22.05 -21.14
C THR E 203 29.87 22.93 -20.00
N ASN E 204 31.17 23.25 -20.00
CA ASN E 204 31.73 24.27 -19.12
C ASN E 204 31.58 23.91 -17.64
N ASN E 205 32.21 22.79 -17.25
CA ASN E 205 32.29 22.35 -15.85
C ASN E 205 33.75 21.98 -15.61
N GLN E 206 34.04 21.17 -14.59
CA GLN E 206 35.42 20.81 -14.28
C GLN E 206 35.58 19.30 -14.16
N ILE E 207 34.99 18.59 -15.12
CA ILE E 207 34.89 17.15 -15.05
C ILE E 207 36.13 16.56 -15.68
N SER E 208 36.82 15.65 -14.98
CA SER E 208 37.91 14.88 -15.56
C SER E 208 37.62 13.39 -15.56
N ASP E 209 36.81 12.92 -14.61
CA ASP E 209 36.53 11.51 -14.43
C ASP E 209 35.09 11.27 -14.90
N ILE E 210 34.96 10.56 -16.04
CA ILE E 210 33.66 10.28 -16.64
C ILE E 210 33.23 8.84 -16.43
N THR E 211 33.94 8.06 -15.59
CA THR E 211 33.65 6.64 -15.40
C THR E 211 32.21 6.42 -14.94
N PRO E 212 31.52 7.32 -14.18
CA PRO E 212 30.12 7.10 -13.83
C PRO E 212 29.14 6.95 -14.99
N LEU E 213 29.48 7.52 -16.15
CA LEU E 213 28.59 7.50 -17.31
C LEU E 213 28.60 6.13 -17.99
N GLY E 214 29.57 5.24 -17.68
CA GLY E 214 29.78 4.02 -18.43
C GLY E 214 28.59 3.06 -18.47
N ILE E 215 27.67 3.15 -17.50
CA ILE E 215 26.48 2.31 -17.45
C ILE E 215 25.24 3.02 -17.97
N LEU E 216 25.36 4.27 -18.48
CA LEU E 216 24.23 5.02 -19.02
C LEU E 216 24.14 4.73 -20.51
N THR E 217 23.83 3.48 -20.84
CA THR E 217 23.98 2.99 -22.20
C THR E 217 22.85 3.50 -23.10
N ASN E 218 21.89 4.20 -22.53
CA ASN E 218 20.86 4.78 -23.38
C ASN E 218 21.25 6.20 -23.84
N LEU E 219 22.44 6.69 -23.47
CA LEU E 219 22.84 8.01 -23.92
C LEU E 219 23.00 7.97 -25.44
N ASP E 220 22.32 8.92 -26.10
CA ASP E 220 22.48 9.13 -27.53
C ASP E 220 23.11 10.49 -27.80
N GLU E 221 23.08 11.40 -26.84
CA GLU E 221 23.61 12.76 -27.00
C GLU E 221 24.36 13.10 -25.73
N LEU E 222 25.63 13.52 -25.86
CA LEU E 222 26.49 13.85 -24.72
C LEU E 222 27.38 15.03 -25.09
N SER E 223 27.42 16.06 -24.24
CA SER E 223 28.37 17.15 -24.38
C SER E 223 29.19 17.27 -23.11
N LEU E 224 30.52 17.16 -23.23
CA LEU E 224 31.47 17.50 -22.18
C LEU E 224 32.42 18.58 -22.66
N ASN E 225 31.86 19.47 -23.52
CA ASN E 225 32.55 20.63 -24.08
C ASN E 225 33.13 21.43 -22.93
N GLY E 226 34.42 21.77 -23.00
CA GLY E 226 34.96 22.72 -22.04
C GLY E 226 35.03 22.15 -20.62
N ASN E 227 35.65 20.96 -20.46
CA ASN E 227 35.84 20.31 -19.18
C ASN E 227 37.34 20.05 -19.03
N GLN E 228 37.73 18.98 -18.33
CA GLN E 228 39.13 18.65 -18.11
C GLN E 228 39.38 17.19 -18.51
N LEU E 229 38.88 16.80 -19.69
CA LEU E 229 38.96 15.43 -20.12
C LEU E 229 40.31 15.16 -20.75
N LYS E 230 40.83 13.97 -20.47
CA LYS E 230 41.97 13.43 -21.19
C LYS E 230 41.61 12.01 -21.63
N ASP E 231 41.41 11.13 -20.65
CA ASP E 231 41.08 9.75 -20.92
C ASP E 231 39.58 9.67 -21.15
N ILE E 232 39.19 9.23 -22.37
CA ILE E 232 37.77 9.07 -22.73
C ILE E 232 37.45 7.59 -23.00
N GLY E 233 38.15 6.67 -22.33
CA GLY E 233 37.94 5.23 -22.53
C GLY E 233 36.52 4.78 -22.24
N THR E 234 35.84 5.49 -21.30
CA THR E 234 34.48 5.12 -20.91
C THR E 234 33.48 5.22 -22.06
N LEU E 235 33.74 6.11 -23.02
CA LEU E 235 32.79 6.45 -24.06
C LEU E 235 32.62 5.27 -25.01
N ALA E 236 33.58 4.32 -25.04
CA ALA E 236 33.46 3.14 -25.89
C ALA E 236 32.29 2.25 -25.54
N SER E 237 31.77 2.36 -24.30
CA SER E 237 30.62 1.60 -23.84
C SER E 237 29.32 2.19 -24.39
N LEU E 238 29.33 3.47 -24.78
CA LEU E 238 28.09 4.19 -25.05
C LEU E 238 27.80 4.09 -26.55
N THR E 239 27.46 2.87 -26.99
CA THR E 239 27.44 2.55 -28.41
C THR E 239 26.20 3.12 -29.09
N ASN E 240 25.25 3.70 -28.33
CA ASN E 240 24.09 4.36 -28.89
C ASN E 240 24.32 5.86 -29.14
N LEU E 241 25.51 6.39 -28.86
CA LEU E 241 25.79 7.80 -29.12
C LEU E 241 25.65 8.09 -30.62
N THR E 242 24.92 9.19 -30.91
CA THR E 242 24.79 9.74 -32.25
C THR E 242 25.37 11.16 -32.29
N ASP E 243 25.49 11.80 -31.13
CA ASP E 243 25.86 13.21 -31.10
C ASP E 243 26.79 13.43 -29.90
N LEU E 244 28.08 13.78 -30.15
CA LEU E 244 29.11 13.79 -29.13
C LEU E 244 29.95 15.06 -29.26
N ASP E 245 30.00 15.87 -28.19
CA ASP E 245 30.74 17.12 -28.17
C ASP E 245 31.79 17.05 -27.08
N LEU E 246 33.09 17.01 -27.49
CA LEU E 246 34.20 16.87 -26.57
C LEU E 246 35.19 18.01 -26.81
N ALA E 247 34.69 19.15 -27.29
CA ALA E 247 35.56 20.25 -27.71
C ALA E 247 36.12 20.94 -26.49
N ASN E 248 37.36 21.44 -26.59
CA ASN E 248 37.99 22.25 -25.56
C ASN E 248 38.27 21.41 -24.30
N ASN E 249 39.07 20.36 -24.50
CA ASN E 249 39.52 19.48 -23.45
C ASN E 249 41.02 19.28 -23.72
N GLN E 250 41.58 18.13 -23.32
CA GLN E 250 43.00 17.85 -23.45
C GLN E 250 43.13 16.42 -23.97
N ILE E 251 42.27 16.04 -24.93
CA ILE E 251 42.15 14.67 -25.38
C ILE E 251 43.20 14.45 -26.49
N SER E 252 43.95 13.35 -26.43
CA SER E 252 44.78 12.95 -27.55
C SER E 252 44.40 11.59 -28.10
N ASN E 253 43.89 10.68 -27.24
CA ASN E 253 43.66 9.31 -27.66
C ASN E 253 42.18 9.07 -27.96
N LEU E 254 41.91 8.83 -29.28
CA LEU E 254 40.58 8.71 -29.84
C LEU E 254 40.19 7.26 -30.09
N ALA E 255 41.06 6.31 -29.74
CA ALA E 255 40.77 4.89 -29.91
C ALA E 255 39.39 4.53 -29.34
N PRO E 256 38.97 5.06 -28.15
CA PRO E 256 37.66 4.72 -27.59
C PRO E 256 36.43 5.09 -28.42
N LEU E 257 36.64 5.92 -29.46
CA LEU E 257 35.58 6.37 -30.35
C LEU E 257 35.42 5.45 -31.56
N SER E 258 36.36 4.54 -31.78
CA SER E 258 36.45 3.85 -33.06
C SER E 258 35.22 2.99 -33.36
N GLY E 259 34.57 2.46 -32.31
CA GLY E 259 33.42 1.58 -32.49
C GLY E 259 32.07 2.31 -32.38
N LEU E 260 32.06 3.65 -32.24
CA LEU E 260 30.83 4.43 -32.14
C LEU E 260 30.34 4.86 -33.52
N THR E 261 29.95 3.86 -34.31
CA THR E 261 29.63 4.01 -35.72
C THR E 261 28.28 4.68 -35.95
N LYS E 262 27.51 4.93 -34.89
CA LYS E 262 26.26 5.64 -35.05
C LYS E 262 26.41 7.17 -35.00
N LEU E 263 27.61 7.64 -34.67
CA LEU E 263 27.86 9.07 -34.54
C LEU E 263 27.60 9.74 -35.89
N THR E 264 26.76 10.77 -35.87
CA THR E 264 26.54 11.67 -37.00
C THR E 264 27.19 13.03 -36.76
N GLU E 265 27.36 13.43 -35.48
CA GLU E 265 28.09 14.65 -35.15
C GLU E 265 29.15 14.35 -34.10
N LEU E 266 30.39 14.78 -34.35
CA LEU E 266 31.51 14.61 -33.45
C LEU E 266 32.35 15.86 -33.43
N LYS E 267 32.40 16.52 -32.27
CA LYS E 267 33.10 17.78 -32.12
C LYS E 267 34.28 17.58 -31.20
N LEU E 268 35.49 17.75 -31.73
CA LEU E 268 36.77 17.42 -31.09
C LEU E 268 37.74 18.58 -31.20
N GLY E 269 37.21 19.75 -31.51
CA GLY E 269 38.05 20.92 -31.65
C GLY E 269 38.69 21.30 -30.32
N ALA E 270 39.90 21.88 -30.39
CA ALA E 270 40.55 22.41 -29.21
C ALA E 270 40.85 21.26 -28.26
N ASN E 271 41.78 20.43 -28.69
CA ASN E 271 42.21 19.25 -27.95
C ASN E 271 43.69 19.07 -28.30
N GLN E 272 44.20 17.84 -28.12
CA GLN E 272 45.63 17.53 -28.25
C GLN E 272 45.82 16.39 -29.26
N ILE E 273 45.04 16.42 -30.35
CA ILE E 273 44.90 15.30 -31.25
C ILE E 273 45.91 15.42 -32.39
N SER E 274 46.66 14.33 -32.61
CA SER E 274 47.56 14.27 -33.74
C SER E 274 47.26 13.09 -34.65
N ASN E 275 46.41 12.18 -34.21
CA ASN E 275 46.13 10.95 -34.95
C ASN E 275 44.61 10.73 -34.96
N ILE E 276 44.02 10.74 -36.17
CA ILE E 276 42.59 10.54 -36.34
C ILE E 276 42.28 9.22 -37.04
N SER E 277 43.24 8.27 -37.08
CA SER E 277 42.98 6.93 -37.60
C SER E 277 41.76 6.29 -36.94
N PRO E 278 41.55 6.40 -35.62
CA PRO E 278 40.33 5.85 -35.00
C PRO E 278 38.97 6.35 -35.52
N LEU E 279 38.97 7.51 -36.22
CA LEU E 279 37.75 8.09 -36.77
C LEU E 279 37.36 7.50 -38.14
N ALA E 280 38.23 6.67 -38.76
CA ALA E 280 38.14 6.24 -40.16
C ALA E 280 36.83 5.55 -40.51
N GLY E 281 36.26 4.83 -39.54
CA GLY E 281 35.09 4.00 -39.75
C GLY E 281 33.81 4.66 -39.28
N LEU E 282 33.83 5.98 -38.95
CA LEU E 282 32.63 6.68 -38.50
C LEU E 282 31.94 7.31 -39.70
N THR E 283 31.47 6.42 -40.60
CA THR E 283 30.99 6.77 -41.94
C THR E 283 29.62 7.46 -41.89
N ALA E 284 28.93 7.44 -40.73
CA ALA E 284 27.64 8.12 -40.67
C ALA E 284 27.81 9.60 -40.33
N LEU E 285 29.05 10.07 -40.07
CA LEU E 285 29.32 11.44 -39.67
C LEU E 285 28.91 12.42 -40.76
N THR E 286 28.16 13.49 -40.37
CA THR E 286 27.82 14.62 -41.22
C THR E 286 28.55 15.90 -40.79
N ASN E 287 28.84 16.03 -39.49
CA ASN E 287 29.57 17.16 -38.95
C ASN E 287 30.76 16.63 -38.16
N LEU E 288 31.97 17.05 -38.56
CA LEU E 288 33.18 16.70 -37.84
C LEU E 288 34.00 17.96 -37.61
N GLU E 289 34.34 18.23 -36.34
CA GLU E 289 35.13 19.40 -35.96
C GLU E 289 36.47 18.95 -35.38
N LEU E 290 37.58 19.39 -36.01
CA LEU E 290 38.92 19.00 -35.62
C LEU E 290 39.87 20.20 -35.56
N ASN E 291 39.32 21.40 -35.45
CA ASN E 291 40.10 22.61 -35.34
C ASN E 291 40.96 22.57 -34.08
N GLU E 292 42.07 23.33 -34.09
CA GLU E 292 42.85 23.58 -32.88
C GLU E 292 43.29 22.24 -32.25
N ASN E 293 44.02 21.46 -33.05
CA ASN E 293 44.64 20.23 -32.63
C ASN E 293 46.10 20.27 -33.10
N GLN E 294 46.71 19.11 -33.35
CA GLN E 294 48.08 19.06 -33.82
C GLN E 294 48.13 18.13 -35.03
N LEU E 295 47.18 18.34 -35.93
CA LEU E 295 46.98 17.47 -37.07
C LEU E 295 47.93 17.80 -38.21
N GLU E 296 48.45 16.75 -38.84
CA GLU E 296 49.12 16.85 -40.12
C GLU E 296 48.43 15.94 -41.12
N ASP E 297 48.46 14.63 -40.84
CA ASP E 297 47.95 13.63 -41.76
C ASP E 297 46.46 13.46 -41.47
N ILE E 298 45.64 13.87 -42.45
CA ILE E 298 44.20 13.75 -42.35
C ILE E 298 43.65 12.72 -43.34
N SER E 299 44.50 11.80 -43.82
CA SER E 299 44.10 10.73 -44.73
C SER E 299 42.90 9.92 -44.25
N PRO E 300 42.73 9.64 -42.93
CA PRO E 300 41.56 8.88 -42.47
C PRO E 300 40.18 9.52 -42.70
N ILE E 301 40.16 10.83 -43.05
CA ILE E 301 38.86 11.46 -43.29
C ILE E 301 38.30 11.02 -44.63
N SER E 302 39.09 10.37 -45.50
CA SER E 302 38.69 10.26 -46.91
C SER E 302 37.53 9.25 -47.07
N ASN E 303 37.25 8.45 -46.03
CA ASN E 303 36.13 7.52 -46.10
C ASN E 303 34.84 8.11 -45.53
N LEU E 304 34.84 9.34 -45.01
CA LEU E 304 33.68 9.91 -44.32
C LEU E 304 32.79 10.68 -45.31
N LYS E 305 32.17 9.91 -46.22
CA LYS E 305 31.55 10.41 -47.43
C LYS E 305 30.27 11.20 -47.15
N ASN E 306 29.73 11.13 -45.93
CA ASN E 306 28.48 11.85 -45.63
C ASN E 306 28.74 13.24 -45.04
N LEU E 307 30.03 13.58 -44.80
CA LEU E 307 30.38 14.86 -44.21
C LEU E 307 29.86 16.00 -45.07
N THR E 308 29.12 16.90 -44.42
CA THR E 308 28.63 18.15 -44.99
C THR E 308 29.32 19.36 -44.36
N TYR E 309 29.73 19.26 -43.08
CA TYR E 309 30.51 20.31 -42.43
C TYR E 309 31.81 19.75 -41.85
N LEU E 310 32.93 20.46 -42.04
CA LEU E 310 34.25 20.03 -41.55
C LEU E 310 35.09 21.24 -41.14
N THR E 311 35.59 21.25 -39.90
CA THR E 311 36.54 22.26 -39.45
C THR E 311 37.91 21.59 -39.24
N LEU E 312 38.96 22.28 -39.73
CA LEU E 312 40.34 21.82 -39.60
C LEU E 312 41.27 22.96 -39.25
N TYR E 313 40.73 24.13 -38.92
CA TYR E 313 41.53 25.34 -38.83
C TYR E 313 42.44 25.26 -37.63
N PHE E 314 43.56 26.00 -37.68
CA PHE E 314 44.57 25.99 -36.63
C PHE E 314 45.06 24.55 -36.40
N ASN E 315 45.79 24.05 -37.39
CA ASN E 315 46.45 22.76 -37.33
C ASN E 315 47.80 22.94 -38.06
N ASN E 316 48.47 21.81 -38.36
CA ASN E 316 49.77 21.79 -39.05
CA ASN E 316 49.76 21.81 -39.07
C ASN E 316 49.61 20.95 -40.33
N ILE E 317 48.47 21.13 -41.04
CA ILE E 317 48.15 20.35 -42.23
C ILE E 317 48.77 20.98 -43.48
N SER E 318 49.52 20.16 -44.26
CA SER E 318 50.13 20.58 -45.52
C SER E 318 49.31 20.11 -46.71
N ASP E 319 48.73 18.92 -46.58
CA ASP E 319 48.03 18.28 -47.67
C ASP E 319 46.56 18.13 -47.31
N ILE E 320 45.69 18.88 -48.04
CA ILE E 320 44.25 18.90 -47.79
C ILE E 320 43.54 17.87 -48.67
N SER E 321 44.27 17.10 -49.50
CA SER E 321 43.69 16.29 -50.58
C SER E 321 42.72 15.21 -50.09
N PRO E 322 42.85 14.66 -48.85
CA PRO E 322 41.85 13.68 -48.43
C PRO E 322 40.41 14.18 -48.41
N VAL E 323 40.19 15.52 -48.52
CA VAL E 323 38.84 16.07 -48.64
C VAL E 323 38.22 15.83 -50.02
N SER E 324 38.99 15.38 -51.03
CA SER E 324 38.47 15.41 -52.39
C SER E 324 37.27 14.46 -52.60
N SER E 325 37.19 13.42 -51.76
CA SER E 325 36.13 12.43 -51.85
C SER E 325 34.88 12.83 -51.05
N LEU E 326 34.92 13.97 -50.34
CA LEU E 326 33.82 14.39 -49.47
C LEU E 326 32.83 15.26 -50.25
N THR E 327 32.11 14.64 -51.20
CA THR E 327 31.46 15.38 -52.27
C THR E 327 30.28 16.19 -51.75
N LYS E 328 29.78 15.88 -50.53
CA LYS E 328 28.61 16.62 -50.03
C LYS E 328 29.00 17.81 -49.18
N LEU E 329 30.31 18.06 -48.99
CA LEU E 329 30.76 19.18 -48.19
C LEU E 329 30.06 20.46 -48.61
N GLN E 330 29.56 21.20 -47.61
CA GLN E 330 28.96 22.52 -47.78
C GLN E 330 29.78 23.60 -47.10
N ARG E 331 30.35 23.26 -45.94
CA ARG E 331 31.20 24.18 -45.21
C ARG E 331 32.53 23.53 -44.92
N LEU E 332 33.61 24.26 -45.22
CA LEU E 332 34.96 23.80 -44.97
C LEU E 332 35.78 24.96 -44.46
N PHE E 333 36.14 24.91 -43.17
CA PHE E 333 37.03 25.89 -42.57
C PHE E 333 38.38 25.22 -42.34
N PHE E 334 39.44 25.65 -43.04
CA PHE E 334 40.78 25.18 -42.71
C PHE E 334 41.78 26.32 -42.64
N TYR E 335 41.33 27.50 -42.21
CA TYR E 335 42.25 28.61 -42.10
C TYR E 335 43.35 28.29 -41.08
N ASN E 336 44.54 28.87 -41.33
CA ASN E 336 45.75 28.73 -40.51
C ASN E 336 46.18 27.27 -40.53
N ASN E 337 46.64 26.85 -41.72
CA ASN E 337 47.28 25.57 -41.95
C ASN E 337 48.46 25.85 -42.89
N LYS E 338 48.96 24.81 -43.57
CA LYS E 338 50.10 24.99 -44.44
C LYS E 338 49.79 24.48 -45.84
N VAL E 339 48.54 24.60 -46.27
CA VAL E 339 48.07 24.10 -47.57
C VAL E 339 48.51 25.09 -48.66
N SER E 340 49.13 24.58 -49.75
CA SER E 340 49.43 25.37 -50.96
C SER E 340 48.54 25.01 -52.13
N ASP E 341 48.29 23.71 -52.32
CA ASP E 341 47.56 23.21 -53.46
C ASP E 341 46.12 22.94 -53.02
N VAL E 342 45.15 23.63 -53.68
CA VAL E 342 43.74 23.42 -53.38
C VAL E 342 43.04 22.74 -54.56
N SER E 343 43.77 22.03 -55.41
CA SER E 343 43.13 21.40 -56.56
C SER E 343 42.16 20.30 -56.14
N SER E 344 42.30 19.70 -54.96
CA SER E 344 41.37 18.67 -54.49
C SER E 344 39.98 19.23 -54.14
N LEU E 345 39.84 20.56 -54.04
CA LEU E 345 38.59 21.22 -53.74
C LEU E 345 37.69 21.41 -54.96
N ALA E 346 38.22 21.10 -56.16
CA ALA E 346 37.62 21.56 -57.41
C ALA E 346 36.26 20.91 -57.65
N ASN E 347 36.10 19.68 -57.14
CA ASN E 347 34.96 18.78 -57.35
CA ASN E 347 34.87 18.94 -57.46
C ASN E 347 33.92 18.96 -56.25
N LEU E 348 34.23 19.75 -55.20
CA LEU E 348 33.31 19.91 -54.07
C LEU E 348 32.33 21.05 -54.39
N THR E 349 31.46 20.82 -55.38
CA THR E 349 30.67 21.88 -55.98
C THR E 349 29.46 22.24 -55.10
N ASN E 350 29.22 21.47 -54.03
CA ASN E 350 28.20 21.79 -53.04
C ASN E 350 28.68 22.75 -51.95
N ILE E 351 29.95 23.18 -51.98
CA ILE E 351 30.49 24.12 -51.02
C ILE E 351 29.81 25.47 -51.19
N ASN E 352 29.29 26.00 -50.05
CA ASN E 352 28.77 27.35 -49.97
C ASN E 352 29.60 28.22 -49.02
N TRP E 353 30.47 27.61 -48.21
CA TRP E 353 31.24 28.38 -47.25
C TRP E 353 32.66 27.84 -47.21
N LEU E 354 33.62 28.66 -47.66
CA LEU E 354 35.02 28.22 -47.71
C LEU E 354 35.90 29.24 -46.99
N SER E 355 36.53 28.81 -45.89
CA SER E 355 37.41 29.67 -45.15
C SER E 355 38.81 29.07 -45.16
N ALA E 356 39.71 29.68 -45.96
CA ALA E 356 41.06 29.18 -46.20
C ALA E 356 42.13 30.26 -46.07
N GLY E 357 41.88 31.33 -45.31
CA GLY E 357 42.93 32.31 -45.07
C GLY E 357 44.10 31.67 -44.34
N HIS E 358 45.24 32.37 -44.29
CA HIS E 358 46.41 32.00 -43.48
C HIS E 358 46.92 30.61 -43.83
N ASN E 359 46.91 30.31 -45.13
CA ASN E 359 47.54 29.12 -45.67
C ASN E 359 48.72 29.54 -46.55
N GLN E 360 49.05 28.71 -47.53
CA GLN E 360 50.16 28.96 -48.44
C GLN E 360 49.64 28.91 -49.88
N ILE E 361 48.43 29.43 -50.10
CA ILE E 361 47.74 29.26 -51.35
C ILE E 361 48.16 30.36 -52.33
N SER E 362 48.60 29.93 -53.53
CA SER E 362 49.07 30.82 -54.59
C SER E 362 48.20 30.77 -55.84
N ASP E 363 47.32 29.77 -55.99
CA ASP E 363 46.62 29.53 -57.24
C ASP E 363 45.17 29.16 -56.93
N LEU E 364 44.23 30.07 -57.26
CA LEU E 364 42.81 29.88 -56.99
C LEU E 364 42.04 29.23 -58.14
N THR E 365 42.69 28.89 -59.25
CA THR E 365 41.97 28.35 -60.40
C THR E 365 41.13 27.12 -60.04
N PRO E 366 41.53 26.23 -59.10
CA PRO E 366 40.67 25.06 -58.78
C PRO E 366 39.35 25.42 -58.09
N LEU E 367 39.20 26.68 -57.68
CA LEU E 367 37.99 27.14 -57.00
C LEU E 367 36.92 27.67 -57.97
N ALA E 368 37.22 27.69 -59.28
CA ALA E 368 36.46 28.47 -60.27
C ALA E 368 35.03 27.97 -60.43
N ASN E 369 34.78 26.65 -60.30
CA ASN E 369 33.43 26.14 -60.52
C ASN E 369 32.63 25.98 -59.23
N LEU E 370 33.13 26.54 -58.11
CA LEU E 370 32.44 26.44 -56.82
C LEU E 370 31.49 27.63 -56.71
N THR E 371 30.46 27.66 -57.56
CA THR E 371 29.63 28.84 -57.77
C THR E 371 28.45 28.89 -56.79
N ARG E 372 28.31 27.88 -55.90
CA ARG E 372 27.38 27.94 -54.79
C ARG E 372 27.97 28.64 -53.57
N ILE E 373 29.22 29.10 -53.64
CA ILE E 373 29.84 29.85 -52.55
C ILE E 373 29.06 31.14 -52.31
N THR E 374 28.73 31.38 -51.02
CA THR E 374 28.22 32.66 -50.55
C THR E 374 29.12 33.31 -49.50
N GLN E 375 30.03 32.52 -48.88
CA GLN E 375 30.99 33.09 -47.95
C GLN E 375 32.40 32.56 -48.22
N LEU E 376 33.39 33.46 -48.18
CA LEU E 376 34.71 33.12 -48.66
C LEU E 376 35.77 33.88 -47.88
N GLY E 377 36.87 33.19 -47.49
CA GLY E 377 38.02 33.84 -46.87
C GLY E 377 39.34 33.31 -47.45
N LEU E 378 40.18 34.22 -47.99
CA LEU E 378 41.46 33.86 -48.58
C LEU E 378 42.58 34.82 -48.16
N ASN E 379 42.43 35.56 -47.05
CA ASN E 379 43.45 36.55 -46.70
C ASN E 379 44.67 35.90 -46.06
N ASP E 380 45.79 36.64 -46.11
CA ASP E 380 46.95 36.46 -45.28
C ASP E 380 47.61 35.11 -45.53
N GLN E 381 47.76 34.76 -46.81
CA GLN E 381 48.60 33.62 -47.17
C GLN E 381 50.06 33.98 -46.91
N ALA E 382 50.93 32.97 -46.77
CA ALA E 382 52.35 33.24 -46.61
C ALA E 382 53.14 31.98 -46.89
N TRP E 383 54.17 32.08 -47.72
CA TRP E 383 55.10 30.97 -47.89
C TRP E 383 56.50 31.49 -48.14
N THR E 384 57.43 30.54 -48.00
CA THR E 384 58.84 30.73 -48.28
C THR E 384 59.22 29.77 -49.39
N ASN E 385 59.70 30.29 -50.53
CA ASN E 385 60.15 29.44 -51.61
C ASN E 385 61.43 28.71 -51.18
N ALA E 386 61.77 27.66 -51.95
CA ALA E 386 63.08 27.06 -51.90
C ALA E 386 64.10 28.14 -52.32
N PRO E 387 65.32 28.12 -51.74
CA PRO E 387 66.36 29.09 -52.07
C PRO E 387 66.70 29.14 -53.57
N VAL E 388 67.04 30.34 -54.06
CA VAL E 388 67.69 30.49 -55.37
C VAL E 388 69.07 31.13 -55.17
N ASN E 389 69.98 30.89 -56.13
CA ASN E 389 71.36 31.33 -55.99
C ASN E 389 71.44 32.84 -56.19
N TYR E 390 72.16 33.53 -55.29
CA TYR E 390 72.33 34.97 -55.35
C TYR E 390 73.04 35.34 -56.66
N LYS E 391 72.52 36.34 -57.37
CA LYS E 391 73.25 37.12 -58.37
C LYS E 391 72.86 38.58 -58.17
N ALA E 392 73.56 39.54 -58.79
CA ALA E 392 73.19 40.94 -58.68
C ALA E 392 71.84 41.21 -59.35
N ASN E 393 71.54 40.45 -60.40
CA ASN E 393 70.28 40.62 -61.12
C ASN E 393 69.45 39.32 -61.04
N VAL E 394 68.99 38.96 -59.85
CA VAL E 394 68.23 37.74 -59.65
C VAL E 394 66.77 37.98 -60.04
N SER E 395 66.15 36.99 -60.70
CA SER E 395 64.76 37.02 -61.11
C SER E 395 64.04 35.75 -60.68
N ILE E 396 62.76 35.86 -60.30
CA ILE E 396 61.92 34.68 -60.10
C ILE E 396 60.59 34.90 -60.81
N PRO E 397 59.90 33.82 -61.21
CA PRO E 397 58.51 33.89 -61.65
C PRO E 397 57.54 34.29 -60.54
N ASN E 398 56.54 35.11 -60.88
CA ASN E 398 55.33 35.29 -60.10
C ASN E 398 54.45 34.05 -60.30
N THR E 399 54.01 33.42 -59.20
CA THR E 399 53.18 32.22 -59.26
C THR E 399 51.75 32.48 -58.79
N VAL E 400 51.45 33.71 -58.40
CA VAL E 400 50.15 34.04 -57.82
C VAL E 400 49.09 34.22 -58.92
N LYS E 401 48.06 33.36 -58.89
CA LYS E 401 47.01 33.32 -59.88
C LYS E 401 45.64 33.51 -59.24
N ASN E 402 44.86 34.41 -59.88
CA ASN E 402 43.46 34.72 -59.59
C ASN E 402 42.63 33.50 -59.96
N VAL E 403 41.34 33.55 -59.70
CA VAL E 403 40.43 32.43 -60.02
C VAL E 403 40.32 32.21 -61.55
N THR E 404 40.59 33.28 -62.31
CA THR E 404 40.57 33.32 -63.77
C THR E 404 41.81 32.65 -64.37
N GLY E 405 42.90 32.52 -63.59
CA GLY E 405 44.16 31.97 -64.06
C GLY E 405 45.16 33.06 -64.44
N ALA E 406 44.71 34.32 -64.33
CA ALA E 406 45.53 35.50 -64.61
C ALA E 406 46.49 35.70 -63.44
N LEU E 407 47.75 36.05 -63.74
CA LEU E 407 48.71 36.36 -62.71
C LEU E 407 48.26 37.64 -62.03
N ILE E 408 48.49 37.72 -60.72
CA ILE E 408 48.21 38.91 -59.94
C ILE E 408 49.54 39.61 -59.73
N ALA E 409 49.60 40.88 -60.13
CA ALA E 409 50.80 41.66 -60.04
C ALA E 409 51.11 41.87 -58.56
N PRO E 410 52.39 41.75 -58.14
CA PRO E 410 52.79 42.11 -56.79
C PRO E 410 52.23 43.48 -56.46
N ALA E 411 51.84 43.67 -55.19
CA ALA E 411 51.44 44.97 -54.66
C ALA E 411 52.66 45.70 -54.11
N THR E 412 53.61 44.97 -53.49
CA THR E 412 54.91 45.52 -53.10
C THR E 412 56.01 44.52 -53.47
N ILE E 413 57.21 45.04 -53.72
CA ILE E 413 58.40 44.23 -53.95
C ILE E 413 59.54 44.82 -53.12
N SER E 414 60.18 43.97 -52.29
CA SER E 414 61.28 44.36 -51.42
C SER E 414 62.47 44.82 -52.25
N ASP E 415 63.37 45.56 -51.57
CA ASP E 415 64.72 45.85 -52.05
C ASP E 415 64.65 46.54 -53.43
N GLY E 416 63.61 47.36 -53.66
CA GLY E 416 63.44 48.11 -54.90
C GLY E 416 63.27 47.27 -56.16
N GLY E 417 62.91 45.99 -56.03
CA GLY E 417 62.75 45.16 -57.22
C GLY E 417 61.54 45.60 -58.05
N SER E 418 61.38 45.05 -59.26
CA SER E 418 60.31 45.46 -60.17
C SER E 418 59.71 44.23 -60.86
N TYR E 419 58.58 44.46 -61.54
CA TYR E 419 57.77 43.42 -62.17
C TYR E 419 57.55 43.72 -63.64
N THR E 420 57.84 42.72 -64.47
CA THR E 420 57.37 42.66 -65.85
C THR E 420 56.80 41.26 -66.07
N GLU E 421 55.46 41.17 -66.20
CA GLU E 421 54.79 39.89 -66.23
C GLU E 421 55.52 38.97 -67.20
N PRO E 422 55.86 37.69 -66.84
CA PRO E 422 55.56 37.11 -65.51
C PRO E 422 56.63 37.14 -64.42
N ASP E 423 57.66 38.02 -64.56
CA ASP E 423 58.90 37.86 -63.81
C ASP E 423 59.12 39.03 -62.86
N ILE E 424 59.65 38.70 -61.66
CA ILE E 424 60.04 39.68 -60.68
C ILE E 424 61.57 39.72 -60.69
N THR E 425 62.14 40.94 -60.80
CA THR E 425 63.57 41.11 -60.93
C THR E 425 64.08 42.07 -59.88
N TRP E 426 65.19 41.70 -59.22
CA TRP E 426 65.91 42.59 -58.31
C TRP E 426 67.23 43.04 -58.92
N ASN E 427 67.72 44.19 -58.47
CA ASN E 427 69.05 44.66 -58.78
C ASN E 427 69.76 44.90 -57.45
N LEU E 428 70.61 43.94 -57.04
CA LEU E 428 71.14 43.90 -55.70
C LEU E 428 72.61 44.34 -55.72
N PRO E 429 72.95 45.45 -55.02
CA PRO E 429 74.36 45.86 -54.85
C PRO E 429 75.22 44.70 -54.35
N SER E 430 74.76 44.00 -53.30
CA SER E 430 75.52 42.90 -52.70
C SER E 430 74.59 41.87 -52.05
N TYR E 431 75.16 40.78 -51.53
CA TYR E 431 74.38 39.70 -50.99
C TYR E 431 73.38 40.21 -49.93
N THR E 432 72.16 39.67 -49.97
CA THR E 432 71.22 39.77 -48.86
C THR E 432 70.55 38.41 -48.73
N ASN E 433 70.19 38.04 -47.49
CA ASN E 433 69.74 36.70 -47.17
C ASN E 433 68.48 36.29 -47.92
N GLU E 434 67.62 37.32 -48.16
CA GLU E 434 66.31 37.08 -48.73
C GLU E 434 65.69 38.32 -49.32
N VAL E 435 64.79 38.09 -50.28
CA VAL E 435 63.90 39.12 -50.81
C VAL E 435 62.46 38.61 -50.70
N SER E 436 61.50 39.49 -50.94
CA SER E 436 60.10 39.15 -50.76
C SER E 436 59.22 40.07 -51.61
N TYR E 437 57.98 39.61 -51.81
CA TYR E 437 56.93 40.44 -52.39
C TYR E 437 55.60 40.15 -51.70
N THR E 438 54.66 41.09 -51.82
CA THR E 438 53.30 40.86 -51.34
C THR E 438 52.30 40.98 -52.51
N PHE E 439 51.10 40.48 -52.27
CA PHE E 439 50.00 40.62 -53.21
C PHE E 439 48.72 40.87 -52.42
N SER E 440 47.77 41.56 -53.06
CA SER E 440 46.48 41.86 -52.45
C SER E 440 45.48 42.20 -53.56
N GLN E 441 44.46 41.36 -53.71
CA GLN E 441 43.49 41.49 -54.79
C GLN E 441 42.11 41.02 -54.30
N PRO E 442 41.02 41.83 -54.45
CA PRO E 442 39.67 41.33 -54.20
C PRO E 442 39.30 40.20 -55.16
N VAL E 443 38.56 39.22 -54.63
CA VAL E 443 38.18 38.02 -55.38
C VAL E 443 36.72 37.70 -55.02
N THR E 444 35.91 37.33 -56.01
CA THR E 444 34.51 36.93 -55.84
C THR E 444 34.36 35.55 -56.49
N ILE E 445 33.82 34.60 -55.73
CA ILE E 445 33.50 33.27 -56.26
C ILE E 445 32.06 33.00 -55.84
N GLY E 446 31.17 32.75 -56.81
CA GLY E 446 29.73 32.82 -56.59
C GLY E 446 29.34 34.20 -56.09
N LYS E 447 28.85 34.26 -54.84
CA LYS E 447 28.48 35.53 -54.21
C LYS E 447 29.34 35.82 -53.00
N GLY E 448 30.44 35.09 -52.84
CA GLY E 448 31.34 35.30 -51.72
C GLY E 448 32.53 36.15 -52.14
N THR E 449 32.82 37.20 -51.34
CA THR E 449 33.87 38.16 -51.63
C THR E 449 34.92 38.11 -50.51
N THR E 450 36.21 38.23 -50.87
CA THR E 450 37.32 38.25 -49.92
C THR E 450 38.46 39.07 -50.54
N THR E 451 39.50 39.39 -49.76
CA THR E 451 40.81 39.77 -50.26
C THR E 451 41.73 38.53 -50.30
N PHE E 452 42.22 38.18 -51.48
CA PHE E 452 43.29 37.20 -51.64
C PHE E 452 44.61 37.93 -51.50
N SER E 453 45.27 37.75 -50.35
CA SER E 453 46.48 38.52 -50.02
C SER E 453 47.53 37.55 -49.44
N GLY E 454 48.80 38.00 -49.44
CA GLY E 454 49.87 37.13 -48.99
C GLY E 454 51.25 37.80 -49.07
N THR E 455 52.22 37.14 -48.42
CA THR E 455 53.62 37.51 -48.44
C THR E 455 54.44 36.29 -48.85
N VAL E 456 55.26 36.50 -49.89
CA VAL E 456 56.14 35.46 -50.39
C VAL E 456 57.57 35.83 -50.05
N THR E 457 58.29 34.93 -49.36
CA THR E 457 59.68 35.12 -48.98
C THR E 457 60.55 34.24 -49.89
N GLN E 458 61.59 34.87 -50.49
CA GLN E 458 62.52 34.19 -51.37
C GLN E 458 63.91 34.21 -50.73
N PRO E 459 64.36 33.10 -50.09
CA PRO E 459 65.72 33.02 -49.60
C PRO E 459 66.70 33.01 -50.78
N LEU E 460 67.89 33.61 -50.54
CA LEU E 460 68.98 33.65 -51.50
C LEU E 460 70.18 32.93 -50.91
N LYS E 461 70.74 31.98 -51.67
CA LYS E 461 71.96 31.30 -51.26
C LYS E 461 73.17 32.06 -51.77
N ALA E 462 74.04 32.34 -50.79
CA ALA E 462 75.31 33.06 -50.89
C ALA E 462 76.28 32.31 -51.81
N VAL F 2 35.76 37.10 -16.55
CA VAL F 2 36.80 37.18 -17.65
C VAL F 2 37.30 38.63 -17.76
N GLN F 3 38.48 38.94 -17.19
CA GLN F 3 39.01 40.29 -17.17
C GLN F 3 40.37 40.34 -17.87
N LEU F 4 40.50 41.23 -18.86
CA LEU F 4 41.73 41.41 -19.61
C LEU F 4 42.27 42.81 -19.40
N VAL F 5 43.60 42.95 -19.22
CA VAL F 5 44.23 44.25 -19.03
C VAL F 5 45.48 44.34 -19.92
N GLU F 6 45.48 45.30 -20.85
CA GLU F 6 46.61 45.55 -21.72
C GLU F 6 47.54 46.55 -21.05
N SER F 7 48.85 46.36 -21.23
CA SER F 7 49.88 47.33 -20.85
C SER F 7 51.04 47.25 -21.86
N GLY F 8 51.97 48.20 -21.76
CA GLY F 8 53.24 48.15 -22.48
C GLY F 8 53.32 49.10 -23.67
N GLY F 9 52.23 49.83 -23.91
CA GLY F 9 52.20 50.83 -24.98
C GLY F 9 53.12 52.01 -24.68
N GLY F 10 53.52 52.73 -25.72
CA GLY F 10 54.33 53.92 -25.52
C GLY F 10 54.71 54.54 -26.86
N LEU F 11 55.52 55.60 -26.77
CA LEU F 11 56.02 56.35 -27.93
C LEU F 11 57.36 55.72 -28.32
N VAL F 12 57.55 55.45 -29.62
CA VAL F 12 58.68 54.65 -30.12
C VAL F 12 59.08 55.20 -31.48
N GLN F 13 60.37 55.06 -31.81
CA GLN F 13 60.91 55.64 -33.04
C GLN F 13 60.73 54.62 -34.15
N PRO F 14 60.45 55.00 -35.43
CA PRO F 14 60.38 54.02 -36.52
C PRO F 14 61.58 53.09 -36.46
N GLY F 15 61.34 51.77 -36.54
CA GLY F 15 62.39 50.78 -36.49
C GLY F 15 62.59 50.21 -35.08
N GLY F 16 62.01 50.86 -34.06
CA GLY F 16 62.12 50.37 -32.70
C GLY F 16 61.17 49.20 -32.38
N SER F 17 61.27 48.76 -31.11
CA SER F 17 60.59 47.59 -30.60
C SER F 17 59.78 47.99 -29.36
N LEU F 18 58.71 47.24 -29.09
CA LEU F 18 57.83 47.43 -27.95
C LEU F 18 57.16 46.09 -27.61
N ARG F 19 57.00 45.79 -26.32
CA ARG F 19 56.33 44.54 -25.96
C ARG F 19 55.06 44.84 -25.18
N LEU F 20 53.92 44.36 -25.71
CA LEU F 20 52.62 44.52 -25.07
C LEU F 20 52.32 43.29 -24.22
N SER F 21 51.59 43.49 -23.12
CA SER F 21 51.12 42.40 -22.28
C SER F 21 49.59 42.46 -22.15
N CYS F 22 48.96 41.29 -22.27
CA CYS F 22 47.54 41.06 -22.06
C CYS F 22 47.45 40.14 -20.85
N ALA F 23 47.17 40.75 -19.69
CA ALA F 23 47.09 40.04 -18.42
C ALA F 23 45.64 39.65 -18.18
N ALA F 24 45.44 38.33 -18.03
CA ALA F 24 44.12 37.76 -17.91
C ALA F 24 43.89 37.27 -16.49
N SER F 25 42.68 37.50 -15.99
CA SER F 25 42.35 37.22 -14.60
C SER F 25 40.92 36.65 -14.56
N GLY F 26 40.66 35.60 -13.76
CA GLY F 26 39.29 35.15 -13.49
C GLY F 26 38.85 33.96 -14.34
N PHE F 27 39.78 33.25 -15.00
CA PHE F 27 39.47 32.12 -15.89
C PHE F 27 40.79 31.54 -16.42
N THR F 28 40.77 30.27 -16.83
CA THR F 28 41.97 29.63 -17.39
C THR F 28 42.15 30.10 -18.83
N LEU F 29 43.33 30.61 -19.16
CA LEU F 29 43.60 31.02 -20.52
C LEU F 29 43.58 29.84 -21.51
N ASP F 30 43.79 28.61 -21.03
CA ASP F 30 43.79 27.42 -21.90
C ASP F 30 42.44 27.19 -22.58
N ARG F 31 41.34 27.71 -22.03
CA ARG F 31 39.99 27.53 -22.55
C ARG F 31 39.62 28.52 -23.65
N TYR F 32 40.52 29.48 -23.94
CA TYR F 32 40.26 30.56 -24.89
C TYR F 32 41.39 30.65 -25.94
N ALA F 33 41.03 31.09 -27.14
CA ALA F 33 41.96 31.71 -28.05
C ALA F 33 42.03 33.19 -27.70
N ILE F 34 43.24 33.74 -27.84
CA ILE F 34 43.53 35.08 -27.41
C ILE F 34 44.02 35.83 -28.64
N GLY F 35 43.45 37.05 -28.80
CA GLY F 35 43.71 37.87 -29.96
C GLY F 35 44.17 39.25 -29.54
N TRP F 36 45.10 39.79 -30.33
CA TRP F 36 45.45 41.20 -30.30
C TRP F 36 44.80 41.85 -31.51
N PHE F 37 44.16 43.01 -31.25
CA PHE F 37 43.52 43.83 -32.26
C PHE F 37 44.07 45.24 -32.11
N ARG F 38 43.83 46.08 -33.11
CA ARG F 38 44.16 47.49 -32.94
C ARG F 38 43.19 48.37 -33.71
N GLN F 39 43.14 49.65 -33.30
CA GLN F 39 42.26 50.62 -33.90
C GLN F 39 42.98 51.94 -33.96
N ALA F 40 43.19 52.43 -35.19
CA ALA F 40 43.81 53.73 -35.42
C ALA F 40 42.71 54.77 -35.59
N PRO F 41 43.02 56.10 -35.50
CA PRO F 41 42.01 57.13 -35.65
C PRO F 41 41.20 57.02 -36.94
N GLY F 42 39.88 57.02 -36.79
CA GLY F 42 38.96 57.03 -37.91
C GLY F 42 38.97 55.73 -38.69
N LYS F 43 39.48 54.61 -38.11
CA LYS F 43 39.47 53.33 -38.81
C LYS F 43 38.77 52.28 -37.97
N GLU F 44 38.40 51.15 -38.60
CA GLU F 44 37.85 50.01 -37.88
C GLU F 44 38.92 49.30 -37.04
N ARG F 45 38.46 48.70 -35.96
CA ARG F 45 39.28 47.82 -35.15
C ARG F 45 39.56 46.57 -35.97
N GLU F 46 40.84 46.15 -36.04
CA GLU F 46 41.25 45.10 -36.96
C GLU F 46 42.17 44.12 -36.22
N GLY F 47 42.14 42.86 -36.65
CA GLY F 47 42.91 41.83 -35.99
C GLY F 47 44.38 41.99 -36.33
N VAL F 48 45.25 41.74 -35.33
CA VAL F 48 46.69 41.81 -35.52
C VAL F 48 47.30 40.41 -35.43
N SER F 49 46.95 39.68 -34.37
CA SER F 49 47.49 38.35 -34.16
C SER F 49 46.60 37.56 -33.21
N VAL F 50 46.63 36.23 -33.38
CA VAL F 50 45.87 35.31 -32.55
C VAL F 50 46.75 34.13 -32.14
N ILE F 51 46.57 33.64 -30.91
CA ILE F 51 47.19 32.41 -30.44
C ILE F 51 46.10 31.53 -29.85
N SER F 52 46.11 30.26 -30.24
CA SER F 52 45.23 29.28 -29.65
C SER F 52 46.09 28.07 -29.30
N ASP F 53 46.27 27.81 -27.98
CA ASP F 53 47.22 26.82 -27.53
C ASP F 53 48.61 27.34 -27.97
N THR F 54 49.30 26.62 -28.89
CA THR F 54 50.64 27.04 -29.32
C THR F 54 50.62 27.57 -30.75
N ILE F 55 49.48 27.44 -31.46
CA ILE F 55 49.39 27.88 -32.85
C ILE F 55 48.97 29.35 -32.93
N THR F 56 49.67 30.07 -33.83
CA THR F 56 49.59 31.51 -33.96
C THR F 56 49.18 31.91 -35.39
N ALA F 57 48.67 33.15 -35.54
CA ALA F 57 48.34 33.74 -36.83
C ALA F 57 48.59 35.24 -36.75
N TYR F 58 48.88 35.84 -37.93
CA TYR F 58 49.27 37.25 -38.01
C TYR F 58 48.62 37.91 -39.22
N ARG F 59 48.19 39.17 -39.11
CA ARG F 59 47.78 39.89 -40.30
C ARG F 59 49.02 40.07 -41.19
N ASN F 60 48.82 40.10 -42.50
CA ASN F 60 49.88 40.23 -43.50
C ASN F 60 50.84 41.35 -43.12
N SER F 61 50.32 42.55 -42.80
CA SER F 61 51.17 43.73 -42.65
C SER F 61 52.16 43.60 -41.49
N VAL F 62 52.01 42.60 -40.62
CA VAL F 62 52.91 42.46 -39.48
C VAL F 62 53.63 41.11 -39.49
N LYS F 63 53.42 40.25 -40.50
CA LYS F 63 54.11 38.95 -40.54
C LYS F 63 55.61 39.16 -40.56
N GLY F 64 56.37 38.43 -39.73
CA GLY F 64 57.82 38.57 -39.68
C GLY F 64 58.31 39.62 -38.67
N ARG F 65 57.45 40.59 -38.31
CA ARG F 65 57.82 41.68 -37.42
C ARG F 65 57.30 41.51 -36.00
N PHE F 66 56.09 40.96 -35.86
CA PHE F 66 55.44 40.80 -34.57
C PHE F 66 55.40 39.31 -34.22
N THR F 67 55.45 39.00 -32.90
CA THR F 67 55.36 37.63 -32.41
C THR F 67 54.42 37.61 -31.19
N ILE F 68 53.41 36.72 -31.22
CA ILE F 68 52.50 36.52 -30.09
C ILE F 68 52.97 35.28 -29.34
N SER F 69 52.84 35.29 -28.01
CA SER F 69 53.38 34.22 -27.17
C SER F 69 52.66 34.29 -25.83
N ARG F 70 52.77 33.22 -25.02
CA ARG F 70 52.11 33.17 -23.73
C ARG F 70 53.13 32.74 -22.66
N ASP F 71 52.97 33.29 -21.46
CA ASP F 71 53.49 32.69 -20.25
C ASP F 71 52.29 32.13 -19.49
N ASN F 72 52.16 30.79 -19.43
CA ASN F 72 51.01 30.14 -18.80
C ASN F 72 51.06 30.32 -17.28
N ALA F 73 52.28 30.25 -16.70
CA ALA F 73 52.53 30.61 -15.30
C ALA F 73 51.89 31.96 -14.95
N LYS F 74 52.07 32.98 -15.80
CA LYS F 74 51.64 34.34 -15.48
C LYS F 74 50.22 34.63 -15.99
N ASN F 75 49.62 33.75 -16.81
CA ASN F 75 48.27 33.97 -17.35
C ASN F 75 48.28 35.28 -18.18
N THR F 76 49.32 35.39 -19.03
CA THR F 76 49.63 36.60 -19.76
C THR F 76 50.03 36.25 -21.20
N VAL F 77 49.52 37.06 -22.15
CA VAL F 77 49.81 36.89 -23.56
C VAL F 77 50.50 38.17 -24.03
N TYR F 78 51.59 37.97 -24.78
CA TYR F 78 52.52 39.04 -25.12
C TYR F 78 52.45 39.23 -26.63
N LEU F 79 52.64 40.49 -27.05
CA LEU F 79 52.85 40.79 -28.45
C LEU F 79 54.17 41.55 -28.57
N GLN F 80 55.18 40.85 -29.11
CA GLN F 80 56.50 41.43 -29.35
C GLN F 80 56.42 42.16 -30.68
N MET F 81 56.62 43.47 -30.66
CA MET F 81 56.47 44.24 -31.89
C MET F 81 57.84 44.82 -32.23
N ASN F 82 58.43 44.36 -33.33
CA ASN F 82 59.74 44.79 -33.76
C ASN F 82 59.59 45.55 -35.07
N ARG F 83 60.60 46.36 -35.40
CA ARG F 83 60.65 47.09 -36.65
C ARG F 83 59.34 47.84 -36.91
N LEU F 84 58.92 48.56 -35.88
CA LEU F 84 57.66 49.30 -35.88
C LEU F 84 57.68 50.39 -36.96
N LYS F 85 56.53 50.57 -37.60
CA LYS F 85 56.33 51.56 -38.65
C LYS F 85 55.23 52.54 -38.24
N PRO F 86 55.13 53.73 -38.90
CA PRO F 86 54.03 54.66 -38.62
C PRO F 86 52.64 54.03 -38.74
N GLU F 87 52.48 53.09 -39.67
CA GLU F 87 51.19 52.46 -39.93
C GLU F 87 50.75 51.57 -38.75
N ASP F 88 51.64 51.27 -37.78
CA ASP F 88 51.34 50.44 -36.62
C ASP F 88 50.85 51.28 -35.43
N THR F 89 50.84 52.61 -35.57
CA THR F 89 50.22 53.52 -34.63
C THR F 89 48.73 53.20 -34.45
N ALA F 90 48.30 53.00 -33.20
CA ALA F 90 46.94 52.58 -32.90
C ALA F 90 46.82 52.29 -31.41
N ILE F 91 45.58 52.24 -30.89
CA ILE F 91 45.32 51.62 -29.59
C ILE F 91 45.21 50.13 -29.81
N TYR F 92 45.97 49.35 -29.04
CA TYR F 92 45.98 47.89 -29.13
C TYR F 92 45.11 47.30 -28.03
N TYR F 93 44.24 46.35 -28.41
CA TYR F 93 43.27 45.73 -27.51
C TYR F 93 43.50 44.23 -27.53
N CYS F 94 43.28 43.55 -26.40
CA CYS F 94 43.21 42.10 -26.47
C CYS F 94 41.79 41.67 -26.14
N ALA F 95 41.50 40.44 -26.59
CA ALA F 95 40.20 39.83 -26.44
C ALA F 95 40.36 38.32 -26.47
N VAL F 96 39.30 37.60 -26.08
CA VAL F 96 39.29 36.15 -26.13
C VAL F 96 38.00 35.63 -26.78
N ARG F 97 38.07 34.39 -27.23
CA ARG F 97 36.91 33.64 -27.67
C ARG F 97 37.06 32.20 -27.16
N ASP F 98 35.91 31.58 -26.86
CA ASP F 98 35.79 30.24 -26.31
C ASP F 98 36.21 29.22 -27.37
N ARG F 99 37.24 28.41 -27.07
CA ARG F 99 37.75 27.41 -28.00
C ARG F 99 36.77 26.25 -28.22
N GLY F 100 35.65 26.23 -27.51
CA GLY F 100 34.70 25.14 -27.64
C GLY F 100 33.64 25.41 -28.70
N ARG F 101 33.69 26.62 -29.31
CA ARG F 101 32.82 27.02 -30.40
C ARG F 101 33.58 26.91 -31.73
N VAL F 102 32.80 27.05 -32.84
CA VAL F 102 33.40 27.16 -34.17
C VAL F 102 33.26 28.57 -34.70
N TYR F 103 34.35 29.03 -35.33
CA TYR F 103 34.43 30.36 -35.90
C TYR F 103 34.84 30.25 -37.37
N SER F 104 34.27 31.15 -38.19
CA SER F 104 34.39 31.12 -39.64
C SER F 104 35.69 31.80 -40.08
N SER F 105 36.38 32.50 -39.16
CA SER F 105 37.63 33.15 -39.48
C SER F 105 38.51 33.35 -38.24
N THR F 106 39.79 33.69 -38.48
CA THR F 106 40.76 33.90 -37.42
C THR F 106 40.31 35.00 -36.45
N TRP F 107 39.59 36.01 -36.92
CA TRP F 107 39.33 37.26 -36.19
C TRP F 107 37.89 37.36 -35.68
N SER F 108 37.04 36.39 -35.99
CA SER F 108 35.62 36.48 -35.67
C SER F 108 35.39 35.96 -34.24
N GLY F 109 34.42 36.63 -33.55
CA GLY F 109 33.86 36.11 -32.32
C GLY F 109 34.54 36.59 -31.04
N PHE F 110 35.53 37.48 -31.14
CA PHE F 110 36.28 37.88 -29.96
C PHE F 110 35.46 38.84 -29.12
N GLY F 111 35.70 38.77 -27.80
CA GLY F 111 35.04 39.65 -26.86
C GLY F 111 35.90 39.85 -25.61
N SER F 112 35.27 40.42 -24.57
CA SER F 112 35.85 40.70 -23.27
C SER F 112 37.01 41.69 -23.39
N TRP F 113 36.91 42.58 -24.37
CA TRP F 113 37.90 43.61 -24.69
C TRP F 113 38.43 44.31 -23.45
N GLY F 114 39.75 44.55 -23.42
CA GLY F 114 40.31 45.38 -22.36
C GLY F 114 40.16 46.87 -22.70
N GLN F 115 40.76 47.70 -21.86
CA GLN F 115 40.67 49.15 -21.97
C GLN F 115 41.60 49.64 -23.09
N GLY F 116 42.63 48.84 -23.43
CA GLY F 116 43.55 49.18 -24.51
C GLY F 116 44.82 49.87 -24.03
N THR F 117 45.82 49.92 -24.91
CA THR F 117 47.11 50.55 -24.65
C THR F 117 47.55 51.28 -25.93
N GLN F 118 47.88 52.57 -25.82
CA GLN F 118 48.26 53.40 -26.95
C GLN F 118 49.68 53.06 -27.39
N VAL F 119 49.82 52.74 -28.67
CA VAL F 119 51.10 52.60 -29.34
C VAL F 119 51.22 53.69 -30.40
N THR F 120 52.26 54.53 -30.29
CA THR F 120 52.50 55.67 -31.18
C THR F 120 53.90 55.58 -31.79
N ILE F 121 53.99 55.53 -33.14
CA ILE F 121 55.27 55.51 -33.84
C ILE F 121 55.46 56.86 -34.53
N SER F 122 56.43 57.70 -34.08
CA SER F 122 56.67 59.03 -34.63
C SER F 122 57.23 58.96 -36.05
N ASP G 7 -5.01 -47.09 43.87
CA ASP G 7 -5.66 -46.69 42.60
C ASP G 7 -7.17 -46.88 42.73
N THR G 8 -7.93 -45.78 42.96
CA THR G 8 -9.37 -45.85 43.23
C THR G 8 -10.16 -45.64 41.93
N PRO G 9 -11.43 -46.14 41.79
CA PRO G 9 -12.34 -45.70 40.72
C PRO G 9 -12.68 -44.20 40.75
N ILE G 10 -12.75 -43.58 39.55
CA ILE G 10 -12.99 -42.14 39.39
C ILE G 10 -14.21 -41.72 40.22
N ASN G 11 -15.28 -42.51 40.24
CA ASN G 11 -16.56 -42.11 40.82
C ASN G 11 -16.63 -42.39 42.33
N GLN G 12 -15.54 -42.86 42.95
CA GLN G 12 -15.47 -43.01 44.40
CA GLN G 12 -15.49 -43.00 44.41
C GLN G 12 -14.64 -41.86 45.00
N ILE G 13 -13.83 -41.19 44.16
CA ILE G 13 -13.12 -39.95 44.49
C ILE G 13 -14.08 -38.75 44.33
N PHE G 14 -14.56 -38.55 43.09
CA PHE G 14 -15.53 -37.54 42.69
C PHE G 14 -16.95 -38.10 42.79
N THR G 15 -17.55 -37.98 43.99
CA THR G 15 -18.84 -38.60 44.33
C THR G 15 -20.00 -37.91 43.60
N ASP G 16 -19.79 -36.68 43.10
CA ASP G 16 -20.81 -35.98 42.33
C ASP G 16 -20.78 -36.51 40.89
N THR G 17 -21.96 -36.93 40.38
CA THR G 17 -22.02 -37.72 39.16
C THR G 17 -21.68 -36.86 37.94
N ALA G 18 -21.99 -35.55 37.95
CA ALA G 18 -21.71 -34.68 36.81
C ALA G 18 -20.22 -34.35 36.73
N LEU G 19 -19.56 -34.29 37.91
CA LEU G 19 -18.13 -34.03 38.01
C LEU G 19 -17.33 -35.28 37.62
N ALA G 20 -17.77 -36.46 38.12
CA ALA G 20 -17.20 -37.76 37.74
C ALA G 20 -17.08 -37.88 36.21
N GLU G 21 -18.15 -37.50 35.49
CA GLU G 21 -18.27 -37.55 34.04
C GLU G 21 -17.32 -36.56 33.36
N LYS G 22 -17.17 -35.37 33.95
CA LYS G 22 -16.23 -34.35 33.48
C LYS G 22 -14.78 -34.85 33.65
N MET G 23 -14.49 -35.47 34.80
CA MET G 23 -13.12 -35.87 35.17
C MET G 23 -12.64 -37.05 34.30
N LYS G 24 -13.57 -37.98 34.03
CA LYS G 24 -13.38 -39.00 33.01
C LYS G 24 -12.73 -38.41 31.73
N THR G 25 -13.33 -37.36 31.15
CA THR G 25 -12.82 -36.75 29.92
C THR G 25 -11.46 -36.06 30.13
N VAL G 26 -11.28 -35.41 31.29
CA VAL G 26 -10.04 -34.70 31.60
C VAL G 26 -8.89 -35.72 31.64
N LEU G 27 -9.15 -36.90 32.21
CA LEU G 27 -8.15 -37.91 32.51
C LEU G 27 -7.93 -38.88 31.33
N GLY G 28 -8.66 -38.69 30.22
CA GLY G 28 -8.53 -39.49 29.01
C GLY G 28 -9.01 -40.94 29.17
N LYS G 29 -10.03 -41.17 30.02
CA LYS G 29 -10.58 -42.49 30.30
C LYS G 29 -11.89 -42.69 29.53
N THR G 30 -12.51 -43.88 29.66
CA THR G 30 -13.68 -44.22 28.86
C THR G 30 -14.92 -44.50 29.72
N ASN G 31 -14.78 -44.88 31.02
CA ASN G 31 -15.93 -44.95 31.94
C ASN G 31 -15.63 -44.24 33.25
N VAL G 32 -16.69 -43.88 33.99
CA VAL G 32 -16.55 -43.23 35.28
C VAL G 32 -16.25 -44.26 36.37
N THR G 33 -16.13 -45.56 36.01
CA THR G 33 -15.74 -46.62 36.95
C THR G 33 -14.26 -47.00 36.79
N ASP G 34 -13.63 -46.65 35.65
CA ASP G 34 -12.20 -46.82 35.44
C ASP G 34 -11.42 -46.34 36.67
N THR G 35 -10.26 -46.96 36.96
CA THR G 35 -9.42 -46.51 38.07
C THR G 35 -8.33 -45.57 37.54
N VAL G 36 -7.76 -44.76 38.46
CA VAL G 36 -6.70 -43.80 38.18
C VAL G 36 -5.71 -43.76 39.35
N SER G 37 -4.44 -43.40 39.06
CA SER G 37 -3.39 -43.31 40.05
C SER G 37 -3.22 -41.86 40.54
N GLN G 38 -2.56 -41.70 41.70
CA GLN G 38 -2.25 -40.38 42.24
C GLN G 38 -1.35 -39.60 41.26
N THR G 39 -0.79 -40.29 40.24
CA THR G 39 0.05 -39.69 39.20
C THR G 39 -0.79 -39.13 38.05
N ASP G 40 -1.86 -39.85 37.66
CA ASP G 40 -2.80 -39.39 36.64
C ASP G 40 -3.45 -38.08 37.09
N LEU G 41 -3.65 -37.93 38.43
CA LEU G 41 -4.36 -36.83 39.09
C LEU G 41 -3.49 -35.58 39.19
N ASP G 42 -2.17 -35.78 39.38
CA ASP G 42 -1.25 -34.68 39.59
C ASP G 42 -0.88 -34.05 38.24
N GLN G 43 -1.37 -34.61 37.13
CA GLN G 43 -1.17 -34.04 35.81
C GLN G 43 -2.08 -32.83 35.57
N VAL G 44 -3.14 -32.67 36.39
CA VAL G 44 -4.24 -31.75 36.11
C VAL G 44 -3.95 -30.43 36.82
N THR G 45 -3.66 -29.38 36.02
CA THR G 45 -3.27 -28.05 36.49
C THR G 45 -4.33 -26.97 36.21
N THR G 46 -5.33 -27.29 35.37
CA THR G 46 -6.43 -26.44 34.97
C THR G 46 -7.72 -27.24 35.02
N LEU G 47 -8.86 -26.59 35.26
CA LEU G 47 -10.14 -27.29 35.22
C LEU G 47 -11.27 -26.31 34.87
N GLN G 48 -11.77 -26.39 33.63
CA GLN G 48 -12.95 -25.65 33.18
C GLN G 48 -14.19 -26.53 33.35
N ALA G 49 -14.88 -26.38 34.50
CA ALA G 49 -16.06 -27.17 34.81
C ALA G 49 -17.27 -26.28 35.11
N ASP G 50 -17.53 -25.30 34.24
CA ASP G 50 -18.64 -24.38 34.44
C ASP G 50 -19.90 -24.93 33.77
N ARG G 51 -21.04 -24.66 34.41
CA ARG G 51 -22.38 -24.95 33.88
C ARG G 51 -22.51 -26.45 33.55
N LEU G 52 -22.23 -27.32 34.54
CA LEU G 52 -22.24 -28.77 34.36
C LEU G 52 -23.16 -29.41 35.40
N GLY G 53 -23.91 -28.58 36.13
CA GLY G 53 -24.85 -29.06 37.12
C GLY G 53 -24.19 -29.75 38.31
N ILE G 54 -23.00 -29.29 38.71
CA ILE G 54 -22.27 -29.92 39.80
C ILE G 54 -22.84 -29.44 41.14
N LYS G 55 -23.06 -30.36 42.10
CA LYS G 55 -23.62 -29.99 43.42
C LYS G 55 -22.57 -30.07 44.53
N SER G 56 -21.45 -30.77 44.27
CA SER G 56 -20.39 -31.04 45.24
C SER G 56 -19.05 -31.19 44.51
N ILE G 57 -17.98 -30.65 45.10
CA ILE G 57 -16.64 -30.79 44.53
C ILE G 57 -15.81 -31.78 45.33
N ASP G 58 -16.45 -32.64 46.17
CA ASP G 58 -15.73 -33.73 46.83
C ASP G 58 -14.92 -34.50 45.77
N GLY G 59 -13.61 -34.65 46.03
CA GLY G 59 -12.69 -35.28 45.08
C GLY G 59 -11.60 -34.35 44.53
N VAL G 60 -11.88 -33.03 44.60
CA VAL G 60 -11.01 -32.02 44.01
C VAL G 60 -9.73 -31.86 44.87
N GLU G 61 -9.80 -32.20 46.18
CA GLU G 61 -8.67 -32.12 47.10
C GLU G 61 -7.46 -32.95 46.62
N TYR G 62 -7.69 -33.94 45.74
CA TYR G 62 -6.66 -34.85 45.24
C TYR G 62 -5.97 -34.30 43.99
N LEU G 63 -6.44 -33.17 43.44
CA LEU G 63 -5.85 -32.60 42.23
C LEU G 63 -4.81 -31.55 42.64
N ASN G 64 -3.68 -31.98 43.22
CA ASN G 64 -2.92 -31.12 44.13
C ASN G 64 -2.21 -30.02 43.35
N ASN G 65 -2.09 -30.18 42.01
CA ASN G 65 -1.35 -29.24 41.18
C ASN G 65 -2.24 -28.24 40.41
N LEU G 66 -3.50 -28.05 40.85
CA LEU G 66 -4.39 -27.06 40.24
C LEU G 66 -3.88 -25.65 40.53
N THR G 67 -3.65 -24.88 39.45
CA THR G 67 -3.32 -23.46 39.51
C THR G 67 -4.55 -22.59 39.18
N GLN G 68 -5.55 -23.11 38.43
CA GLN G 68 -6.66 -22.31 37.93
C GLN G 68 -7.92 -23.17 37.83
N ILE G 69 -9.02 -22.71 38.43
CA ILE G 69 -10.27 -23.44 38.33
C ILE G 69 -11.40 -22.50 37.93
N ASN G 70 -12.45 -23.11 37.36
CA ASN G 70 -13.70 -22.47 37.00
C ASN G 70 -14.86 -23.42 37.34
N PHE G 71 -15.60 -23.10 38.41
CA PHE G 71 -16.79 -23.85 38.81
C PHE G 71 -18.01 -22.92 38.81
N SER G 72 -17.99 -21.90 37.94
CA SER G 72 -19.08 -20.93 37.88
C SER G 72 -20.33 -21.60 37.32
N ASN G 73 -21.51 -21.10 37.72
CA ASN G 73 -22.80 -21.50 37.16
C ASN G 73 -23.05 -22.99 37.46
N ASN G 74 -22.83 -23.40 38.71
CA ASN G 74 -23.15 -24.73 39.20
C ASN G 74 -24.05 -24.52 40.41
N GLN G 75 -24.06 -25.49 41.34
CA GLN G 75 -24.96 -25.45 42.49
C GLN G 75 -24.19 -25.79 43.76
N LEU G 76 -22.97 -25.24 43.88
CA LEU G 76 -22.06 -25.51 44.98
C LEU G 76 -22.54 -24.77 46.22
N THR G 77 -22.51 -25.44 47.38
CA THR G 77 -22.70 -24.80 48.68
C THR G 77 -21.41 -24.92 49.49
N ASP G 78 -20.90 -26.14 49.60
CA ASP G 78 -19.73 -26.47 50.40
C ASP G 78 -18.49 -26.45 49.50
N ILE G 79 -17.42 -25.73 49.92
CA ILE G 79 -16.19 -25.67 49.15
C ILE G 79 -14.98 -26.12 49.96
N THR G 80 -15.19 -26.97 51.00
CA THR G 80 -14.14 -27.51 51.87
C THR G 80 -13.02 -28.19 51.06
N PRO G 81 -13.32 -29.00 50.03
CA PRO G 81 -12.28 -29.59 49.16
C PRO G 81 -11.16 -28.70 48.61
N LEU G 82 -11.34 -27.37 48.67
CA LEU G 82 -10.36 -26.41 48.15
C LEU G 82 -9.27 -26.09 49.17
N LYS G 83 -9.59 -26.29 50.46
CA LYS G 83 -8.82 -25.83 51.62
C LYS G 83 -7.30 -25.89 51.44
N ASN G 84 -6.79 -26.95 50.79
CA ASN G 84 -5.35 -27.29 50.80
C ASN G 84 -4.75 -27.28 49.41
N LEU G 85 -5.46 -26.71 48.42
CA LEU G 85 -4.92 -26.58 47.07
C LEU G 85 -4.18 -25.25 46.93
N THR G 86 -3.06 -25.13 47.65
CA THR G 86 -2.45 -23.83 47.93
C THR G 86 -1.68 -23.33 46.71
N LYS G 87 -1.66 -24.12 45.63
CA LYS G 87 -1.11 -23.65 44.36
C LYS G 87 -2.14 -22.92 43.49
N LEU G 88 -3.39 -22.76 43.98
CA LEU G 88 -4.41 -22.01 43.24
C LEU G 88 -4.07 -20.52 43.23
N VAL G 89 -4.10 -19.93 42.01
CA VAL G 89 -3.87 -18.51 41.78
C VAL G 89 -5.15 -17.81 41.28
N ASP G 90 -6.06 -18.52 40.59
CA ASP G 90 -7.28 -17.94 40.05
C ASP G 90 -8.45 -18.88 40.27
N ILE G 91 -9.51 -18.38 40.93
CA ILE G 91 -10.75 -19.12 41.12
C ILE G 91 -11.90 -18.32 40.50
N LEU G 92 -12.68 -18.96 39.61
CA LEU G 92 -13.94 -18.43 39.12
C LEU G 92 -15.06 -19.32 39.67
N MET G 93 -15.92 -18.77 40.54
CA MET G 93 -16.98 -19.53 41.20
C MET G 93 -18.24 -18.69 41.39
N ASN G 94 -18.45 -17.75 40.45
CA ASN G 94 -19.64 -16.93 40.44
C ASN G 94 -20.84 -17.86 40.19
N ASN G 95 -22.05 -17.48 40.63
CA ASN G 95 -23.29 -18.12 40.22
C ASN G 95 -23.36 -19.54 40.79
N ASN G 96 -23.22 -19.64 42.11
CA ASN G 96 -23.38 -20.84 42.90
C ASN G 96 -24.22 -20.44 44.11
N GLN G 97 -24.16 -21.22 45.20
CA GLN G 97 -24.94 -20.94 46.40
C GLN G 97 -24.04 -21.05 47.63
N ILE G 98 -22.84 -20.49 47.49
CA ILE G 98 -21.80 -20.55 48.51
C ILE G 98 -22.10 -19.46 49.54
N ALA G 99 -22.09 -19.82 50.85
CA ALA G 99 -22.23 -18.89 51.96
C ALA G 99 -20.96 -18.81 52.81
N ASP G 100 -20.28 -19.95 53.00
CA ASP G 100 -19.17 -20.10 53.94
C ASP G 100 -17.90 -20.23 53.11
N ILE G 101 -16.98 -19.26 53.26
CA ILE G 101 -15.77 -19.22 52.46
C ILE G 101 -14.51 -19.41 53.31
N THR G 102 -14.67 -19.95 54.53
CA THR G 102 -13.54 -20.33 55.39
C THR G 102 -12.50 -21.17 54.62
N PRO G 103 -12.91 -22.17 53.79
CA PRO G 103 -11.95 -22.91 52.96
C PRO G 103 -10.96 -22.13 52.10
N LEU G 104 -11.20 -20.83 51.89
CA LEU G 104 -10.32 -20.01 51.08
C LEU G 104 -9.17 -19.40 51.90
N ALA G 105 -9.25 -19.48 53.24
CA ALA G 105 -8.50 -18.61 54.17
C ALA G 105 -7.00 -18.69 53.97
N ASN G 106 -6.51 -19.86 53.49
CA ASN G 106 -5.10 -20.20 53.41
C ASN G 106 -4.55 -20.19 51.99
N LEU G 107 -5.37 -19.85 50.98
CA LEU G 107 -4.93 -19.92 49.60
C LEU G 107 -4.26 -18.62 49.21
N THR G 108 -3.11 -18.35 49.86
CA THR G 108 -2.47 -17.05 49.85
C THR G 108 -1.79 -16.77 48.51
N ASN G 109 -1.74 -17.76 47.59
CA ASN G 109 -1.20 -17.47 46.26
C ASN G 109 -2.24 -16.94 45.26
N LEU G 110 -3.53 -16.88 45.66
CA LEU G 110 -4.60 -16.29 44.88
C LEU G 110 -4.29 -14.83 44.51
N THR G 111 -4.24 -14.57 43.19
CA THR G 111 -4.20 -13.25 42.59
C THR G 111 -5.60 -12.86 42.03
N GLY G 112 -6.45 -13.86 41.76
CA GLY G 112 -7.77 -13.64 41.20
C GLY G 112 -8.84 -14.46 41.91
N LEU G 113 -9.90 -13.81 42.42
CA LEU G 113 -10.99 -14.52 43.04
C LEU G 113 -12.33 -13.88 42.63
N THR G 114 -13.17 -14.68 41.95
CA THR G 114 -14.45 -14.24 41.42
C THR G 114 -15.56 -15.06 42.08
N LEU G 115 -16.44 -14.38 42.84
CA LEU G 115 -17.46 -15.03 43.65
C LEU G 115 -18.81 -14.33 43.58
N PHE G 116 -19.10 -13.57 42.52
CA PHE G 116 -20.32 -12.80 42.47
C PHE G 116 -21.48 -13.76 42.26
N ASN G 117 -22.68 -13.40 42.75
CA ASN G 117 -23.89 -14.20 42.68
C ASN G 117 -23.75 -15.48 43.51
N ASN G 118 -23.70 -15.28 44.83
CA ASN G 118 -23.55 -16.32 45.82
C ASN G 118 -24.33 -15.84 47.03
N GLN G 119 -24.10 -16.44 48.22
CA GLN G 119 -24.91 -16.09 49.38
C GLN G 119 -23.99 -15.78 50.57
N ILE G 120 -22.90 -15.06 50.27
CA ILE G 120 -21.83 -14.76 51.22
C ILE G 120 -22.15 -13.49 52.00
N THR G 121 -22.08 -13.57 53.34
CA THR G 121 -22.16 -12.42 54.25
C THR G 121 -20.79 -12.13 54.87
N ASP G 122 -20.12 -13.21 55.33
CA ASP G 122 -18.88 -13.12 56.10
C ASP G 122 -17.69 -13.28 55.16
N ILE G 123 -16.89 -12.19 55.02
CA ILE G 123 -15.71 -12.22 54.18
C ILE G 123 -14.43 -12.12 55.00
N ASP G 124 -14.54 -12.30 56.32
CA ASP G 124 -13.39 -12.36 57.20
C ASP G 124 -12.35 -13.36 56.67
N PRO G 125 -12.72 -14.56 56.14
CA PRO G 125 -11.72 -15.49 55.57
C PRO G 125 -10.82 -15.00 54.45
N LEU G 126 -11.11 -13.82 53.88
CA LEU G 126 -10.34 -13.28 52.77
C LEU G 126 -9.19 -12.41 53.27
N LYS G 127 -9.10 -12.14 54.58
CA LYS G 127 -8.34 -10.99 55.04
C LYS G 127 -6.83 -11.18 54.81
N ASN G 128 -6.35 -12.45 54.73
CA ASN G 128 -4.92 -12.72 54.59
C ASN G 128 -4.53 -13.02 53.14
N LEU G 129 -5.43 -12.77 52.17
CA LEU G 129 -5.16 -13.06 50.77
C LEU G 129 -4.56 -11.84 50.07
N THR G 130 -3.39 -11.42 50.57
CA THR G 130 -2.81 -10.12 50.28
C THR G 130 -2.23 -10.07 48.86
N ASN G 131 -2.20 -11.20 48.11
CA ASN G 131 -1.71 -11.13 46.72
C ASN G 131 -2.84 -10.90 45.72
N LEU G 132 -4.12 -10.87 46.19
CA LEU G 132 -5.27 -10.60 45.33
C LEU G 132 -5.12 -9.25 44.66
N ASN G 133 -5.21 -9.25 43.33
CA ASN G 133 -5.32 -8.03 42.56
C ASN G 133 -6.72 -7.91 41.91
N ARG G 134 -7.49 -9.03 41.91
CA ARG G 134 -8.85 -9.04 41.39
C ARG G 134 -9.76 -9.80 42.33
N LEU G 135 -10.76 -9.09 42.89
CA LEU G 135 -11.72 -9.67 43.82
C LEU G 135 -13.12 -9.18 43.45
N GLU G 136 -14.00 -10.14 43.12
CA GLU G 136 -15.34 -9.86 42.65
C GLU G 136 -16.34 -10.52 43.57
N LEU G 137 -17.11 -9.66 44.27
CA LEU G 137 -18.02 -10.11 45.32
C LEU G 137 -19.42 -9.50 45.19
N SER G 138 -19.79 -8.93 44.03
CA SER G 138 -21.10 -8.28 43.94
C SER G 138 -22.20 -9.34 43.94
N SER G 139 -23.45 -8.92 44.26
CA SER G 139 -24.62 -9.80 44.34
C SER G 139 -24.39 -10.91 45.36
N ASN G 140 -24.01 -10.48 46.58
CA ASN G 140 -23.88 -11.31 47.77
C ASN G 140 -24.66 -10.55 48.83
N THR G 141 -24.51 -10.88 50.12
CA THR G 141 -25.23 -10.25 51.21
C THR G 141 -24.25 -9.67 52.24
N ILE G 142 -23.12 -9.15 51.72
CA ILE G 142 -22.05 -8.56 52.51
C ILE G 142 -22.46 -7.18 53.01
N SER G 143 -22.24 -6.93 54.30
CA SER G 143 -22.51 -5.64 54.91
C SER G 143 -21.23 -5.02 55.53
N ASP G 144 -20.17 -5.81 55.65
CA ASP G 144 -18.99 -5.42 56.40
C ASP G 144 -17.76 -5.82 55.62
N ILE G 145 -17.00 -4.79 55.21
CA ILE G 145 -15.87 -4.98 54.30
C ILE G 145 -14.55 -4.71 55.01
N SER G 146 -14.54 -4.85 56.34
CA SER G 146 -13.34 -4.76 57.19
C SER G 146 -12.20 -5.61 56.63
N ALA G 147 -12.52 -6.85 56.26
CA ALA G 147 -11.54 -7.83 55.83
C ALA G 147 -10.75 -7.40 54.59
N LEU G 148 -11.21 -6.33 53.90
CA LEU G 148 -10.58 -5.91 52.66
C LEU G 148 -9.43 -4.94 52.93
N SER G 149 -9.30 -4.38 54.15
CA SER G 149 -8.42 -3.24 54.37
C SER G 149 -6.94 -3.61 54.19
N GLY G 150 -6.62 -4.91 54.29
CA GLY G 150 -5.26 -5.41 54.13
C GLY G 150 -4.91 -5.86 52.71
N LEU G 151 -5.87 -5.87 51.76
CA LEU G 151 -5.66 -6.38 50.42
C LEU G 151 -5.17 -5.24 49.52
N THR G 152 -3.94 -4.80 49.81
CA THR G 152 -3.36 -3.59 49.27
C THR G 152 -2.80 -3.80 47.87
N SER G 153 -2.93 -5.02 47.29
CA SER G 153 -2.52 -5.22 45.90
C SER G 153 -3.69 -5.15 44.92
N LEU G 154 -4.92 -4.95 45.41
CA LEU G 154 -6.13 -4.96 44.59
C LEU G 154 -6.12 -3.82 43.58
N GLN G 155 -6.40 -4.20 42.32
CA GLN G 155 -6.61 -3.27 41.21
C GLN G 155 -8.07 -3.24 40.79
N GLN G 156 -8.80 -4.37 40.95
CA GLN G 156 -10.22 -4.46 40.61
C GLN G 156 -11.00 -5.09 41.77
N LEU G 157 -12.12 -4.44 42.17
CA LEU G 157 -12.90 -4.90 43.30
C LEU G 157 -14.38 -4.59 43.06
N SER G 158 -15.23 -5.55 43.42
CA SER G 158 -16.66 -5.37 43.43
C SER G 158 -17.19 -6.08 44.68
N PHE G 159 -18.29 -5.56 45.24
CA PHE G 159 -18.92 -6.20 46.37
C PHE G 159 -20.34 -5.67 46.52
N GLY G 160 -21.19 -6.49 47.16
CA GLY G 160 -22.54 -6.11 47.48
C GLY G 160 -23.14 -7.13 48.42
N ASN G 161 -24.33 -6.85 48.98
CA ASN G 161 -25.20 -5.77 48.52
C ASN G 161 -25.75 -4.94 49.68
N GLN G 162 -25.08 -4.92 50.86
CA GLN G 162 -25.61 -4.22 52.03
C GLN G 162 -24.56 -3.32 52.70
N VAL G 163 -23.46 -2.99 52.02
CA VAL G 163 -22.44 -2.14 52.60
C VAL G 163 -22.94 -0.69 52.71
N THR G 164 -22.75 -0.06 53.89
CA THR G 164 -22.95 1.37 54.14
C THR G 164 -21.60 2.08 54.35
N ASP G 165 -20.66 1.36 54.97
CA ASP G 165 -19.39 1.89 55.47
C ASP G 165 -18.24 1.47 54.56
N LEU G 166 -17.73 2.44 53.80
CA LEU G 166 -16.65 2.26 52.85
C LEU G 166 -15.25 2.54 53.45
N LYS G 167 -15.15 2.82 54.76
CA LYS G 167 -13.86 3.23 55.33
C LYS G 167 -12.77 2.18 55.13
N PRO G 168 -13.06 0.85 55.19
CA PRO G 168 -12.00 -0.15 54.97
C PRO G 168 -11.22 -0.05 53.65
N LEU G 169 -11.73 0.75 52.69
CA LEU G 169 -11.08 0.91 51.39
C LEU G 169 -9.93 1.93 51.41
N ALA G 170 -9.74 2.65 52.53
CA ALA G 170 -8.88 3.83 52.54
C ALA G 170 -7.46 3.61 51.97
N ASN G 171 -6.85 2.44 52.30
CA ASN G 171 -5.47 2.12 51.99
C ASN G 171 -5.28 1.41 50.65
N LEU G 172 -6.39 1.02 50.00
CA LEU G 172 -6.34 0.25 48.79
C LEU G 172 -6.11 1.18 47.60
N THR G 173 -4.99 1.92 47.61
CA THR G 173 -4.74 3.00 46.65
C THR G 173 -4.25 2.45 45.32
N THR G 174 -4.04 1.13 45.22
CA THR G 174 -3.72 0.46 43.96
C THR G 174 -4.97 0.28 43.07
N LEU G 175 -6.16 0.39 43.66
CA LEU G 175 -7.44 0.25 42.96
C LEU G 175 -7.57 1.23 41.81
N GLU G 176 -7.95 0.63 40.67
CA GLU G 176 -8.23 1.28 39.40
C GLU G 176 -9.68 1.09 38.98
N ARG G 177 -10.30 -0.03 39.36
CA ARG G 177 -11.68 -0.34 38.92
C ARG G 177 -12.46 -0.79 40.14
N LEU G 178 -13.49 0.01 40.53
CA LEU G 178 -14.27 -0.26 41.74
C LEU G 178 -15.75 -0.23 41.37
N ASP G 179 -16.46 -1.29 41.79
CA ASP G 179 -17.90 -1.45 41.56
C ASP G 179 -18.57 -1.67 42.91
N ILE G 180 -19.30 -0.64 43.37
CA ILE G 180 -20.05 -0.70 44.61
C ILE G 180 -21.55 -0.64 44.29
N SER G 181 -21.94 -1.03 43.08
CA SER G 181 -23.33 -1.15 42.68
C SER G 181 -24.14 -1.89 43.73
N SER G 182 -25.39 -1.47 43.92
CA SER G 182 -26.37 -2.18 44.70
C SER G 182 -25.90 -2.43 46.12
N ASN G 183 -25.59 -1.33 46.80
CA ASN G 183 -25.30 -1.35 48.23
C ASN G 183 -26.21 -0.31 48.86
N LYS G 184 -25.84 0.19 50.05
CA LYS G 184 -26.59 1.19 50.77
C LYS G 184 -25.68 2.38 51.09
N VAL G 185 -24.82 2.77 50.15
CA VAL G 185 -23.83 3.78 50.41
C VAL G 185 -24.46 5.15 50.16
N SER G 186 -24.29 6.09 51.12
CA SER G 186 -24.44 7.51 50.84
C SER G 186 -23.15 8.30 50.98
N ASP G 187 -22.25 7.86 51.86
CA ASP G 187 -21.00 8.57 52.13
C ASP G 187 -19.85 7.95 51.36
N ILE G 188 -19.36 8.69 50.35
CA ILE G 188 -18.28 8.23 49.49
C ILE G 188 -17.02 9.09 49.74
N SER G 189 -16.87 9.69 50.94
CA SER G 189 -15.74 10.57 51.22
C SER G 189 -14.39 9.86 51.12
N VAL G 190 -14.36 8.57 51.50
CA VAL G 190 -13.17 7.76 51.50
C VAL G 190 -12.64 7.60 50.07
N LEU G 191 -13.48 7.75 49.06
CA LEU G 191 -13.06 7.46 47.69
C LEU G 191 -12.10 8.53 47.20
N ALA G 192 -12.09 9.71 47.83
CA ALA G 192 -11.13 10.77 47.50
C ALA G 192 -9.68 10.28 47.59
N LYS G 193 -9.44 9.24 48.40
CA LYS G 193 -8.10 8.71 48.65
C LYS G 193 -7.65 7.74 47.56
N LEU G 194 -8.58 7.28 46.72
CA LEU G 194 -8.30 6.28 45.71
C LEU G 194 -8.01 6.96 44.39
N THR G 195 -6.87 7.67 44.35
CA THR G 195 -6.59 8.63 43.27
C THR G 195 -6.21 7.95 41.97
N ASN G 196 -6.05 6.60 41.98
CA ASN G 196 -5.72 5.89 40.75
C ASN G 196 -6.96 5.24 40.11
N LEU G 197 -8.15 5.53 40.65
CA LEU G 197 -9.38 5.01 40.06
C LEU G 197 -9.53 5.57 38.67
N GLU G 198 -9.86 4.68 37.72
CA GLU G 198 -10.15 4.95 36.32
C GLU G 198 -11.62 4.65 36.02
N SER G 199 -12.20 3.70 36.74
CA SER G 199 -13.59 3.30 36.57
C SER G 199 -14.24 3.19 37.95
N LEU G 200 -15.32 3.94 38.16
CA LEU G 200 -16.11 3.85 39.39
C LEU G 200 -17.56 3.59 39.01
N ILE G 201 -18.10 2.42 39.40
CA ILE G 201 -19.49 2.08 39.17
C ILE G 201 -20.20 2.04 40.52
N ALA G 202 -21.21 2.92 40.71
CA ALA G 202 -21.90 3.09 41.97
C ALA G 202 -23.42 3.11 41.76
N THR G 203 -23.89 2.41 40.71
CA THR G 203 -25.28 2.23 40.42
C THR G 203 -26.07 1.81 41.65
N ASN G 204 -27.26 2.41 41.83
CA ASN G 204 -28.23 1.92 42.80
C ASN G 204 -27.68 2.01 44.24
N ASN G 205 -27.38 3.24 44.69
CA ASN G 205 -27.01 3.55 46.05
C ASN G 205 -27.84 4.76 46.48
N GLN G 206 -27.42 5.52 47.49
CA GLN G 206 -28.17 6.70 47.92
C GLN G 206 -27.22 7.89 48.04
N ILE G 207 -26.41 8.08 47.01
CA ILE G 207 -25.39 9.11 47.02
C ILE G 207 -26.02 10.41 46.56
N SER G 208 -25.86 11.50 47.34
CA SER G 208 -26.22 12.84 46.87
C SER G 208 -25.00 13.77 46.83
N ASP G 209 -23.99 13.48 47.66
CA ASP G 209 -22.78 14.29 47.76
C ASP G 209 -21.63 13.63 47.01
N ILE G 210 -21.25 14.24 45.86
CA ILE G 210 -20.18 13.71 45.02
C ILE G 210 -18.94 14.60 45.11
N THR G 211 -18.87 15.53 46.09
CA THR G 211 -17.70 16.39 46.24
C THR G 211 -16.42 15.55 46.41
N PRO G 212 -16.45 14.36 47.05
CA PRO G 212 -15.26 13.49 47.15
C PRO G 212 -14.56 13.10 45.86
N LEU G 213 -15.29 13.14 44.74
CA LEU G 213 -14.74 12.71 43.46
C LEU G 213 -13.77 13.75 42.88
N GLY G 214 -13.75 14.98 43.42
CA GLY G 214 -13.11 16.13 42.78
C GLY G 214 -11.68 15.91 42.25
N ILE G 215 -10.89 15.15 43.04
CA ILE G 215 -9.48 14.92 42.71
C ILE G 215 -9.25 13.53 42.10
N LEU G 216 -10.31 12.79 41.71
CA LEU G 216 -10.15 11.52 41.02
C LEU G 216 -10.06 11.77 39.52
N THR G 217 -9.08 12.57 39.09
CA THR G 217 -9.06 13.08 37.73
C THR G 217 -8.65 12.00 36.73
N ASN G 218 -8.24 10.82 37.22
CA ASN G 218 -7.95 9.72 36.32
C ASN G 218 -9.21 8.93 35.96
N LEU G 219 -10.38 9.30 36.48
CA LEU G 219 -11.60 8.61 36.09
C LEU G 219 -11.84 8.83 34.60
N ASP G 220 -12.01 7.73 33.84
CA ASP G 220 -12.51 7.80 32.47
C ASP G 220 -13.93 7.23 32.36
N GLU G 221 -14.36 6.46 33.37
CA GLU G 221 -15.68 5.84 33.37
C GLU G 221 -16.32 6.03 34.74
N LEU G 222 -17.55 6.56 34.80
CA LEU G 222 -18.25 6.78 36.06
C LEU G 222 -19.74 6.48 35.89
N SER G 223 -20.34 5.69 36.79
CA SER G 223 -21.79 5.50 36.82
C SER G 223 -22.32 5.84 38.21
N LEU G 224 -23.24 6.78 38.29
CA LEU G 224 -24.04 7.05 39.49
C LEU G 224 -25.53 6.92 39.18
N ASN G 225 -25.82 6.03 38.24
CA ASN G 225 -27.16 5.59 37.87
C ASN G 225 -27.94 5.26 39.13
N GLY G 226 -29.13 5.85 39.26
CA GLY G 226 -30.02 5.38 40.32
C GLY G 226 -29.52 5.77 41.70
N ASN G 227 -29.19 7.07 41.91
CA ASN G 227 -28.72 7.59 43.20
C ASN G 227 -29.67 8.73 43.62
N GLN G 228 -29.16 9.74 44.34
CA GLN G 228 -29.96 10.86 44.79
C GLN G 228 -29.28 12.17 44.36
N LEU G 229 -28.78 12.22 43.11
CA LEU G 229 -28.00 13.35 42.68
C LEU G 229 -28.90 14.48 42.26
N LYS G 230 -28.44 15.69 42.57
CA LYS G 230 -29.00 16.92 42.07
C LYS G 230 -27.81 17.81 41.67
N ASP G 231 -27.00 18.22 42.64
CA ASP G 231 -25.80 19.00 42.38
C ASP G 231 -24.70 18.10 41.85
N ILE G 232 -24.32 18.30 40.54
CA ILE G 232 -23.23 17.54 39.92
C ILE G 232 -22.06 18.47 39.56
N GLY G 233 -21.88 19.57 40.29
CA GLY G 233 -20.86 20.56 39.97
C GLY G 233 -19.43 19.97 39.96
N THR G 234 -19.19 19.00 40.83
CA THR G 234 -17.85 18.44 41.02
C THR G 234 -17.38 17.65 39.80
N LEU G 235 -18.30 17.20 38.94
CA LEU G 235 -17.95 16.46 37.74
C LEU G 235 -17.12 17.31 36.78
N ALA G 236 -17.18 18.64 36.85
CA ALA G 236 -16.38 19.50 35.98
C ALA G 236 -14.87 19.30 36.12
N SER G 237 -14.40 18.73 37.24
CA SER G 237 -13.00 18.40 37.45
C SER G 237 -12.59 17.19 36.61
N LEU G 238 -13.54 16.32 36.21
CA LEU G 238 -13.21 14.99 35.75
C LEU G 238 -13.11 14.99 34.22
N THR G 239 -12.12 15.73 33.72
CA THR G 239 -12.04 16.09 32.31
C THR G 239 -11.57 14.91 31.47
N ASN G 240 -11.13 13.80 32.07
CA ASN G 240 -10.75 12.61 31.32
C ASN G 240 -11.91 11.62 31.17
N LEU G 241 -13.10 11.94 31.68
CA LEU G 241 -14.27 11.10 31.47
C LEU G 241 -14.60 10.96 29.98
N THR G 242 -14.85 9.70 29.58
CA THR G 242 -15.35 9.36 28.26
C THR G 242 -16.75 8.73 28.36
N ASP G 243 -17.08 8.14 29.51
CA ASP G 243 -18.30 7.35 29.63
C ASP G 243 -18.95 7.69 30.99
N LEU G 244 -20.13 8.35 30.99
CA LEU G 244 -20.76 8.91 32.18
C LEU G 244 -22.24 8.51 32.21
N ASP G 245 -22.67 7.85 33.27
CA ASP G 245 -24.05 7.40 33.46
C ASP G 245 -24.61 8.09 34.71
N LEU G 246 -25.59 8.98 34.51
CA LEU G 246 -26.21 9.72 35.61
C LEU G 246 -27.73 9.53 35.56
N ALA G 247 -28.17 8.39 35.03
CA ALA G 247 -29.58 8.19 34.74
C ALA G 247 -30.30 7.90 36.05
N ASN G 248 -31.57 8.36 36.16
CA ASN G 248 -32.43 8.03 37.29
C ASN G 248 -31.93 8.73 38.56
N ASN G 249 -31.86 10.07 38.48
CA ASN G 249 -31.50 10.93 39.59
C ASN G 249 -32.51 12.09 39.55
N GLN G 250 -32.13 13.29 39.99
CA GLN G 250 -33.03 14.44 40.08
C GLN G 250 -32.26 15.64 39.55
N ILE G 251 -31.48 15.44 38.47
CA ILE G 251 -30.54 16.44 37.98
C ILE G 251 -31.27 17.42 37.06
N SER G 252 -31.09 18.74 37.25
CA SER G 252 -31.57 19.71 36.29
C SER G 252 -30.44 20.56 35.69
N ASN G 253 -29.38 20.85 36.44
CA ASN G 253 -28.32 21.73 35.96
C ASN G 253 -27.09 20.92 35.45
N LEU G 254 -26.89 20.98 34.14
CA LEU G 254 -25.91 20.25 33.36
C LEU G 254 -24.68 21.12 33.02
N ALA G 255 -24.64 22.38 33.47
CA ALA G 255 -23.52 23.28 33.19
C ALA G 255 -22.19 22.62 33.55
N PRO G 256 -22.06 21.88 34.69
CA PRO G 256 -20.82 21.17 35.05
C PRO G 256 -20.26 20.18 34.03
N LEU G 257 -21.10 19.76 33.05
CA LEU G 257 -20.71 18.79 32.03
C LEU G 257 -20.17 19.49 30.78
N SER G 258 -20.28 20.83 30.70
CA SER G 258 -20.08 21.53 29.43
C SER G 258 -18.66 21.37 28.88
N GLY G 259 -17.68 21.24 29.76
CA GLY G 259 -16.29 21.16 29.34
C GLY G 259 -15.76 19.73 29.32
N LEU G 260 -16.62 18.69 29.45
CA LEU G 260 -16.17 17.30 29.45
C LEU G 260 -16.19 16.75 28.03
N THR G 261 -15.34 17.33 27.18
CA THR G 261 -15.44 17.20 25.74
C THR G 261 -14.90 15.86 25.25
N LYS G 262 -14.35 15.04 26.14
CA LYS G 262 -13.98 13.69 25.71
C LYS G 262 -15.12 12.67 25.84
N LEU G 263 -16.27 13.08 26.39
CA LEU G 263 -17.40 12.17 26.54
C LEU G 263 -17.85 11.69 25.18
N THR G 264 -17.90 10.34 25.03
CA THR G 264 -18.49 9.66 23.89
C THR G 264 -19.83 9.04 24.27
N GLU G 265 -20.05 8.73 25.56
CA GLU G 265 -21.33 8.22 26.05
C GLU G 265 -21.80 9.02 27.26
N LEU G 266 -23.06 9.45 27.24
CA LEU G 266 -23.65 10.23 28.32
C LEU G 266 -25.10 9.82 28.48
N LYS G 267 -25.42 9.27 29.64
CA LYS G 267 -26.74 8.78 29.95
C LYS G 267 -27.34 9.66 31.04
N LEU G 268 -28.44 10.33 30.70
CA LEU G 268 -29.07 11.37 31.53
C LEU G 268 -30.58 11.13 31.61
N GLY G 269 -31.01 9.94 31.21
CA GLY G 269 -32.42 9.61 31.27
C GLY G 269 -32.94 9.63 32.70
N ALA G 270 -34.23 9.99 32.84
CA ALA G 270 -34.91 9.92 34.13
C ALA G 270 -34.27 10.90 35.09
N ASN G 271 -34.44 12.18 34.77
CA ASN G 271 -33.92 13.27 35.59
C ASN G 271 -34.94 14.41 35.48
N GLN G 272 -34.48 15.66 35.69
CA GLN G 272 -35.35 16.83 35.74
C GLN G 272 -34.82 17.89 34.77
N ILE G 273 -34.42 17.45 33.58
CA ILE G 273 -33.68 18.27 32.63
C ILE G 273 -34.62 18.97 31.67
N SER G 274 -34.48 20.30 31.55
CA SER G 274 -35.23 21.10 30.59
C SER G 274 -34.31 21.93 29.72
N ASN G 275 -33.01 21.97 30.04
CA ASN G 275 -32.06 22.78 29.27
C ASN G 275 -30.82 21.96 28.97
N ILE G 276 -30.59 21.69 27.67
CA ILE G 276 -29.43 20.91 27.26
C ILE G 276 -28.43 21.78 26.49
N SER G 277 -28.49 23.12 26.64
CA SER G 277 -27.48 24.01 26.07
C SER G 277 -26.07 23.64 26.55
N PRO G 278 -25.86 23.23 27.81
CA PRO G 278 -24.55 22.76 28.25
C PRO G 278 -23.96 21.55 27.51
N LEU G 279 -24.79 20.80 26.76
CA LEU G 279 -24.31 19.64 26.03
C LEU G 279 -23.79 20.00 24.62
N ALA G 280 -23.96 21.27 24.18
CA ALA G 280 -23.75 21.70 22.79
C ALA G 280 -22.31 21.45 22.31
N GLY G 281 -21.33 21.48 23.23
CA GLY G 281 -19.94 21.36 22.87
C GLY G 281 -19.41 19.92 22.94
N LEU G 282 -20.25 18.93 23.28
CA LEU G 282 -19.79 17.56 23.51
C LEU G 282 -19.90 16.76 22.20
N THR G 283 -19.15 17.25 21.19
CA THR G 283 -19.26 16.82 19.81
C THR G 283 -18.67 15.41 19.60
N ALA G 284 -17.97 14.84 20.58
CA ALA G 284 -17.49 13.47 20.44
C ALA G 284 -18.56 12.44 20.84
N LEU G 285 -19.74 12.87 21.29
CA LEU G 285 -20.79 11.95 21.78
C LEU G 285 -21.29 11.09 20.63
N THR G 286 -21.38 9.77 20.89
CA THR G 286 -21.96 8.78 19.97
C THR G 286 -23.26 8.19 20.53
N ASN G 287 -23.34 8.08 21.87
CA ASN G 287 -24.53 7.60 22.55
C ASN G 287 -25.01 8.68 23.53
N LEU G 288 -26.26 9.14 23.37
CA LEU G 288 -26.85 10.10 24.30
C LEU G 288 -28.24 9.64 24.70
N GLU G 289 -28.53 9.54 26.00
CA GLU G 289 -29.83 9.20 26.53
C GLU G 289 -30.44 10.38 27.29
N LEU G 290 -31.61 10.86 26.87
CA LEU G 290 -32.31 11.99 27.49
C LEU G 290 -33.81 11.70 27.67
N ASN G 291 -34.16 10.42 27.73
CA ASN G 291 -35.53 10.02 28.02
C ASN G 291 -35.97 10.52 29.38
N GLU G 292 -37.29 10.67 29.59
CA GLU G 292 -37.86 10.86 30.91
C GLU G 292 -37.24 12.10 31.57
N ASN G 293 -37.39 13.25 30.92
CA ASN G 293 -36.95 14.53 31.41
C ASN G 293 -38.10 15.52 31.20
N GLN G 294 -37.78 16.81 31.03
CA GLN G 294 -38.82 17.83 30.80
C GLN G 294 -38.42 18.67 29.59
N LEU G 295 -38.02 17.95 28.53
CA LEU G 295 -37.47 18.57 27.34
C LEU G 295 -38.58 19.05 26.42
N GLU G 296 -38.40 20.26 25.90
CA GLU G 296 -39.17 20.76 24.77
C GLU G 296 -38.23 21.14 23.65
N ASP G 297 -37.42 22.16 23.93
CA ASP G 297 -36.42 22.66 22.99
C ASP G 297 -35.16 21.81 23.12
N ILE G 298 -34.89 21.05 22.05
CA ILE G 298 -33.70 20.22 21.95
C ILE G 298 -32.75 20.75 20.87
N SER G 299 -32.84 22.04 20.52
CA SER G 299 -32.05 22.59 19.43
C SER G 299 -30.54 22.45 19.65
N PRO G 300 -30.00 22.49 20.88
CA PRO G 300 -28.57 22.27 21.08
C PRO G 300 -28.01 20.89 20.68
N ILE G 301 -28.90 19.94 20.40
CA ILE G 301 -28.52 18.59 19.98
C ILE G 301 -27.97 18.63 18.54
N SER G 302 -28.21 19.73 17.80
CA SER G 302 -27.95 19.74 16.37
C SER G 302 -26.44 19.78 16.07
N ASN G 303 -25.64 20.09 17.10
CA ASN G 303 -24.19 20.15 17.03
C ASN G 303 -23.58 18.76 17.20
N LEU G 304 -24.32 17.74 17.67
CA LEU G 304 -23.73 16.47 18.07
C LEU G 304 -23.72 15.47 16.90
N LYS G 305 -22.93 15.80 15.87
CA LYS G 305 -22.97 15.15 14.56
C LYS G 305 -22.52 13.70 14.57
N ASN G 306 -21.88 13.24 15.65
CA ASN G 306 -21.34 11.88 15.71
C ASN G 306 -22.33 10.91 16.34
N LEU G 307 -23.46 11.43 16.82
CA LEU G 307 -24.45 10.59 17.50
C LEU G 307 -24.91 9.49 16.57
N THR G 308 -24.86 8.25 17.07
CA THR G 308 -25.42 7.07 16.42
C THR G 308 -26.67 6.56 17.15
N TYR G 309 -26.71 6.73 18.47
CA TYR G 309 -27.86 6.29 19.27
C TYR G 309 -28.39 7.46 20.11
N LEU G 310 -29.72 7.65 20.15
CA LEU G 310 -30.32 8.77 20.88
C LEU G 310 -31.69 8.37 21.43
N THR G 311 -31.89 8.55 22.75
CA THR G 311 -33.21 8.43 23.37
C THR G 311 -33.74 9.80 23.76
N LEU G 312 -35.04 10.01 23.48
CA LEU G 312 -35.75 11.24 23.84
C LEU G 312 -37.15 10.92 24.37
N TYR G 313 -37.45 9.64 24.60
CA TYR G 313 -38.84 9.24 24.84
C TYR G 313 -39.30 9.77 26.20
N PHE G 314 -40.61 9.94 26.35
CA PHE G 314 -41.23 10.51 27.55
C PHE G 314 -40.64 11.88 27.84
N ASN G 315 -40.99 12.83 26.98
CA ASN G 315 -40.62 14.23 27.15
C ASN G 315 -41.81 15.07 26.67
N ASN G 316 -41.60 16.38 26.45
CA ASN G 316 -42.66 17.27 25.97
C ASN G 316 -42.20 17.94 24.67
N ILE G 317 -41.61 17.13 23.77
CA ILE G 317 -40.99 17.62 22.54
C ILE G 317 -42.03 17.71 21.42
N SER G 318 -42.15 18.89 20.80
CA SER G 318 -43.07 19.15 19.69
C SER G 318 -42.29 19.18 18.37
N ASP G 319 -41.08 19.76 18.45
CA ASP G 319 -40.24 20.00 17.30
C ASP G 319 -39.01 19.10 17.40
N ILE G 320 -38.96 18.08 16.54
CA ILE G 320 -37.92 17.04 16.50
C ILE G 320 -36.84 17.45 15.49
N SER G 321 -36.98 18.61 14.80
CA SER G 321 -36.18 18.92 13.63
C SER G 321 -34.69 19.12 13.95
N PRO G 322 -34.27 19.49 15.19
CA PRO G 322 -32.84 19.53 15.48
C PRO G 322 -32.08 18.23 15.24
N VAL G 323 -32.79 17.09 15.09
CA VAL G 323 -32.12 15.82 14.81
C VAL G 323 -31.76 15.70 13.34
N SER G 324 -32.19 16.62 12.47
CA SER G 324 -32.06 16.40 11.03
C SER G 324 -30.59 16.40 10.59
N SER G 325 -29.72 17.04 11.38
CA SER G 325 -28.30 17.13 11.04
C SER G 325 -27.51 15.90 11.53
N LEU G 326 -28.16 14.97 12.27
CA LEU G 326 -27.47 13.86 12.90
C LEU G 326 -27.46 12.67 11.95
N THR G 327 -26.70 12.79 10.85
CA THR G 327 -26.87 11.92 9.69
C THR G 327 -26.34 10.52 9.98
N LYS G 328 -25.57 10.34 11.07
CA LYS G 328 -25.08 9.02 11.44
C LYS G 328 -26.01 8.24 12.35
N LEU G 329 -27.15 8.84 12.76
CA LEU G 329 -28.09 8.18 13.64
C LEU G 329 -28.48 6.83 13.07
N GLN G 330 -28.47 5.82 13.94
CA GLN G 330 -28.95 4.47 13.63
C GLN G 330 -30.19 4.13 14.44
N ARG G 331 -30.23 4.56 15.71
CA ARG G 331 -31.30 4.24 16.64
C ARG G 331 -31.85 5.55 17.20
N LEU G 332 -33.18 5.76 17.06
CA LEU G 332 -33.86 6.95 17.56
C LEU G 332 -35.16 6.52 18.23
N PHE G 333 -35.20 6.61 19.57
CA PHE G 333 -36.41 6.43 20.34
C PHE G 333 -36.94 7.81 20.78
N PHE G 334 -38.12 8.22 20.31
CA PHE G 334 -38.77 9.39 20.90
C PHE G 334 -40.26 9.11 21.14
N TYR G 335 -40.61 7.89 21.51
CA TYR G 335 -42.00 7.62 21.81
C TYR G 335 -42.45 8.44 23.01
N ASN G 336 -43.76 8.79 23.01
CA ASN G 336 -44.43 9.60 24.01
C ASN G 336 -43.80 10.99 24.04
N ASN G 337 -44.05 11.73 22.96
CA ASN G 337 -43.72 13.15 22.84
C ASN G 337 -44.92 13.81 22.16
N LYS G 338 -44.73 15.00 21.59
CA LYS G 338 -45.84 15.69 20.94
C LYS G 338 -45.51 16.04 19.50
N VAL G 339 -44.76 15.16 18.83
CA VAL G 339 -44.28 15.42 17.48
C VAL G 339 -45.41 15.07 16.50
N SER G 340 -45.74 16.00 15.57
CA SER G 340 -46.68 15.76 14.47
C SER G 340 -45.96 15.63 13.12
N ASP G 341 -44.95 16.47 12.91
CA ASP G 341 -44.26 16.56 11.63
C ASP G 341 -42.95 15.77 11.75
N VAL G 342 -42.77 14.74 10.89
CA VAL G 342 -41.52 13.99 10.85
C VAL G 342 -40.76 14.23 9.55
N SER G 343 -41.04 15.35 8.87
CA SER G 343 -40.35 15.60 7.59
C SER G 343 -38.85 15.81 7.80
N SER G 344 -38.43 16.28 8.97
CA SER G 344 -37.02 16.49 9.27
C SER G 344 -36.22 15.16 9.39
N LEU G 345 -36.91 14.00 9.49
CA LEU G 345 -36.24 12.72 9.60
C LEU G 345 -35.86 12.14 8.23
N ALA G 346 -36.24 12.81 7.13
CA ALA G 346 -36.22 12.21 5.79
C ALA G 346 -34.80 11.87 5.31
N ASN G 347 -33.81 12.62 5.82
CA ASN G 347 -32.41 12.54 5.45
C ASN G 347 -31.65 11.50 6.28
N LEU G 348 -32.27 10.97 7.35
CA LEU G 348 -31.58 10.14 8.31
C LEU G 348 -31.56 8.68 7.82
N THR G 349 -30.86 8.44 6.71
CA THR G 349 -31.05 7.21 5.95
C THR G 349 -30.29 6.06 6.58
N ASN G 350 -29.43 6.33 7.59
CA ASN G 350 -28.74 5.27 8.32
C ASN G 350 -29.55 4.71 9.49
N ILE G 351 -30.78 5.24 9.73
CA ILE G 351 -31.63 4.75 10.80
C ILE G 351 -32.07 3.33 10.48
N ASN G 352 -31.87 2.44 11.45
CA ASN G 352 -32.36 1.07 11.40
C ASN G 352 -33.40 0.78 12.48
N TRP G 353 -33.53 1.69 13.47
CA TRP G 353 -34.47 1.47 14.56
C TRP G 353 -35.15 2.79 14.90
N LEU G 354 -36.47 2.87 14.63
CA LEU G 354 -37.23 4.08 14.87
C LEU G 354 -38.43 3.75 15.76
N SER G 355 -38.42 4.30 16.98
CA SER G 355 -39.51 4.06 17.90
C SER G 355 -40.19 5.40 18.21
N ALA G 356 -41.37 5.62 17.61
CA ALA G 356 -42.07 6.90 17.63
C ALA G 356 -43.56 6.74 17.94
N GLY G 357 -43.95 5.67 18.67
CA GLY G 357 -45.34 5.56 19.11
C GLY G 357 -45.71 6.74 20.02
N HIS G 358 -47.00 6.94 20.28
CA HIS G 358 -47.53 7.88 21.28
C HIS G 358 -47.09 9.30 21.01
N ASN G 359 -47.08 9.67 19.72
CA ASN G 359 -46.86 11.03 19.30
C ASN G 359 -48.17 11.56 18.66
N GLN G 360 -48.02 12.52 17.73
CA GLN G 360 -49.14 13.10 17.03
C GLN G 360 -48.95 12.97 15.53
N ILE G 361 -48.41 11.81 15.11
CA ILE G 361 -47.96 11.64 13.74
C ILE G 361 -49.13 11.16 12.89
N SER G 362 -49.38 11.91 11.78
CA SER G 362 -50.48 11.61 10.86
C SER G 362 -50.00 11.25 9.46
N ASP G 363 -48.73 11.50 9.12
CA ASP G 363 -48.23 11.46 7.75
C ASP G 363 -46.84 10.84 7.75
N LEU G 364 -46.74 9.61 7.21
CA LEU G 364 -45.49 8.85 7.21
C LEU G 364 -44.68 9.08 5.93
N THR G 365 -45.20 9.83 4.94
CA THR G 365 -44.50 9.97 3.67
C THR G 365 -43.02 10.39 3.83
N PRO G 366 -42.61 11.25 4.79
CA PRO G 366 -41.20 11.62 4.88
C PRO G 366 -40.26 10.49 5.29
N LEU G 367 -40.82 9.34 5.74
CA LEU G 367 -40.04 8.21 6.22
C LEU G 367 -39.70 7.23 5.10
N ALA G 368 -40.16 7.50 3.87
CA ALA G 368 -40.14 6.56 2.76
C ALA G 368 -38.71 6.13 2.35
N ASN G 369 -37.69 6.98 2.51
CA ASN G 369 -36.34 6.64 2.08
C ASN G 369 -35.49 6.07 3.21
N LEU G 370 -36.09 5.78 4.38
CA LEU G 370 -35.38 5.20 5.51
C LEU G 370 -35.50 3.68 5.38
N THR G 371 -34.81 3.16 4.35
CA THR G 371 -34.96 1.79 3.89
C THR G 371 -34.05 0.84 4.67
N ARG G 372 -33.19 1.36 5.57
CA ARG G 372 -32.41 0.52 6.44
C ARG G 372 -33.17 0.17 7.72
N ILE G 373 -34.41 0.66 7.88
CA ILE G 373 -35.22 0.35 9.05
C ILE G 373 -35.49 -1.15 9.07
N THR G 374 -35.24 -1.76 10.24
CA THR G 374 -35.65 -3.12 10.51
C THR G 374 -36.59 -3.20 11.71
N GLN G 375 -36.57 -2.17 12.59
CA GLN G 375 -37.41 -2.17 13.78
C GLN G 375 -38.14 -0.83 13.84
N LEU G 376 -39.46 -0.90 14.04
CA LEU G 376 -40.30 0.26 13.86
C LEU G 376 -41.44 0.23 14.86
N GLY G 377 -41.76 1.39 15.47
CA GLY G 377 -42.92 1.50 16.35
C GLY G 377 -43.68 2.80 16.07
N LEU G 378 -44.97 2.69 15.70
CA LEU G 378 -45.76 3.86 15.36
C LEU G 378 -47.17 3.81 15.97
N ASN G 379 -47.36 3.03 17.04
CA ASN G 379 -48.70 2.87 17.57
C ASN G 379 -49.09 4.04 18.47
N ASP G 380 -50.41 4.17 18.65
CA ASP G 380 -51.05 4.96 19.68
C ASP G 380 -50.75 6.45 19.50
N GLN G 381 -50.81 6.96 18.28
CA GLN G 381 -50.76 8.40 18.05
C GLN G 381 -52.07 9.01 18.56
N ALA G 382 -52.09 10.33 18.77
CA ALA G 382 -53.35 10.98 19.12
C ALA G 382 -53.19 12.49 18.97
N TRP G 383 -54.16 13.16 18.34
CA TRP G 383 -54.19 14.61 18.28
C TRP G 383 -55.64 15.10 18.25
N THR G 384 -55.77 16.41 18.49
CA THR G 384 -57.03 17.13 18.52
C THR G 384 -56.97 18.23 17.47
N ASN G 385 -57.88 18.20 16.49
CA ASN G 385 -57.90 19.23 15.46
C ASN G 385 -58.38 20.55 16.07
N ALA G 386 -58.13 21.63 15.32
CA ALA G 386 -58.70 22.93 15.63
C ALA G 386 -60.22 22.80 15.50
N PRO G 387 -61.00 23.52 16.33
CA PRO G 387 -62.47 23.37 16.29
C PRO G 387 -63.08 23.68 14.91
N VAL G 388 -64.16 22.97 14.52
CA VAL G 388 -65.02 23.37 13.41
C VAL G 388 -66.45 23.56 13.94
N ASN G 389 -67.30 24.27 13.18
CA ASN G 389 -68.67 24.55 13.59
C ASN G 389 -69.53 23.28 13.51
N TYR G 390 -70.31 23.02 14.58
CA TYR G 390 -71.41 22.06 14.55
C TYR G 390 -72.40 22.44 13.45
N LYS G 391 -72.78 21.43 12.64
CA LYS G 391 -74.01 21.41 11.85
C LYS G 391 -74.55 19.99 11.93
N ALA G 392 -75.78 19.75 11.42
CA ALA G 392 -76.34 18.41 11.46
C ALA G 392 -75.57 17.49 10.50
N ASN G 393 -75.05 18.08 9.41
CA ASN G 393 -74.26 17.36 8.42
C ASN G 393 -72.86 17.99 8.37
N VAL G 394 -71.94 17.51 9.23
CA VAL G 394 -70.58 18.07 9.32
C VAL G 394 -69.61 17.07 8.69
N SER G 395 -68.61 17.58 7.95
CA SER G 395 -67.61 16.78 7.27
C SER G 395 -66.21 17.35 7.54
N ILE G 396 -65.23 16.46 7.73
CA ILE G 396 -63.84 16.87 7.77
C ILE G 396 -63.04 15.95 6.85
N PRO G 397 -61.89 16.44 6.34
CA PRO G 397 -60.89 15.59 5.69
C PRO G 397 -60.22 14.58 6.64
N ASN G 398 -59.98 13.37 6.14
CA ASN G 398 -59.02 12.42 6.69
C ASN G 398 -57.62 12.91 6.32
N THR G 399 -56.71 13.05 7.30
CA THR G 399 -55.35 13.53 7.03
C THR G 399 -54.28 12.44 7.24
N VAL G 400 -54.73 11.22 7.60
CA VAL G 400 -53.84 10.11 7.91
C VAL G 400 -53.30 9.47 6.63
N LYS G 401 -51.96 9.55 6.43
CA LYS G 401 -51.28 9.05 5.25
C LYS G 401 -50.23 8.00 5.59
N ASN G 402 -50.28 6.88 4.84
CA ASN G 402 -49.34 5.78 4.84
C ASN G 402 -48.06 6.28 4.18
N VAL G 403 -47.01 5.45 4.22
CA VAL G 403 -45.68 5.86 3.75
C VAL G 403 -45.68 6.13 2.23
N THR G 404 -46.65 5.52 1.53
CA THR G 404 -46.89 5.66 0.10
C THR G 404 -47.53 6.99 -0.30
N GLY G 405 -48.16 7.69 0.65
CA GLY G 405 -48.92 8.91 0.37
C GLY G 405 -50.42 8.64 0.34
N ALA G 406 -50.79 7.35 0.41
CA ALA G 406 -52.18 6.91 0.36
C ALA G 406 -52.88 7.22 1.68
N LEU G 407 -54.12 7.74 1.63
CA LEU G 407 -54.89 7.97 2.84
C LEU G 407 -55.24 6.61 3.41
N ILE G 408 -55.26 6.51 4.74
CA ILE G 408 -55.65 5.30 5.45
C ILE G 408 -57.07 5.50 5.94
N ALA G 409 -57.95 4.57 5.57
CA ALA G 409 -59.35 4.64 5.94
C ALA G 409 -59.48 4.50 7.45
N PRO G 410 -60.32 5.34 8.10
CA PRO G 410 -60.65 5.16 9.51
C PRO G 410 -61.01 3.71 9.78
N ALA G 411 -60.64 3.23 10.98
CA ALA G 411 -61.02 1.91 11.46
C ALA G 411 -62.34 1.99 12.24
N THR G 412 -62.54 3.08 13.01
CA THR G 412 -63.82 3.38 13.65
C THR G 412 -64.10 4.86 13.48
N ILE G 413 -65.41 5.21 13.47
CA ILE G 413 -65.86 6.59 13.43
C ILE G 413 -66.95 6.73 14.48
N SER G 414 -66.80 7.74 15.35
CA SER G 414 -67.77 8.03 16.41
C SER G 414 -69.12 8.38 15.81
N ASP G 415 -70.17 8.26 16.66
CA ASP G 415 -71.48 8.84 16.43
C ASP G 415 -72.04 8.34 15.09
N GLY G 416 -71.73 7.06 14.75
CA GLY G 416 -72.19 6.38 13.55
C GLY G 416 -71.79 7.06 12.23
N GLY G 417 -70.79 7.96 12.21
CA GLY G 417 -70.40 8.62 10.97
C GLY G 417 -69.81 7.61 9.96
N SER G 418 -69.56 8.08 8.71
CA SER G 418 -69.05 7.20 7.67
C SER G 418 -67.98 7.91 6.83
N TYR G 419 -67.31 7.13 5.95
CA TYR G 419 -66.16 7.58 5.17
C TYR G 419 -66.39 7.39 3.67
N THR G 420 -66.12 8.46 2.91
CA THR G 420 -66.00 8.42 1.46
C THR G 420 -64.74 9.19 1.07
N GLU G 421 -63.68 8.47 0.70
CA GLU G 421 -62.37 9.08 0.53
C GLU G 421 -62.52 10.38 -0.27
N PRO G 422 -61.95 11.54 0.15
CA PRO G 422 -61.14 11.68 1.36
C PRO G 422 -61.83 12.15 2.66
N ASP G 423 -63.17 12.09 2.72
CA ASP G 423 -63.92 12.87 3.70
C ASP G 423 -64.67 11.97 4.67
N ILE G 424 -64.71 12.41 5.94
CA ILE G 424 -65.50 11.76 6.98
C ILE G 424 -66.72 12.64 7.25
N THR G 425 -67.91 11.99 7.25
CA THR G 425 -69.16 12.71 7.37
C THR G 425 -69.98 12.15 8.53
N TRP G 426 -70.50 13.09 9.34
CA TRP G 426 -71.44 12.75 10.40
C TRP G 426 -72.82 13.30 10.08
N ASN G 427 -73.81 12.60 10.64
CA ASN G 427 -75.21 12.98 10.58
C ASN G 427 -75.71 13.10 12.03
N LEU G 428 -75.73 14.34 12.56
CA LEU G 428 -75.87 14.55 13.99
C LEU G 428 -77.28 15.06 14.33
N PRO G 429 -78.10 14.27 15.07
CA PRO G 429 -79.43 14.72 15.47
C PRO G 429 -79.41 16.09 16.15
N SER G 430 -78.49 16.28 17.11
CA SER G 430 -78.35 17.53 17.85
C SER G 430 -76.90 17.74 18.32
N TYR G 431 -76.64 18.89 18.95
CA TYR G 431 -75.27 19.28 19.29
C TYR G 431 -74.54 18.19 20.07
N THR G 432 -73.27 17.96 19.73
CA THR G 432 -72.32 17.27 20.59
C THR G 432 -70.99 18.04 20.50
N ASN G 433 -70.22 18.09 21.61
CA ASN G 433 -69.06 18.99 21.70
C ASN G 433 -67.83 18.45 20.95
N GLU G 434 -67.90 17.23 20.45
CA GLU G 434 -66.83 16.64 19.67
C GLU G 434 -67.32 15.37 18.95
N VAL G 435 -66.61 15.09 17.84
CA VAL G 435 -66.61 13.76 17.25
C VAL G 435 -65.16 13.31 17.13
N SER G 436 -64.99 12.03 16.79
CA SER G 436 -63.66 11.45 16.67
C SER G 436 -63.64 10.29 15.68
N TYR G 437 -62.45 9.89 15.27
CA TYR G 437 -62.24 8.61 14.59
C TYR G 437 -60.93 7.98 15.04
N THR G 438 -60.79 6.68 14.79
CA THR G 438 -59.54 5.98 14.99
C THR G 438 -59.03 5.44 13.66
N PHE G 439 -57.75 5.08 13.65
CA PHE G 439 -57.14 4.36 12.54
C PHE G 439 -56.22 3.30 13.11
N SER G 440 -56.05 2.21 12.38
CA SER G 440 -55.21 1.09 12.81
C SER G 440 -54.85 0.29 11.57
N GLN G 441 -53.59 0.39 11.14
CA GLN G 441 -53.15 -0.14 9.85
C GLN G 441 -51.73 -0.66 9.97
N PRO G 442 -51.44 -1.95 9.66
CA PRO G 442 -50.05 -2.42 9.50
C PRO G 442 -49.32 -1.65 8.41
N VAL G 443 -48.06 -1.29 8.67
CA VAL G 443 -47.24 -0.53 7.73
C VAL G 443 -45.81 -1.08 7.80
N THR G 444 -45.11 -1.03 6.65
CA THR G 444 -43.75 -1.49 6.51
C THR G 444 -42.91 -0.34 5.98
N ILE G 445 -41.77 -0.06 6.63
CA ILE G 445 -40.76 0.85 6.12
C ILE G 445 -39.43 0.08 6.19
N GLY G 446 -38.74 -0.03 5.06
CA GLY G 446 -37.67 -1.00 4.92
C GLY G 446 -38.18 -2.41 5.17
N LYS G 447 -37.69 -3.05 6.24
CA LYS G 447 -38.14 -4.37 6.65
C LYS G 447 -38.76 -4.33 8.05
N GLY G 448 -39.10 -3.13 8.50
CA GLY G 448 -39.70 -2.94 9.81
C GLY G 448 -41.20 -2.79 9.70
N THR G 449 -41.91 -3.57 10.51
CA THR G 449 -43.36 -3.64 10.53
C THR G 449 -43.85 -3.13 11.90
N THR G 450 -44.96 -2.38 11.87
CA THR G 450 -45.64 -1.91 13.07
C THR G 450 -47.12 -1.73 12.71
N THR G 451 -47.95 -1.50 13.74
CA THR G 451 -49.28 -0.93 13.58
C THR G 451 -49.19 0.60 13.75
N PHE G 452 -49.54 1.31 12.68
CA PHE G 452 -49.71 2.74 12.71
C PHE G 452 -51.16 2.99 13.11
N SER G 453 -51.35 3.41 14.38
CA SER G 453 -52.68 3.56 14.95
C SER G 453 -52.78 4.89 15.69
N GLY G 454 -54.01 5.35 15.93
CA GLY G 454 -54.23 6.65 16.53
C GLY G 454 -55.71 6.98 16.73
N THR G 455 -55.95 8.05 17.52
CA THR G 455 -57.27 8.61 17.75
C THR G 455 -57.23 10.10 17.43
N VAL G 456 -58.15 10.52 16.57
CA VAL G 456 -58.24 11.92 16.17
C VAL G 456 -59.52 12.50 16.75
N THR G 457 -59.39 13.61 17.48
CA THR G 457 -60.49 14.26 18.16
C THR G 457 -60.82 15.55 17.40
N GLN G 458 -62.12 15.73 17.07
CA GLN G 458 -62.58 16.92 16.36
C GLN G 458 -63.55 17.67 17.25
N PRO G 459 -63.10 18.73 17.95
CA PRO G 459 -64.02 19.57 18.72
C PRO G 459 -64.97 20.32 17.78
N LEU G 460 -66.20 20.52 18.28
CA LEU G 460 -67.28 21.18 17.57
C LEU G 460 -67.73 22.39 18.39
N LYS G 461 -67.66 23.59 17.77
CA LYS G 461 -68.29 24.76 18.39
C LYS G 461 -69.75 24.94 17.95
N ALA G 462 -70.56 25.66 18.75
CA ALA G 462 -71.85 26.12 18.25
C ALA G 462 -71.65 27.31 17.28
N VAL H 2 -39.12 -5.54 46.10
CA VAL H 2 -40.07 -4.88 45.13
C VAL H 2 -41.39 -5.66 45.07
N GLN H 3 -42.43 -5.21 45.78
CA GLN H 3 -43.69 -5.95 45.91
C GLN H 3 -44.85 -5.04 45.47
N LEU H 4 -45.67 -5.52 44.52
CA LEU H 4 -46.82 -4.80 44.02
C LEU H 4 -48.10 -5.59 44.32
N VAL H 5 -49.16 -4.88 44.75
CA VAL H 5 -50.43 -5.49 45.09
C VAL H 5 -51.56 -4.69 44.46
N GLU H 6 -52.28 -5.32 43.51
CA GLU H 6 -53.44 -4.72 42.88
C GLU H 6 -54.69 -5.00 43.71
N SER H 7 -55.59 -4.00 43.76
CA SER H 7 -56.89 -4.15 44.43
C SER H 7 -57.88 -3.23 43.71
N GLY H 8 -59.18 -3.43 44.03
CA GLY H 8 -60.25 -2.54 43.57
C GLY H 8 -61.07 -3.12 42.41
N GLY H 9 -60.69 -4.34 41.96
CA GLY H 9 -61.45 -5.03 40.94
C GLY H 9 -62.85 -5.45 41.43
N GLY H 10 -63.79 -5.58 40.50
CA GLY H 10 -65.10 -6.08 40.85
C GLY H 10 -65.98 -6.19 39.61
N LEU H 11 -67.28 -6.45 39.85
CA LEU H 11 -68.31 -6.51 38.83
C LEU H 11 -68.88 -5.09 38.64
N VAL H 12 -69.03 -4.63 37.39
CA VAL H 12 -69.49 -3.28 37.09
C VAL H 12 -70.38 -3.30 35.86
N GLN H 13 -71.35 -2.38 35.82
CA GLN H 13 -72.33 -2.33 34.75
C GLN H 13 -71.73 -1.55 33.58
N PRO H 14 -71.98 -1.93 32.29
CA PRO H 14 -71.45 -1.17 31.16
C PRO H 14 -71.76 0.30 31.34
N GLY H 15 -70.77 1.16 31.09
CA GLY H 15 -70.90 2.61 31.21
C GLY H 15 -70.47 3.11 32.59
N GLY H 16 -70.32 2.20 33.57
CA GLY H 16 -69.87 2.55 34.91
C GLY H 16 -68.36 2.82 35.01
N SER H 17 -67.95 3.11 36.26
CA SER H 17 -66.62 3.56 36.63
C SER H 17 -66.10 2.66 37.74
N LEU H 18 -64.76 2.50 37.78
CA LEU H 18 -64.07 1.74 38.83
C LEU H 18 -62.67 2.35 39.00
N ARG H 19 -62.12 2.37 40.22
CA ARG H 19 -60.72 2.72 40.37
C ARG H 19 -59.90 1.58 40.94
N LEU H 20 -58.83 1.21 40.23
CA LEU H 20 -57.87 0.20 40.67
C LEU H 20 -56.71 0.88 41.41
N SER H 21 -56.15 0.19 42.38
CA SER H 21 -54.95 0.65 43.07
C SER H 21 -53.84 -0.41 42.96
N CYS H 22 -52.63 0.12 42.71
CA CYS H 22 -51.39 -0.63 42.70
C CYS H 22 -50.56 -0.11 43.86
N ALA H 23 -50.57 -0.87 44.96
CA ALA H 23 -49.87 -0.54 46.18
C ALA H 23 -48.47 -1.16 46.16
N ALA H 24 -47.46 -0.29 46.30
CA ALA H 24 -46.08 -0.68 46.17
C ALA H 24 -45.41 -0.65 47.54
N SER H 25 -44.63 -1.69 47.86
CA SER H 25 -43.85 -1.69 49.09
C SER H 25 -42.43 -2.20 48.83
N GLY H 26 -41.43 -1.67 49.55
CA GLY H 26 -40.07 -2.21 49.56
C GLY H 26 -39.10 -1.51 48.59
N PHE H 27 -39.45 -0.29 48.13
CA PHE H 27 -38.65 0.47 47.18
C PHE H 27 -39.33 1.82 46.92
N THR H 28 -38.55 2.83 46.48
CA THR H 28 -39.12 4.12 46.13
C THR H 28 -39.75 4.01 44.75
N LEU H 29 -41.01 4.40 44.62
CA LEU H 29 -41.68 4.41 43.32
C LEU H 29 -41.02 5.39 42.34
N ASP H 30 -40.31 6.40 42.84
CA ASP H 30 -39.64 7.40 42.02
C ASP H 30 -38.55 6.81 41.11
N ARG H 31 -38.01 5.64 41.47
CA ARG H 31 -36.97 4.97 40.70
C ARG H 31 -37.50 4.18 39.50
N TYR H 32 -38.83 4.06 39.38
CA TYR H 32 -39.48 3.16 38.43
C TYR H 32 -40.54 3.92 37.63
N ALA H 33 -40.72 3.49 36.38
CA ALA H 33 -41.96 3.70 35.67
C ALA H 33 -42.92 2.59 36.06
N ILE H 34 -44.22 2.92 36.13
CA ILE H 34 -45.23 2.03 36.64
C ILE H 34 -46.27 1.88 35.55
N GLY H 35 -46.63 0.62 35.28
CA GLY H 35 -47.51 0.26 34.19
C GLY H 35 -48.69 -0.57 34.68
N TRP H 36 -49.86 -0.29 34.09
CA TRP H 36 -51.03 -1.15 34.18
C TRP H 36 -51.15 -1.95 32.90
N PHE H 37 -51.34 -3.25 33.06
CA PHE H 37 -51.55 -4.19 31.95
C PHE H 37 -52.85 -4.95 32.20
N ARG H 38 -53.36 -5.62 31.16
CA ARG H 38 -54.47 -6.51 31.40
C ARG H 38 -54.40 -7.71 30.46
N GLN H 39 -55.12 -8.75 30.87
CA GLN H 39 -55.17 -9.99 30.11
C GLN H 39 -56.56 -10.57 30.20
N ALA H 40 -57.21 -10.61 29.01
CA ALA H 40 -58.56 -11.13 28.85
C ALA H 40 -58.49 -12.62 28.54
N PRO H 41 -59.56 -13.41 28.77
CA PRO H 41 -59.47 -14.87 28.60
C PRO H 41 -59.04 -15.25 27.18
N GLY H 42 -58.00 -16.11 27.11
CA GLY H 42 -57.46 -16.61 25.85
C GLY H 42 -56.90 -15.55 24.90
N LYS H 43 -56.49 -14.39 25.45
CA LYS H 43 -55.84 -13.34 24.67
C LYS H 43 -54.49 -13.00 25.31
N GLU H 44 -53.63 -12.30 24.56
CA GLU H 44 -52.33 -11.87 25.07
C GLU H 44 -52.48 -10.73 26.08
N ARG H 45 -51.57 -10.70 27.07
CA ARG H 45 -51.46 -9.60 28.00
C ARG H 45 -51.06 -8.36 27.23
N GLU H 46 -51.73 -7.23 27.49
CA GLU H 46 -51.48 -6.00 26.76
C GLU H 46 -51.32 -4.84 27.74
N GLY H 47 -50.52 -3.86 27.35
CA GLY H 47 -50.31 -2.65 28.14
C GLY H 47 -51.54 -1.78 28.05
N VAL H 48 -51.91 -1.13 29.17
CA VAL H 48 -53.08 -0.27 29.23
C VAL H 48 -52.64 1.17 29.45
N SER H 49 -51.77 1.40 30.45
CA SER H 49 -51.29 2.73 30.73
C SER H 49 -49.97 2.67 31.51
N VAL H 50 -49.15 3.73 31.37
CA VAL H 50 -47.86 3.88 32.02
C VAL H 50 -47.69 5.29 32.56
N ILE H 51 -47.09 5.41 33.77
CA ILE H 51 -46.69 6.70 34.29
C ILE H 51 -45.22 6.62 34.67
N SER H 52 -44.43 7.63 34.27
CA SER H 52 -43.04 7.73 34.66
C SER H 52 -42.83 9.17 35.15
N ASP H 53 -42.67 9.36 36.47
CA ASP H 53 -42.67 10.67 37.09
C ASP H 53 -44.06 11.27 36.83
N THR H 54 -44.17 12.36 36.00
CA THR H 54 -45.46 13.00 35.74
C THR H 54 -46.01 12.67 34.34
N ILE H 55 -45.20 12.01 33.49
CA ILE H 55 -45.58 11.75 32.11
C ILE H 55 -46.29 10.39 32.02
N THR H 56 -47.42 10.40 31.28
CA THR H 56 -48.34 9.29 31.19
C THR H 56 -48.50 8.85 29.72
N ALA H 57 -48.95 7.60 29.52
CA ALA H 57 -49.25 7.06 28.21
C ALA H 57 -50.40 6.07 28.35
N TYR H 58 -51.16 5.88 27.26
CA TYR H 58 -52.40 5.10 27.26
C TYR H 58 -52.53 4.34 25.94
N ARG H 59 -52.98 3.07 25.97
CA ARG H 59 -53.27 2.40 24.72
C ARG H 59 -54.48 3.10 24.07
N ASN H 60 -54.51 3.06 22.75
CA ASN H 60 -55.56 3.71 21.96
C ASN H 60 -56.95 3.36 22.51
N SER H 61 -57.24 2.08 22.71
CA SER H 61 -58.60 1.63 23.02
C SER H 61 -59.12 2.17 24.36
N VAL H 62 -58.26 2.80 25.19
CA VAL H 62 -58.70 3.34 26.47
C VAL H 62 -58.44 4.85 26.56
N LYS H 63 -57.91 5.50 25.52
CA LYS H 63 -57.65 6.94 25.58
C LYS H 63 -58.95 7.70 25.80
N GLY H 64 -58.92 8.69 26.71
CA GLY H 64 -60.07 9.50 27.04
C GLY H 64 -60.97 8.88 28.12
N ARG H 65 -60.84 7.57 28.36
CA ARG H 65 -61.68 6.86 29.33
C ARG H 65 -60.92 6.56 30.62
N PHE H 66 -59.63 6.21 30.52
CA PHE H 66 -58.84 5.78 31.67
C PHE H 66 -57.79 6.86 32.01
N THR H 67 -57.44 6.98 33.30
CA THR H 67 -56.46 7.95 33.78
C THR H 67 -55.57 7.27 34.81
N ILE H 68 -54.24 7.35 34.61
CA ILE H 68 -53.28 6.82 35.59
C ILE H 68 -52.77 8.01 36.40
N SER H 69 -52.52 7.77 37.70
CA SER H 69 -52.06 8.82 38.58
C SER H 69 -51.35 8.18 39.76
N ARG H 70 -50.64 8.96 40.57
CA ARG H 70 -49.93 8.44 41.73
C ARG H 70 -50.27 9.31 42.95
N ASP H 71 -50.37 8.67 44.11
CA ASP H 71 -50.24 9.34 45.40
C ASP H 71 -48.89 8.91 45.98
N ASN H 72 -47.93 9.85 46.03
CA ASN H 72 -46.57 9.56 46.48
C ASN H 72 -46.55 9.28 47.98
N ALA H 73 -47.37 10.04 48.75
CA ALA H 73 -47.66 9.78 50.16
C ALA H 73 -47.96 8.29 50.39
N LYS H 74 -48.84 7.70 49.57
CA LYS H 74 -49.33 6.35 49.81
C LYS H 74 -48.48 5.28 49.10
N ASN H 75 -47.58 5.69 48.21
CA ASN H 75 -46.78 4.76 47.44
C ASN H 75 -47.71 3.85 46.61
N THR H 76 -48.68 4.50 45.95
CA THR H 76 -49.79 3.85 45.27
C THR H 76 -50.04 4.54 43.92
N VAL H 77 -50.31 3.69 42.92
CA VAL H 77 -50.62 4.15 41.56
C VAL H 77 -52.03 3.68 41.25
N TYR H 78 -52.83 4.59 40.69
CA TYR H 78 -54.24 4.38 40.49
C TYR H 78 -54.51 4.30 39.00
N LEU H 79 -55.49 3.48 38.61
CA LEU H 79 -56.07 3.54 37.27
C LEU H 79 -57.58 3.80 37.40
N GLN H 80 -57.97 5.03 37.05
CA GLN H 80 -59.36 5.44 37.01
C GLN H 80 -59.93 4.93 35.69
N MET H 81 -60.94 4.07 35.77
CA MET H 81 -61.53 3.53 34.56
C MET H 81 -62.97 4.03 34.47
N ASN H 82 -63.26 4.84 33.46
CA ASN H 82 -64.61 5.35 33.22
C ASN H 82 -65.17 4.73 31.95
N ARG H 83 -66.51 4.79 31.81
CA ARG H 83 -67.21 4.37 30.60
C ARG H 83 -66.76 2.97 30.17
N LEU H 84 -66.78 2.08 31.17
CA LEU H 84 -66.31 0.71 31.01
C LEU H 84 -67.19 -0.03 30.02
N LYS H 85 -66.53 -0.86 29.20
CA LYS H 85 -67.18 -1.67 28.17
C LYS H 85 -66.93 -3.15 28.46
N PRO H 86 -67.72 -4.07 27.86
CA PRO H 86 -67.44 -5.50 28.05
C PRO H 86 -66.02 -5.90 27.62
N GLU H 87 -65.47 -5.22 26.62
CA GLU H 87 -64.13 -5.55 26.12
C GLU H 87 -63.04 -5.15 27.13
N ASP H 88 -63.36 -4.43 28.21
CA ASP H 88 -62.40 -4.05 29.26
C ASP H 88 -62.34 -5.10 30.38
N THR H 89 -63.19 -6.12 30.31
CA THR H 89 -63.13 -7.31 31.16
C THR H 89 -61.75 -7.98 31.01
N ALA H 90 -61.09 -8.21 32.14
CA ALA H 90 -59.75 -8.77 32.15
C ALA H 90 -59.25 -8.82 33.59
N ILE H 91 -58.17 -9.60 33.80
CA ILE H 91 -57.35 -9.46 35.00
C ILE H 91 -56.38 -8.32 34.74
N TYR H 92 -56.37 -7.33 35.65
CA TYR H 92 -55.50 -6.17 35.54
C TYR H 92 -54.28 -6.36 36.44
N TYR H 93 -53.08 -6.09 35.88
CA TYR H 93 -51.82 -6.27 36.58
C TYR H 93 -51.08 -4.95 36.60
N CYS H 94 -50.34 -4.66 37.68
CA CYS H 94 -49.35 -3.61 37.59
C CYS H 94 -47.95 -4.21 37.70
N ALA H 95 -47.00 -3.43 37.19
CA ALA H 95 -45.60 -3.81 37.08
C ALA H 95 -44.77 -2.54 37.00
N VAL H 96 -43.45 -2.67 37.19
CA VAL H 96 -42.53 -1.54 37.16
C VAL H 96 -41.32 -1.90 36.30
N ARG H 97 -40.63 -0.86 35.84
CA ARG H 97 -39.35 -1.00 35.18
C ARG H 97 -38.45 0.13 35.68
N ASP H 98 -37.15 -0.20 35.77
CA ASP H 98 -36.11 0.69 36.30
C ASP H 98 -35.91 1.81 35.30
N ARG H 99 -36.10 3.06 35.72
CA ARG H 99 -36.00 4.21 34.83
C ARG H 99 -34.54 4.51 34.44
N GLY H 100 -33.58 3.75 35.00
CA GLY H 100 -32.17 3.93 34.71
C GLY H 100 -31.71 3.16 33.47
N ARG H 101 -32.63 2.38 32.88
CA ARG H 101 -32.37 1.62 31.68
C ARG H 101 -33.04 2.27 30.49
N VAL H 102 -32.76 1.70 29.30
CA VAL H 102 -33.36 2.09 28.01
C VAL H 102 -34.30 0.99 27.53
N TYR H 103 -35.51 1.39 27.10
CA TYR H 103 -36.55 0.49 26.62
C TYR H 103 -37.01 0.92 25.23
N SER H 104 -37.37 -0.10 24.43
CA SER H 104 -37.67 0.06 23.01
C SER H 104 -39.08 0.59 22.78
N SER H 105 -39.95 0.51 23.81
CA SER H 105 -41.34 0.91 23.66
C SER H 105 -41.96 1.23 25.02
N THR H 106 -43.17 1.82 25.01
CA THR H 106 -43.85 2.22 26.22
C THR H 106 -44.11 1.02 27.15
N TRP H 107 -44.31 -0.18 26.58
CA TRP H 107 -44.80 -1.35 27.32
C TRP H 107 -43.72 -2.41 27.57
N SER H 108 -42.49 -2.16 27.12
CA SER H 108 -41.40 -3.13 27.18
C SER H 108 -40.75 -3.10 28.57
N GLY H 109 -40.37 -4.28 29.09
CA GLY H 109 -39.40 -4.35 30.17
C GLY H 109 -40.00 -4.37 31.55
N PHE H 110 -41.34 -4.38 31.66
CA PHE H 110 -41.98 -4.34 32.97
C PHE H 110 -41.89 -5.71 33.61
N GLY H 111 -41.81 -5.68 34.95
CA GLY H 111 -41.59 -6.84 35.78
C GLY H 111 -42.13 -6.57 37.19
N SER H 112 -41.90 -7.55 38.11
CA SER H 112 -42.41 -7.56 39.48
C SER H 112 -43.92 -7.54 39.52
N TRP H 113 -44.55 -8.12 38.49
CA TRP H 113 -46.00 -8.24 38.35
C TRP H 113 -46.67 -8.63 39.67
N GLY H 114 -47.81 -8.00 39.97
CA GLY H 114 -48.61 -8.41 41.09
C GLY H 114 -49.47 -9.63 40.75
N GLN H 115 -50.33 -10.04 41.69
CA GLN H 115 -51.19 -11.20 41.49
C GLN H 115 -52.33 -10.89 40.53
N GLY H 116 -52.68 -9.60 40.40
CA GLY H 116 -53.76 -9.18 39.52
C GLY H 116 -55.07 -8.99 40.32
N THR H 117 -56.01 -8.28 39.69
CA THR H 117 -57.33 -7.99 40.23
C THR H 117 -58.33 -8.13 39.07
N GLN H 118 -59.39 -8.91 39.31
CA GLN H 118 -60.40 -9.22 38.30
C GLN H 118 -61.32 -8.01 38.09
N VAL H 119 -61.42 -7.56 36.85
CA VAL H 119 -62.40 -6.57 36.42
C VAL H 119 -63.33 -7.26 35.42
N THR H 120 -64.65 -7.24 35.73
CA THR H 120 -65.69 -7.93 34.95
C THR H 120 -66.78 -6.91 34.62
N ILE H 121 -67.01 -6.66 33.33
CA ILE H 121 -68.08 -5.77 32.89
C ILE H 121 -69.18 -6.61 32.22
N SER H 122 -70.36 -6.75 32.87
CA SER H 122 -71.49 -7.54 32.33
C SER H 122 -72.04 -6.88 31.05
CL CL I . -51.28 -41.14 48.64
CL CL J . -3.03 -33.16 15.48
CL CL K . 34.61 33.83 -43.84
CL CL L . -40.11 -1.12 18.68
#